data_8F9H
# 
_entry.id   8F9H 
# 
_audit_conform.dict_name       mmcif_pdbx.dic 
_audit_conform.dict_version    5.381 
_audit_conform.dict_location   http://mmcif.pdb.org/dictionaries/ascii/mmcif_pdbx.dic 
# 
loop_
_database_2.database_id 
_database_2.database_code 
_database_2.pdbx_database_accession 
_database_2.pdbx_DOI 
PDB   8F9H         pdb_00008f9h 10.2210/pdb8f9h/pdb 
WWPDB D_1000270226 ?            ?                   
# 
_pdbx_database_status.status_code                     REL 
_pdbx_database_status.status_code_sf                  REL 
_pdbx_database_status.status_code_mr                  ? 
_pdbx_database_status.entry_id                        8F9H 
_pdbx_database_status.recvd_initial_deposition_date   2022-11-23 
_pdbx_database_status.SG_entry                        N 
_pdbx_database_status.deposit_site                    RCSB 
_pdbx_database_status.process_site                    RCSB 
_pdbx_database_status.status_code_cs                  ? 
_pdbx_database_status.status_code_nmr_data            ? 
_pdbx_database_status.methods_development_category    ? 
_pdbx_database_status.pdb_format_compatible           Y 
# 
loop_
_audit_author.name 
_audit_author.pdbx_ordinal 
_audit_author.identifier_ORCID 
'Herrera, V.E.' 1 0000-0002-5577-7867 
'Thomas, L.M.'  2 0000-0003-3920-0619 
# 
_citation.abstract                  ? 
_citation.abstract_id_CAS           ? 
_citation.book_id_ISBN              ? 
_citation.book_publisher            ? 
_citation.book_publisher_city       ? 
_citation.book_title                ? 
_citation.coordinate_linkage        ? 
_citation.country                   US 
_citation.database_id_Medline       ? 
_citation.details                   ? 
_citation.id                        primary 
_citation.journal_abbrev            Biochemistry 
_citation.journal_id_ASTM           BICHAW 
_citation.journal_id_CSD            0033 
_citation.journal_id_ISSN           0006-2960 
_citation.journal_full              ? 
_citation.journal_issue             ? 
_citation.journal_volume            62 
_citation.language                  ? 
_citation.page_first                1406 
_citation.page_last                 1419 
_citation.title                     
'Insights into Nitrosoalkane Binding to Myoglobin Provided by Crystallography of Wild-Type and Distal Pocket Mutant Derivatives.' 
_citation.year                      2023 
_citation.database_id_CSD           ? 
_citation.pdbx_database_id_DOI      10.1021/acs.biochem.2c00725 
_citation.pdbx_database_id_PubMed   37011611 
_citation.pdbx_database_id_patent   ? 
_citation.unpublished_flag          ? 
# 
loop_
_citation_author.citation_id 
_citation_author.name 
_citation_author.ordinal 
_citation_author.identifier_ORCID 
primary 'Herrera, V.E.'      1 ?                   
primary 'Charles, T.P.'      2 ?                   
primary 'Scott, T.G.'        3 ?                   
primary 'Prather, K.Y.'      4 0000-0002-6753-2787 
primary 'Nguyen, N.T.'       5 ?                   
primary 'Sohl, C.D.'         6 0000-0002-8048-0205 
primary 'Thomas, L.M.'       7 ?                   
primary 'Richter-Addo, G.B.' 8 0000-0001-9400-0113 
# 
_cell.angle_alpha                  90.000 
_cell.angle_alpha_esd              ? 
_cell.angle_beta                   105.890 
_cell.angle_beta_esd               ? 
_cell.angle_gamma                  90.000 
_cell.angle_gamma_esd              ? 
_cell.entry_id                     8F9H 
_cell.details                      ? 
_cell.formula_units_Z              ? 
_cell.length_a                     34.856 
_cell.length_a_esd                 ? 
_cell.length_b                     29.027 
_cell.length_b_esd                 ? 
_cell.length_c                     64.263 
_cell.length_c_esd                 ? 
_cell.volume                       ? 
_cell.volume_esd                   ? 
_cell.Z_PDB                        2 
_cell.reciprocal_angle_alpha       ? 
_cell.reciprocal_angle_beta        ? 
_cell.reciprocal_angle_gamma       ? 
_cell.reciprocal_angle_alpha_esd   ? 
_cell.reciprocal_angle_beta_esd    ? 
_cell.reciprocal_angle_gamma_esd   ? 
_cell.reciprocal_length_a          ? 
_cell.reciprocal_length_b          ? 
_cell.reciprocal_length_c          ? 
_cell.reciprocal_length_a_esd      ? 
_cell.reciprocal_length_b_esd      ? 
_cell.reciprocal_length_c_esd      ? 
_cell.pdbx_unique_axis             ? 
_cell.pdbx_esd_method              ? 
# 
_symmetry.entry_id                         8F9H 
_symmetry.cell_setting                     ? 
_symmetry.Int_Tables_number                4 
_symmetry.space_group_name_Hall            ? 
_symmetry.space_group_name_H-M             'P 1 21 1' 
_symmetry.pdbx_full_space_group_name_H-M   ? 
# 
loop_
_entity.id 
_entity.type 
_entity.src_method 
_entity.pdbx_description 
_entity.formula_weight 
_entity.pdbx_number_of_molecules 
_entity.pdbx_ec 
_entity.pdbx_mutation 
_entity.pdbx_fragment 
_entity.details 
1 polymer     man Myoglobin                         17298.094 1  ? H64A ? ? 
2 non-polymer man 'PROTOPORPHYRIN IX CONTAINING FE' 616.487   1  ? ?    ? ? 
3 non-polymer syn NITROSOMETHANE                    45.041    1  ? ?    ? ? 
4 non-polymer syn 'SULFATE ION'                     96.063    1  ? ?    ? ? 
5 water       nat water                             18.015    85 ? ?    ? ? 
# 
_entity_poly.entity_id                      1 
_entity_poly.type                           'polypeptide(L)' 
_entity_poly.nstd_linkage                   no 
_entity_poly.nstd_monomer                   no 
_entity_poly.pdbx_seq_one_letter_code       
;MVLSEGEWQLVLHVWAKVEADVAGHGQDILIRLFKSHPETLEKFDRFKHLKTEAEMKASEDLKKAGVTVLTALGAILKKK
GHHEAELKPLAQSHATKHKIPIKYLEFISEAIIHVLHSRHPGNFGADAQGAMNKALELFRKDIAAKYKELGYQG
;
_entity_poly.pdbx_seq_one_letter_code_can   
;MVLSEGEWQLVLHVWAKVEADVAGHGQDILIRLFKSHPETLEKFDRFKHLKTEAEMKASEDLKKAGVTVLTALGAILKKK
GHHEAELKPLAQSHATKHKIPIKYLEFISEAIIHVLHSRHPGNFGADAQGAMNKALELFRKDIAAKYKELGYQG
;
_entity_poly.pdbx_strand_id                 A 
_entity_poly.pdbx_target_identifier         ? 
# 
loop_
_entity_poly_seq.entity_id 
_entity_poly_seq.num 
_entity_poly_seq.mon_id 
_entity_poly_seq.hetero 
1 1   MET n 
1 2   VAL n 
1 3   LEU n 
1 4   SER n 
1 5   GLU n 
1 6   GLY n 
1 7   GLU n 
1 8   TRP n 
1 9   GLN n 
1 10  LEU n 
1 11  VAL n 
1 12  LEU n 
1 13  HIS n 
1 14  VAL n 
1 15  TRP n 
1 16  ALA n 
1 17  LYS n 
1 18  VAL n 
1 19  GLU n 
1 20  ALA n 
1 21  ASP n 
1 22  VAL n 
1 23  ALA n 
1 24  GLY n 
1 25  HIS n 
1 26  GLY n 
1 27  GLN n 
1 28  ASP n 
1 29  ILE n 
1 30  LEU n 
1 31  ILE n 
1 32  ARG n 
1 33  LEU n 
1 34  PHE n 
1 35  LYS n 
1 36  SER n 
1 37  HIS n 
1 38  PRO n 
1 39  GLU n 
1 40  THR n 
1 41  LEU n 
1 42  GLU n 
1 43  LYS n 
1 44  PHE n 
1 45  ASP n 
1 46  ARG n 
1 47  PHE n 
1 48  LYS n 
1 49  HIS n 
1 50  LEU n 
1 51  LYS n 
1 52  THR n 
1 53  GLU n 
1 54  ALA n 
1 55  GLU n 
1 56  MET n 
1 57  LYS n 
1 58  ALA n 
1 59  SER n 
1 60  GLU n 
1 61  ASP n 
1 62  LEU n 
1 63  LYS n 
1 64  LYS n 
1 65  ALA n 
1 66  GLY n 
1 67  VAL n 
1 68  THR n 
1 69  VAL n 
1 70  LEU n 
1 71  THR n 
1 72  ALA n 
1 73  LEU n 
1 74  GLY n 
1 75  ALA n 
1 76  ILE n 
1 77  LEU n 
1 78  LYS n 
1 79  LYS n 
1 80  LYS n 
1 81  GLY n 
1 82  HIS n 
1 83  HIS n 
1 84  GLU n 
1 85  ALA n 
1 86  GLU n 
1 87  LEU n 
1 88  LYS n 
1 89  PRO n 
1 90  LEU n 
1 91  ALA n 
1 92  GLN n 
1 93  SER n 
1 94  HIS n 
1 95  ALA n 
1 96  THR n 
1 97  LYS n 
1 98  HIS n 
1 99  LYS n 
1 100 ILE n 
1 101 PRO n 
1 102 ILE n 
1 103 LYS n 
1 104 TYR n 
1 105 LEU n 
1 106 GLU n 
1 107 PHE n 
1 108 ILE n 
1 109 SER n 
1 110 GLU n 
1 111 ALA n 
1 112 ILE n 
1 113 ILE n 
1 114 HIS n 
1 115 VAL n 
1 116 LEU n 
1 117 HIS n 
1 118 SER n 
1 119 ARG n 
1 120 HIS n 
1 121 PRO n 
1 122 GLY n 
1 123 ASN n 
1 124 PHE n 
1 125 GLY n 
1 126 ALA n 
1 127 ASP n 
1 128 ALA n 
1 129 GLN n 
1 130 GLY n 
1 131 ALA n 
1 132 MET n 
1 133 ASN n 
1 134 LYS n 
1 135 ALA n 
1 136 LEU n 
1 137 GLU n 
1 138 LEU n 
1 139 PHE n 
1 140 ARG n 
1 141 LYS n 
1 142 ASP n 
1 143 ILE n 
1 144 ALA n 
1 145 ALA n 
1 146 LYS n 
1 147 TYR n 
1 148 LYS n 
1 149 GLU n 
1 150 LEU n 
1 151 GLY n 
1 152 TYR n 
1 153 GLN n 
1 154 GLY n 
# 
_entity_src_gen.entity_id                          1 
_entity_src_gen.pdbx_src_id                        1 
_entity_src_gen.pdbx_alt_source_flag               sample 
_entity_src_gen.pdbx_seq_type                      'Biological sequence' 
_entity_src_gen.pdbx_beg_seq_num                   1 
_entity_src_gen.pdbx_end_seq_num                   154 
_entity_src_gen.gene_src_common_name               'sperm whale' 
_entity_src_gen.gene_src_genus                     ? 
_entity_src_gen.pdbx_gene_src_gene                 MB 
_entity_src_gen.gene_src_species                   ? 
_entity_src_gen.gene_src_strain                    ? 
_entity_src_gen.gene_src_tissue                    ? 
_entity_src_gen.gene_src_tissue_fraction           ? 
_entity_src_gen.gene_src_details                   ? 
_entity_src_gen.pdbx_gene_src_fragment             ? 
_entity_src_gen.pdbx_gene_src_scientific_name      'Physeter catodon' 
_entity_src_gen.pdbx_gene_src_ncbi_taxonomy_id     9755 
_entity_src_gen.pdbx_gene_src_variant              ? 
_entity_src_gen.pdbx_gene_src_cell_line            ? 
_entity_src_gen.pdbx_gene_src_atcc                 ? 
_entity_src_gen.pdbx_gene_src_organ                ? 
_entity_src_gen.pdbx_gene_src_organelle            ? 
_entity_src_gen.pdbx_gene_src_cell                 ? 
_entity_src_gen.pdbx_gene_src_cellular_location    ? 
_entity_src_gen.host_org_common_name               ? 
_entity_src_gen.pdbx_host_org_scientific_name      'Escherichia coli BL21(DE3)' 
_entity_src_gen.pdbx_host_org_ncbi_taxonomy_id     469008 
_entity_src_gen.host_org_genus                     ? 
_entity_src_gen.pdbx_host_org_gene                 ? 
_entity_src_gen.pdbx_host_org_organ                ? 
_entity_src_gen.host_org_species                   ? 
_entity_src_gen.pdbx_host_org_tissue               ? 
_entity_src_gen.pdbx_host_org_tissue_fraction      ? 
_entity_src_gen.pdbx_host_org_strain               ? 
_entity_src_gen.pdbx_host_org_variant              ? 
_entity_src_gen.pdbx_host_org_cell_line            ? 
_entity_src_gen.pdbx_host_org_atcc                 ? 
_entity_src_gen.pdbx_host_org_culture_collection   ? 
_entity_src_gen.pdbx_host_org_cell                 ? 
_entity_src_gen.pdbx_host_org_organelle            ? 
_entity_src_gen.pdbx_host_org_cellular_location    ? 
_entity_src_gen.pdbx_host_org_vector_type          ? 
_entity_src_gen.pdbx_host_org_vector               ? 
_entity_src_gen.host_org_details                   ? 
_entity_src_gen.expression_system_id               ? 
_entity_src_gen.plasmid_name                       ? 
_entity_src_gen.plasmid_details                    ? 
_entity_src_gen.pdbx_description                   ? 
# 
_struct_ref.id                         1 
_struct_ref.db_name                    UNP 
_struct_ref.db_code                    MYG_PHYCD 
_struct_ref.pdbx_db_accession          P02185 
_struct_ref.pdbx_db_isoform            ? 
_struct_ref.entity_id                  1 
_struct_ref.pdbx_seq_one_letter_code   
;MVLSEGEWQLVLHVWAKVEADVAGHGQDILIRLFKSHPETLEKFDRFKHLKTEAEMKASEDLKKHGVTVLTALGAILKKK
GHHEAELKPLAQSHATKHKIPIKYLEFISEAIIHVLHSRHPGDFGADAQGAMNKALELFRKDIAAKYKELGYQG
;
_struct_ref.pdbx_align_begin           1 
# 
_struct_ref_seq.align_id                      1 
_struct_ref_seq.ref_id                        1 
_struct_ref_seq.pdbx_PDB_id_code              8F9H 
_struct_ref_seq.pdbx_strand_id                A 
_struct_ref_seq.seq_align_beg                 1 
_struct_ref_seq.pdbx_seq_align_beg_ins_code   ? 
_struct_ref_seq.seq_align_end                 154 
_struct_ref_seq.pdbx_seq_align_end_ins_code   ? 
_struct_ref_seq.pdbx_db_accession             P02185 
_struct_ref_seq.db_align_beg                  1 
_struct_ref_seq.pdbx_db_align_beg_ins_code    ? 
_struct_ref_seq.db_align_end                  154 
_struct_ref_seq.pdbx_db_align_end_ins_code    ? 
_struct_ref_seq.pdbx_auth_seq_align_beg       0 
_struct_ref_seq.pdbx_auth_seq_align_end       153 
# 
loop_
_struct_ref_seq_dif.align_id 
_struct_ref_seq_dif.pdbx_pdb_id_code 
_struct_ref_seq_dif.mon_id 
_struct_ref_seq_dif.pdbx_pdb_strand_id 
_struct_ref_seq_dif.seq_num 
_struct_ref_seq_dif.pdbx_pdb_ins_code 
_struct_ref_seq_dif.pdbx_seq_db_name 
_struct_ref_seq_dif.pdbx_seq_db_accession_code 
_struct_ref_seq_dif.db_mon_id 
_struct_ref_seq_dif.pdbx_seq_db_seq_num 
_struct_ref_seq_dif.details 
_struct_ref_seq_dif.pdbx_auth_seq_num 
_struct_ref_seq_dif.pdbx_ordinal 
1 8F9H ALA A 65  ? UNP P02185 HIS 65  'engineered mutation' 64  1 
1 8F9H ASN A 123 ? UNP P02185 ASP 123 variant               122 2 
# 
loop_
_chem_comp.id 
_chem_comp.type 
_chem_comp.mon_nstd_flag 
_chem_comp.name 
_chem_comp.pdbx_synonyms 
_chem_comp.formula 
_chem_comp.formula_weight 
ALA 'L-peptide linking' y ALANINE                           ?    'C3 H7 N O2'       89.093  
ARG 'L-peptide linking' y ARGININE                          ?    'C6 H15 N4 O2 1'   175.209 
ASN 'L-peptide linking' y ASPARAGINE                        ?    'C4 H8 N2 O3'      132.118 
ASP 'L-peptide linking' y 'ASPARTIC ACID'                   ?    'C4 H7 N O4'       133.103 
GLN 'L-peptide linking' y GLUTAMINE                         ?    'C5 H10 N2 O3'     146.144 
GLU 'L-peptide linking' y 'GLUTAMIC ACID'                   ?    'C5 H9 N O4'       147.129 
GLY 'peptide linking'   y GLYCINE                           ?    'C2 H5 N O2'       75.067  
HEM non-polymer         . 'PROTOPORPHYRIN IX CONTAINING FE' HEME 'C34 H32 Fe N4 O4' 616.487 
HIS 'L-peptide linking' y HISTIDINE                         ?    'C6 H10 N3 O2 1'   156.162 
HOH non-polymer         . WATER                             ?    'H2 O'             18.015  
ILE 'L-peptide linking' y ISOLEUCINE                        ?    'C6 H13 N O2'      131.173 
LEU 'L-peptide linking' y LEUCINE                           ?    'C6 H13 N O2'      131.173 
LYS 'L-peptide linking' y LYSINE                            ?    'C6 H15 N2 O2 1'   147.195 
MET 'L-peptide linking' y METHIONINE                        ?    'C5 H11 N O2 S'    149.211 
NSM non-polymer         . NITROSOMETHANE                    ?    'C H3 N O'         45.041  
PHE 'L-peptide linking' y PHENYLALANINE                     ?    'C9 H11 N O2'      165.189 
PRO 'L-peptide linking' y PROLINE                           ?    'C5 H9 N O2'       115.130 
SER 'L-peptide linking' y SERINE                            ?    'C3 H7 N O3'       105.093 
SO4 non-polymer         . 'SULFATE ION'                     ?    'O4 S -2'          96.063  
THR 'L-peptide linking' y THREONINE                         ?    'C4 H9 N O3'       119.119 
TRP 'L-peptide linking' y TRYPTOPHAN                        ?    'C11 H12 N2 O2'    204.225 
TYR 'L-peptide linking' y TYROSINE                          ?    'C9 H11 N O3'      181.189 
VAL 'L-peptide linking' y VALINE                            ?    'C5 H11 N O2'      117.146 
# 
_exptl.absorpt_coefficient_mu     ? 
_exptl.absorpt_correction_T_max   ? 
_exptl.absorpt_correction_T_min   ? 
_exptl.absorpt_correction_type    ? 
_exptl.absorpt_process_details    ? 
_exptl.entry_id                   8F9H 
_exptl.crystals_number            1 
_exptl.details                    ? 
_exptl.method                     'X-RAY DIFFRACTION' 
_exptl.method_details             ? 
# 
_exptl_crystal.colour                       ? 
_exptl_crystal.density_diffrn               ? 
_exptl_crystal.density_Matthews             1.81 
_exptl_crystal.density_method               ? 
_exptl_crystal.density_percent_sol          31.95 
_exptl_crystal.description                  ? 
_exptl_crystal.F_000                        ? 
_exptl_crystal.id                           1 
_exptl_crystal.preparation                  ? 
_exptl_crystal.size_max                     ? 
_exptl_crystal.size_mid                     ? 
_exptl_crystal.size_min                     ? 
_exptl_crystal.size_rad                     ? 
_exptl_crystal.colour_lustre                ? 
_exptl_crystal.colour_modifier              ? 
_exptl_crystal.colour_primary               ? 
_exptl_crystal.density_meas                 ? 
_exptl_crystal.density_meas_esd             ? 
_exptl_crystal.density_meas_gt              ? 
_exptl_crystal.density_meas_lt              ? 
_exptl_crystal.density_meas_temp            ? 
_exptl_crystal.density_meas_temp_esd        ? 
_exptl_crystal.density_meas_temp_gt         ? 
_exptl_crystal.density_meas_temp_lt         ? 
_exptl_crystal.pdbx_crystal_image_url       ? 
_exptl_crystal.pdbx_crystal_image_format    ? 
_exptl_crystal.pdbx_mosaicity               ? 
_exptl_crystal.pdbx_mosaicity_esd           ? 
_exptl_crystal.pdbx_mosaic_method           ? 
_exptl_crystal.pdbx_mosaic_block_size       ? 
_exptl_crystal.pdbx_mosaic_block_size_esd   ? 
# 
_exptl_crystal_grow.apparatus       ? 
_exptl_crystal_grow.atmosphere      ? 
_exptl_crystal_grow.crystal_id      1 
_exptl_crystal_grow.details         ? 
_exptl_crystal_grow.method          'BATCH MODE' 
_exptl_crystal_grow.method_ref      ? 
_exptl_crystal_grow.pH              7.4 
_exptl_crystal_grow.pressure        ? 
_exptl_crystal_grow.pressure_esd    ? 
_exptl_crystal_grow.seeding         ? 
_exptl_crystal_grow.seeding_ref     ? 
_exptl_crystal_grow.temp_details    'Room temperature, could fluctuate slightly day by day' 
_exptl_crystal_grow.temp_esd        ? 
_exptl_crystal_grow.time            ? 
_exptl_crystal_grow.pdbx_details    '2.3-2.6 M Ammonium Sulfate, 100 mM Tris-HCl, 1 mm EDTA, pH 7.4' 
_exptl_crystal_grow.pdbx_pH_range   ? 
_exptl_crystal_grow.temp            296.3 
# 
_diffrn.ambient_environment              ? 
_diffrn.ambient_temp                     100 
_diffrn.ambient_temp_details             ? 
_diffrn.ambient_temp_esd                 ? 
_diffrn.crystal_id                       1 
_diffrn.crystal_support                  ? 
_diffrn.crystal_treatment                ? 
_diffrn.details                          ? 
_diffrn.id                               1 
_diffrn.ambient_pressure                 ? 
_diffrn.ambient_pressure_esd             ? 
_diffrn.ambient_pressure_gt              ? 
_diffrn.ambient_pressure_lt              ? 
_diffrn.ambient_temp_gt                  ? 
_diffrn.ambient_temp_lt                  ? 
_diffrn.pdbx_serial_crystal_experiment   N 
# 
_diffrn_detector.details                      ? 
_diffrn_detector.detector                     PIXEL 
_diffrn_detector.diffrn_id                    1 
_diffrn_detector.type                         'DECTRIS PILATUS 200K' 
_diffrn_detector.area_resol_mean              ? 
_diffrn_detector.dtime                        ? 
_diffrn_detector.pdbx_frames_total            ? 
_diffrn_detector.pdbx_collection_time_total   ? 
_diffrn_detector.pdbx_collection_date         2017-07-06 
_diffrn_detector.pdbx_frequency               ? 
# 
_diffrn_radiation.collimation                      ? 
_diffrn_radiation.diffrn_id                        1 
_diffrn_radiation.filter_edge                      ? 
_diffrn_radiation.inhomogeneity                    ? 
_diffrn_radiation.monochromator                    ? 
_diffrn_radiation.polarisn_norm                    ? 
_diffrn_radiation.polarisn_ratio                   ? 
_diffrn_radiation.probe                            ? 
_diffrn_radiation.type                             ? 
_diffrn_radiation.xray_symbol                      ? 
_diffrn_radiation.wavelength_id                    1 
_diffrn_radiation.pdbx_monochromatic_or_laue_m_l   M 
_diffrn_radiation.pdbx_wavelength_list             ? 
_diffrn_radiation.pdbx_wavelength                  ? 
_diffrn_radiation.pdbx_diffrn_protocol             'SINGLE WAVELENGTH' 
_diffrn_radiation.pdbx_analyzer                    ? 
_diffrn_radiation.pdbx_scattering_type             x-ray 
# 
_diffrn_radiation_wavelength.id           1 
_diffrn_radiation_wavelength.wavelength   1.5418 
_diffrn_radiation_wavelength.wt           1.0 
# 
_diffrn_source.current                     ? 
_diffrn_source.details                     ? 
_diffrn_source.diffrn_id                   1 
_diffrn_source.power                       ? 
_diffrn_source.size                        ? 
_diffrn_source.source                      'ROTATING ANODE' 
_diffrn_source.target                      ? 
_diffrn_source.type                        'RIGAKU MICROMAX-007 HF' 
_diffrn_source.voltage                     ? 
_diffrn_source.take-off_angle              ? 
_diffrn_source.pdbx_wavelength_list        1.5418 
_diffrn_source.pdbx_wavelength             ? 
_diffrn_source.pdbx_synchrotron_beamline   ? 
_diffrn_source.pdbx_synchrotron_site       ? 
# 
_reflns.B_iso_Wilson_estimate                          ? 
_reflns.entry_id                                       8F9H 
_reflns.data_reduction_details                         ? 
_reflns.data_reduction_method                          ? 
_reflns.d_resolution_high                              1.750 
_reflns.d_resolution_low                               50.0100 
_reflns.details                                        ? 
_reflns.limit_h_max                                    ? 
_reflns.limit_h_min                                    ? 
_reflns.limit_k_max                                    ? 
_reflns.limit_k_min                                    ? 
_reflns.limit_l_max                                    ? 
_reflns.limit_l_min                                    ? 
_reflns.number_all                                     ? 
_reflns.number_obs                                     12746 
_reflns.observed_criterion                             ? 
_reflns.observed_criterion_F_max                       ? 
_reflns.observed_criterion_F_min                       ? 
_reflns.observed_criterion_I_max                       ? 
_reflns.observed_criterion_I_min                       ? 
_reflns.observed_criterion_sigma_F                     ? 
_reflns.observed_criterion_sigma_I                     ? 
_reflns.percent_possible_obs                           99.400 
_reflns.R_free_details                                 ? 
_reflns.Rmerge_F_all                                   ? 
_reflns.Rmerge_F_obs                                   ? 
_reflns.Friedel_coverage                               ? 
_reflns.number_gt                                      ? 
_reflns.threshold_expression                           ? 
_reflns.pdbx_redundancy                                3.800 
_reflns.pdbx_netI_over_av_sigmaI                       ? 
_reflns.pdbx_netI_over_sigmaI                          22.97 
_reflns.pdbx_res_netI_over_av_sigmaI_2                 ? 
_reflns.pdbx_res_netI_over_sigmaI_2                    ? 
_reflns.pdbx_chi_squared                               ? 
_reflns.pdbx_scaling_rejects                           ? 
_reflns.pdbx_d_res_high_opt                            ? 
_reflns.pdbx_d_res_low_opt                             ? 
_reflns.pdbx_d_res_opt_method                          ? 
_reflns.phase_calculation_details                      ? 
_reflns.pdbx_Rrim_I_all                                0.053 
_reflns.pdbx_Rpim_I_all                                0.026 
_reflns.pdbx_d_opt                                     ? 
_reflns.pdbx_number_measured_all                       ? 
_reflns.pdbx_diffrn_id                                 1 
_reflns.pdbx_ordinal                                   1 
_reflns.pdbx_CC_half                                   ? 
_reflns.pdbx_CC_star                                   ? 
_reflns.pdbx_R_split                                   ? 
_reflns.pdbx_Rmerge_I_obs                              ? 
_reflns.pdbx_Rmerge_I_all                              ? 
_reflns.pdbx_Rsym_value                                ? 
_reflns.pdbx_CC_split_method                           ? 
_reflns.pdbx_aniso_diffraction_limit_axis_1_ortho[1]   ? 
_reflns.pdbx_aniso_diffraction_limit_axis_1_ortho[2]   ? 
_reflns.pdbx_aniso_diffraction_limit_axis_1_ortho[3]   ? 
_reflns.pdbx_aniso_diffraction_limit_axis_2_ortho[1]   ? 
_reflns.pdbx_aniso_diffraction_limit_axis_2_ortho[2]   ? 
_reflns.pdbx_aniso_diffraction_limit_axis_2_ortho[3]   ? 
_reflns.pdbx_aniso_diffraction_limit_axis_3_ortho[1]   ? 
_reflns.pdbx_aniso_diffraction_limit_axis_3_ortho[2]   ? 
_reflns.pdbx_aniso_diffraction_limit_axis_3_ortho[3]   ? 
_reflns.pdbx_aniso_diffraction_limit_1                 ? 
_reflns.pdbx_aniso_diffraction_limit_2                 ? 
_reflns.pdbx_aniso_diffraction_limit_3                 ? 
_reflns.pdbx_aniso_B_tensor_eigenvector_1_ortho[1]     ? 
_reflns.pdbx_aniso_B_tensor_eigenvector_1_ortho[2]     ? 
_reflns.pdbx_aniso_B_tensor_eigenvector_1_ortho[3]     ? 
_reflns.pdbx_aniso_B_tensor_eigenvector_2_ortho[1]     ? 
_reflns.pdbx_aniso_B_tensor_eigenvector_2_ortho[2]     ? 
_reflns.pdbx_aniso_B_tensor_eigenvector_2_ortho[3]     ? 
_reflns.pdbx_aniso_B_tensor_eigenvector_3_ortho[1]     ? 
_reflns.pdbx_aniso_B_tensor_eigenvector_3_ortho[2]     ? 
_reflns.pdbx_aniso_B_tensor_eigenvector_3_ortho[3]     ? 
_reflns.pdbx_aniso_B_tensor_eigenvalue_1               ? 
_reflns.pdbx_aniso_B_tensor_eigenvalue_2               ? 
_reflns.pdbx_aniso_B_tensor_eigenvalue_3               ? 
_reflns.pdbx_orthogonalization_convention              ? 
_reflns.pdbx_percent_possible_ellipsoidal              ? 
_reflns.pdbx_percent_possible_spherical                ? 
_reflns.pdbx_percent_possible_ellipsoidal_anomalous    ? 
_reflns.pdbx_percent_possible_spherical_anomalous      ? 
_reflns.pdbx_redundancy_anomalous                      ? 
_reflns.pdbx_CC_half_anomalous                         ? 
_reflns.pdbx_absDiff_over_sigma_anomalous              ? 
_reflns.pdbx_percent_possible_anomalous                ? 
_reflns.pdbx_observed_signal_threshold                 ? 
_reflns.pdbx_signal_type                               ? 
_reflns.pdbx_signal_details                            ? 
_reflns.pdbx_signal_software_id                        ? 
# 
loop_
_reflns_shell.d_res_high 
_reflns_shell.d_res_low 
_reflns_shell.meanI_over_sigI_all 
_reflns_shell.meanI_over_sigI_obs 
_reflns_shell.number_measured_all 
_reflns_shell.number_measured_obs 
_reflns_shell.number_possible 
_reflns_shell.number_unique_all 
_reflns_shell.number_unique_obs 
_reflns_shell.percent_possible_obs 
_reflns_shell.Rmerge_F_all 
_reflns_shell.Rmerge_F_obs 
_reflns_shell.meanI_over_sigI_gt 
_reflns_shell.meanI_over_uI_all 
_reflns_shell.meanI_over_uI_gt 
_reflns_shell.number_measured_gt 
_reflns_shell.number_unique_gt 
_reflns_shell.percent_possible_gt 
_reflns_shell.Rmerge_F_gt 
_reflns_shell.Rmerge_I_gt 
_reflns_shell.pdbx_redundancy 
_reflns_shell.pdbx_chi_squared 
_reflns_shell.pdbx_netI_over_sigmaI_all 
_reflns_shell.pdbx_netI_over_sigmaI_obs 
_reflns_shell.pdbx_Rrim_I_all 
_reflns_shell.pdbx_Rpim_I_all 
_reflns_shell.pdbx_rejects 
_reflns_shell.pdbx_ordinal 
_reflns_shell.pdbx_diffrn_id 
_reflns_shell.pdbx_CC_half 
_reflns_shell.pdbx_CC_star 
_reflns_shell.pdbx_R_split 
_reflns_shell.percent_possible_all 
_reflns_shell.Rmerge_I_all 
_reflns_shell.Rmerge_I_obs 
_reflns_shell.pdbx_Rsym_value 
_reflns_shell.pdbx_percent_possible_ellipsoidal 
_reflns_shell.pdbx_percent_possible_spherical 
_reflns_shell.pdbx_percent_possible_ellipsoidal_anomalous 
_reflns_shell.pdbx_percent_possible_spherical_anomalous 
_reflns_shell.pdbx_redundancy_anomalous 
_reflns_shell.pdbx_CC_half_anomalous 
_reflns_shell.pdbx_absDiff_over_sigma_anomalous 
_reflns_shell.pdbx_percent_possible_anomalous 
1.750 1.780  ? ? ? ? ? ? 562 ? ? ? ? ? ? ? ? ? ? ? 2.000 0.672 ? ? 0.127 0.079 ? 1  1 0.965 ? ? 92.900  ? 0.098 ? ? ? ? ? ? ? ? ? 
1.780 1.810  ? ? ? ? ? ? 660 ? ? ? ? ? ? ? ? ? ? ? 2.400 0.775 ? ? 0.127 0.077 ? 2  1 0.955 ? ? 98.800  ? 0.100 ? ? ? ? ? ? ? ? ? 
1.810 1.850  ? ? ? ? ? ? 616 ? ? ? ? ? ? ? ? ? ? ? 2.600 0.816 ? ? 0.118 0.069 ? 3  1 0.976 ? ? 99.400  ? 0.095 ? ? ? ? ? ? ? ? ? 
1.850 1.890  ? ? ? ? ? ? 616 ? ? ? ? ? ? ? ? ? ? ? 3.000 0.706 ? ? 0.111 0.061 ? 4  1 0.978 ? ? 99.000  ? 0.091 ? ? ? ? ? ? ? ? ? 
1.890 1.930  ? ? ? ? ? ? 642 ? ? ? ? ? ? ? ? ? ? ? 3.400 0.847 ? ? 0.105 0.055 ? 5  1 0.979 ? ? 99.500  ? 0.089 ? ? ? ? ? ? ? ? ? 
1.930 1.970  ? ? ? ? ? ? 628 ? ? ? ? ? ? ? ? ? ? ? 3.900 0.712 ? ? 0.094 0.047 ? 6  1 0.984 ? ? 99.800  ? 0.081 ? ? ? ? ? ? ? ? ? 
1.970 2.020  ? ? ? ? ? ? 631 ? ? ? ? ? ? ? ? ? ? ? 3.900 0.868 ? ? 0.098 0.048 ? 7  1 0.983 ? ? 100.000 ? 0.085 ? ? ? ? ? ? ? ? ? 
2.020 2.070  ? ? ? ? ? ? 657 ? ? ? ? ? ? ? ? ? ? ? 4.000 0.879 ? ? 0.088 0.043 ? 8  1 0.987 ? ? 100.000 ? 0.076 ? ? ? ? ? ? ? ? ? 
2.070 2.140  ? ? ? ? ? ? 613 ? ? ? ? ? ? ? ? ? ? ? 4.200 0.836 ? ? 0.080 0.038 ? 9  1 0.986 ? ? 100.000 ? 0.070 ? ? ? ? ? ? ? ? ? 
2.140 2.200  ? ? ? ? ? ? 640 ? ? ? ? ? ? ? ? ? ? ? 4.200 0.743 ? ? 0.071 0.034 ? 10 1 0.991 ? ? 99.800  ? 0.062 ? ? ? ? ? ? ? ? ? 
2.200 2.280  ? ? ? ? ? ? 639 ? ? ? ? ? ? ? ? ? ? ? 4.400 0.995 ? ? 0.075 0.035 ? 11 1 0.992 ? ? 100.000 ? 0.066 ? ? ? ? ? ? ? ? ? 
2.280 2.380  ? ? ? ? ? ? 634 ? ? ? ? ? ? ? ? ? ? ? 4.400 0.694 ? ? 0.066 0.031 ? 12 1 0.992 ? ? 99.800  ? 0.058 ? ? ? ? ? ? ? ? ? 
2.380 2.480  ? ? ? ? ? ? 647 ? ? ? ? ? ? ? ? ? ? ? 4.300 0.712 ? ? 0.061 0.028 ? 13 1 0.993 ? ? 100.000 ? 0.054 ? ? ? ? ? ? ? ? ? 
2.480 2.610  ? ? ? ? ? ? 638 ? ? ? ? ? ? ? ? ? ? ? 4.400 0.721 ? ? 0.059 0.027 ? 14 1 0.993 ? ? 100.000 ? 0.052 ? ? ? ? ? ? ? ? ? 
2.610 2.780  ? ? ? ? ? ? 631 ? ? ? ? ? ? ? ? ? ? ? 4.300 0.728 ? ? 0.055 0.026 ? 15 1 0.994 ? ? 100.000 ? 0.049 ? ? ? ? ? ? ? ? ? 
2.780 2.990  ? ? ? ? ? ? 645 ? ? ? ? ? ? ? ? ? ? ? 4.300 0.769 ? ? 0.053 0.025 ? 16 1 0.994 ? ? 100.000 ? 0.047 ? ? ? ? ? ? ? ? ? 
2.990 3.290  ? ? ? ? ? ? 647 ? ? ? ? ? ? ? ? ? ? ? 4.300 0.784 ? ? 0.048 0.022 ? 17 1 0.994 ? ? 99.800  ? 0.042 ? ? ? ? ? ? ? ? ? 
3.290 3.770  ? ? ? ? ? ? 657 ? ? ? ? ? ? ? ? ? ? ? 4.200 1.065 ? ? 0.044 0.021 ? 18 1 0.994 ? ? 99.800  ? 0.039 ? ? ? ? ? ? ? ? ? 
3.770 4.750  ? ? ? ? ? ? 656 ? ? ? ? ? ? ? ? ? ? ? 4.000 1.102 ? ? 0.041 0.019 ? 19 1 0.994 ? ? 99.500  ? 0.036 ? ? ? ? ? ? ? ? ? 
4.750 50.000 ? ? ? ? ? ? 687 ? ? ? ? ? ? ? ? ? ? ? 3.400 0.781 ? ? 0.032 0.016 ? 20 1 0.997 ? ? 99.700  ? 0.027 ? ? ? ? ? ? ? ? ? 
# 
_refine.aniso_B[1][1]                            -0.0800 
_refine.aniso_B[1][2]                            0.0000 
_refine.aniso_B[1][3]                            0.0100 
_refine.aniso_B[2][2]                            0.0600 
_refine.aniso_B[2][3]                            0.0000 
_refine.aniso_B[3][3]                            0.0100 
_refine.B_iso_max                                59.270 
_refine.B_iso_mean                               18.1310 
_refine.B_iso_min                                11.070 
_refine.correlation_coeff_Fo_to_Fc               0.9680 
_refine.correlation_coeff_Fo_to_Fc_free          0.9410 
_refine.details                                  
'HYDROGENS HAVE BEEN ADDED IN THE RIDING POSITIONS U VALUES      : REFINED INDIVIDUALLY' 
_refine.diff_density_max                         ? 
_refine.diff_density_max_esd                     ? 
_refine.diff_density_min                         ? 
_refine.diff_density_min_esd                     ? 
_refine.diff_density_rms                         ? 
_refine.diff_density_rms_esd                     ? 
_refine.entry_id                                 8F9H 
_refine.pdbx_refine_id                           'X-RAY DIFFRACTION' 
_refine.ls_abs_structure_details                 ? 
_refine.ls_abs_structure_Flack                   ? 
_refine.ls_abs_structure_Flack_esd               ? 
_refine.ls_abs_structure_Rogers                  ? 
_refine.ls_abs_structure_Rogers_esd              ? 
_refine.ls_d_res_high                            1.7500 
_refine.ls_d_res_low                             50.0 
_refine.ls_extinction_coef                       ? 
_refine.ls_extinction_coef_esd                   ? 
_refine.ls_extinction_expression                 ? 
_refine.ls_extinction_method                     ? 
_refine.ls_goodness_of_fit_all                   ? 
_refine.ls_goodness_of_fit_all_esd               ? 
_refine.ls_goodness_of_fit_obs                   ? 
_refine.ls_goodness_of_fit_obs_esd               ? 
_refine.ls_hydrogen_treatment                    ? 
_refine.ls_matrix_type                           ? 
_refine.ls_number_constraints                    ? 
_refine.ls_number_parameters                     ? 
_refine.ls_number_reflns_all                     ? 
_refine.ls_number_reflns_obs                     12074 
_refine.ls_number_reflns_R_free                  619 
_refine.ls_number_reflns_R_work                  ? 
_refine.ls_number_restraints                     ? 
_refine.ls_percent_reflns_obs                    99.4500 
_refine.ls_percent_reflns_R_free                 4.9000 
_refine.ls_R_factor_all                          ? 
_refine.ls_R_factor_obs                          0.1545 
_refine.ls_R_factor_R_free                       0.2010 
_refine.ls_R_factor_R_free_error                 ? 
_refine.ls_R_factor_R_free_error_details         ? 
_refine.ls_R_factor_R_work                       0.1522 
_refine.ls_R_Fsqd_factor_obs                     ? 
_refine.ls_R_I_factor_obs                        ? 
_refine.ls_redundancy_reflns_all                 ? 
_refine.ls_redundancy_reflns_obs                 ? 
_refine.ls_restrained_S_all                      ? 
_refine.ls_restrained_S_obs                      ? 
_refine.ls_shift_over_esd_max                    ? 
_refine.ls_shift_over_esd_mean                   ? 
_refine.ls_structure_factor_coef                 ? 
_refine.ls_weighting_details                     ? 
_refine.ls_weighting_scheme                      ? 
_refine.ls_wR_factor_all                         ? 
_refine.ls_wR_factor_obs                         ? 
_refine.ls_wR_factor_R_free                      ? 
_refine.ls_wR_factor_R_work                      ? 
_refine.occupancy_max                            ? 
_refine.occupancy_min                            ? 
_refine.solvent_model_details                    MASK 
_refine.solvent_model_param_bsol                 ? 
_refine.solvent_model_param_ksol                 ? 
_refine.pdbx_R_complete                          ? 
_refine.ls_R_factor_gt                           ? 
_refine.ls_goodness_of_fit_gt                    ? 
_refine.ls_goodness_of_fit_ref                   ? 
_refine.ls_shift_over_su_max                     ? 
_refine.ls_shift_over_su_max_lt                  ? 
_refine.ls_shift_over_su_mean                    ? 
_refine.ls_shift_over_su_mean_lt                 ? 
_refine.pdbx_ls_sigma_I                          ? 
_refine.pdbx_ls_sigma_F                          0.000 
_refine.pdbx_ls_sigma_Fsqd                       ? 
_refine.pdbx_data_cutoff_high_absF               ? 
_refine.pdbx_data_cutoff_high_rms_absF           ? 
_refine.pdbx_data_cutoff_low_absF                ? 
_refine.pdbx_isotropic_thermal_model             ? 
_refine.pdbx_ls_cross_valid_method               THROUGHOUT 
_refine.pdbx_method_to_determine_struct          'MOLECULAR REPLACEMENT' 
_refine.pdbx_starting_model                      5ILE 
_refine.pdbx_stereochemistry_target_values       'MAXIMUM LIKELIHOOD' 
_refine.pdbx_R_Free_selection_details            RANDOM 
_refine.pdbx_stereochem_target_val_spec_case     ? 
_refine.pdbx_overall_ESU_R                       0.1210 
_refine.pdbx_overall_ESU_R_Free                  0.1190 
_refine.pdbx_solvent_vdw_probe_radii             1.2000 
_refine.pdbx_solvent_ion_probe_radii             0.8000 
_refine.pdbx_solvent_shrinkage_radii             0.8000 
_refine.pdbx_real_space_R                        ? 
_refine.pdbx_density_correlation                 ? 
_refine.pdbx_pd_number_of_powder_patterns        ? 
_refine.pdbx_pd_number_of_points                 ? 
_refine.pdbx_pd_meas_number_of_points            ? 
_refine.pdbx_pd_proc_ls_prof_R_factor            ? 
_refine.pdbx_pd_proc_ls_prof_wR_factor           ? 
_refine.pdbx_pd_Marquardt_correlation_coeff      ? 
_refine.pdbx_pd_Fsqrd_R_factor                   ? 
_refine.pdbx_pd_ls_matrix_band_width             ? 
_refine.pdbx_overall_phase_error                 ? 
_refine.pdbx_overall_SU_R_free_Cruickshank_DPI   ? 
_refine.pdbx_overall_SU_R_free_Blow_DPI          ? 
_refine.pdbx_overall_SU_R_Blow_DPI               ? 
_refine.pdbx_TLS_residual_ADP_flag               ? 
_refine.pdbx_diffrn_id                           1 
_refine.overall_SU_B                             2.1670 
_refine.overall_SU_ML                            0.0700 
_refine.overall_SU_R_Cruickshank_DPI             ? 
_refine.overall_SU_R_free                        ? 
_refine.overall_FOM_free_R_set                   ? 
_refine.overall_FOM_work_R_set                   ? 
_refine.pdbx_average_fsc_overall                 ? 
_refine.pdbx_average_fsc_work                    ? 
_refine.pdbx_average_fsc_free                    ? 
# 
_refine_hist.pdbx_refine_id                   'X-RAY DIFFRACTION' 
_refine_hist.cycle_id                         final 
_refine_hist.details                          ? 
_refine_hist.d_res_high                       1.7500 
_refine_hist.d_res_low                        50.0 
_refine_hist.number_atoms_solvent             85 
_refine_hist.number_atoms_total               1334 
_refine_hist.number_reflns_all                ? 
_refine_hist.number_reflns_obs                ? 
_refine_hist.number_reflns_R_free             ? 
_refine_hist.number_reflns_R_work             ? 
_refine_hist.R_factor_all                     ? 
_refine_hist.R_factor_obs                     ? 
_refine_hist.R_factor_R_free                  ? 
_refine_hist.R_factor_R_work                  ? 
_refine_hist.pdbx_number_residues_total       151 
_refine_hist.pdbx_B_iso_mean_ligand           14.89 
_refine_hist.pdbx_B_iso_mean_solvent          22.38 
_refine_hist.pdbx_number_atoms_protein        1198 
_refine_hist.pdbx_number_atoms_nucleic_acid   0 
_refine_hist.pdbx_number_atoms_ligand         51 
_refine_hist.pdbx_number_atoms_lipid          ? 
_refine_hist.pdbx_number_atoms_carb           ? 
_refine_hist.pdbx_pseudo_atom_details         ? 
# 
loop_
_refine_ls_restr.pdbx_refine_id 
_refine_ls_restr.criterion 
_refine_ls_restr.dev_ideal 
_refine_ls_restr.dev_ideal_target 
_refine_ls_restr.number 
_refine_ls_restr.rejects 
_refine_ls_restr.type 
_refine_ls_restr.weight 
_refine_ls_restr.pdbx_restraint_function 
'X-RAY DIFFRACTION' ? 0.019  0.019  1283 ? r_bond_refined_d       ? ? 
'X-RAY DIFFRACTION' ? 0.002  0.020  1228 ? r_bond_other_d         ? ? 
'X-RAY DIFFRACTION' ? 2.060  2.007  1735 ? r_angle_refined_deg    ? ? 
'X-RAY DIFFRACTION' ? 1.083  3.000  2844 ? r_angle_other_deg      ? ? 
'X-RAY DIFFRACTION' ? 5.288  5.000  150  ? r_dihedral_angle_1_deg ? ? 
'X-RAY DIFFRACTION' ? 34.834 24.231 52   ? r_dihedral_angle_2_deg ? ? 
'X-RAY DIFFRACTION' ? 14.288 15.000 233  ? r_dihedral_angle_3_deg ? ? 
'X-RAY DIFFRACTION' ? 14.519 15.000 4    ? r_dihedral_angle_4_deg ? ? 
'X-RAY DIFFRACTION' ? 0.147  0.200  184  ? r_chiral_restr         ? ? 
'X-RAY DIFFRACTION' ? 0.011  0.020  1394 ? r_gen_planes_refined   ? ? 
'X-RAY DIFFRACTION' ? 0.007  0.020  259  ? r_gen_planes_other     ? ? 
# 
_refine_ls_shell.pdbx_refine_id                   'X-RAY DIFFRACTION' 
_refine_ls_shell.d_res_high                       1.7500 
_refine_ls_shell.d_res_low                        1.7950 
_refine_ls_shell.number_reflns_all                876 
_refine_ls_shell.number_reflns_obs                ? 
_refine_ls_shell.number_reflns_R_free             39 
_refine_ls_shell.number_reflns_R_work             837 
_refine_ls_shell.percent_reflns_obs               95.2200 
_refine_ls_shell.percent_reflns_R_free            ? 
_refine_ls_shell.R_factor_all                     ? 
_refine_ls_shell.R_factor_obs                     ? 
_refine_ls_shell.R_factor_R_free_error            0.0000 
_refine_ls_shell.R_factor_R_work                  0.2040 
_refine_ls_shell.redundancy_reflns_all            ? 
_refine_ls_shell.redundancy_reflns_obs            ? 
_refine_ls_shell.wR_factor_all                    ? 
_refine_ls_shell.wR_factor_obs                    ? 
_refine_ls_shell.wR_factor_R_free                 ? 
_refine_ls_shell.wR_factor_R_work                 ? 
_refine_ls_shell.pdbx_R_complete                  ? 
_refine_ls_shell.pdbx_total_number_of_bins_used   20 
_refine_ls_shell.pdbx_phase_error                 ? 
_refine_ls_shell.pdbx_fsc_work                    ? 
_refine_ls_shell.pdbx_fsc_free                    ? 
_refine_ls_shell.R_factor_R_free                  0.2930 
# 
_struct.entry_id                     8F9H 
_struct.title                        'H64A swMb-MeNO adduct' 
_struct.pdbx_model_details           ? 
_struct.pdbx_formula_weight          ? 
_struct.pdbx_formula_weight_method   ? 
_struct.pdbx_model_type_details      ? 
_struct.pdbx_CASP_flag               N 
# 
_struct_keywords.entry_id        8F9H 
_struct_keywords.text            'Myoglobin, Nitroso, Nitrosomethane, RNO, Mb, TRANSPORT PROTEIN' 
_struct_keywords.pdbx_keywords   'TRANSPORT PROTEIN' 
# 
loop_
_struct_asym.id 
_struct_asym.pdbx_blank_PDB_chainid_flag 
_struct_asym.pdbx_modified 
_struct_asym.entity_id 
_struct_asym.details 
A N N 1 ? 
B N N 2 ? 
C N N 3 ? 
D N N 4 ? 
E N N 5 ? 
# 
loop_
_struct_conf.conf_type_id 
_struct_conf.id 
_struct_conf.pdbx_PDB_helix_id 
_struct_conf.beg_label_comp_id 
_struct_conf.beg_label_asym_id 
_struct_conf.beg_label_seq_id 
_struct_conf.pdbx_beg_PDB_ins_code 
_struct_conf.end_label_comp_id 
_struct_conf.end_label_asym_id 
_struct_conf.end_label_seq_id 
_struct_conf.pdbx_end_PDB_ins_code 
_struct_conf.beg_auth_comp_id 
_struct_conf.beg_auth_asym_id 
_struct_conf.beg_auth_seq_id 
_struct_conf.end_auth_comp_id 
_struct_conf.end_auth_asym_id 
_struct_conf.end_auth_seq_id 
_struct_conf.pdbx_PDB_helix_class 
_struct_conf.details 
_struct_conf.pdbx_PDB_helix_length 
HELX_P HELX_P1 AA1 SER A 4   ? ALA A 20  ? SER A 3   ALA A 19  1 ? 17 
HELX_P HELX_P2 AA2 ASP A 21  ? HIS A 37  ? ASP A 20  HIS A 36  1 ? 17 
HELX_P HELX_P3 AA3 HIS A 37  ? GLU A 42  ? HIS A 36  GLU A 41  1 ? 6  
HELX_P HELX_P4 AA4 THR A 52  ? SER A 59  ? THR A 51  SER A 58  1 ? 8  
HELX_P HELX_P5 AA5 SER A 59  ? LYS A 79  ? SER A 58  LYS A 78  1 ? 21 
HELX_P HELX_P6 AA6 HIS A 83  ? LYS A 97  ? HIS A 82  LYS A 96  1 ? 15 
HELX_P HELX_P7 AA7 PRO A 101 ? HIS A 120 ? PRO A 100 HIS A 119 1 ? 20 
HELX_P HELX_P8 AA8 GLY A 125 ? LEU A 150 ? GLY A 124 LEU A 149 1 ? 26 
# 
_struct_conf_type.id          HELX_P 
_struct_conf_type.criteria    ? 
_struct_conf_type.reference   ? 
# 
loop_
_struct_conn.id 
_struct_conn.conn_type_id 
_struct_conn.pdbx_leaving_atom_flag 
_struct_conn.pdbx_PDB_id 
_struct_conn.ptnr1_label_asym_id 
_struct_conn.ptnr1_label_comp_id 
_struct_conn.ptnr1_label_seq_id 
_struct_conn.ptnr1_label_atom_id 
_struct_conn.pdbx_ptnr1_label_alt_id 
_struct_conn.pdbx_ptnr1_PDB_ins_code 
_struct_conn.pdbx_ptnr1_standard_comp_id 
_struct_conn.ptnr1_symmetry 
_struct_conn.ptnr2_label_asym_id 
_struct_conn.ptnr2_label_comp_id 
_struct_conn.ptnr2_label_seq_id 
_struct_conn.ptnr2_label_atom_id 
_struct_conn.pdbx_ptnr2_label_alt_id 
_struct_conn.pdbx_ptnr2_PDB_ins_code 
_struct_conn.ptnr1_auth_asym_id 
_struct_conn.ptnr1_auth_comp_id 
_struct_conn.ptnr1_auth_seq_id 
_struct_conn.ptnr2_auth_asym_id 
_struct_conn.ptnr2_auth_comp_id 
_struct_conn.ptnr2_auth_seq_id 
_struct_conn.ptnr2_symmetry 
_struct_conn.pdbx_ptnr3_label_atom_id 
_struct_conn.pdbx_ptnr3_label_seq_id 
_struct_conn.pdbx_ptnr3_label_comp_id 
_struct_conn.pdbx_ptnr3_label_asym_id 
_struct_conn.pdbx_ptnr3_label_alt_id 
_struct_conn.pdbx_ptnr3_PDB_ins_code 
_struct_conn.details 
_struct_conn.pdbx_dist_value 
_struct_conn.pdbx_value_order 
_struct_conn.pdbx_role 
metalc1 metalc ? ? A HIS 94 NE2 ? ? ? 1_555 B HEM . FE ? ? A HIS 93  A HEM 200 1_555 ? ? ? ? ? ? ? 2.094 ? ? 
metalc2 metalc ? ? B HEM .  FE  ? ? ? 1_555 C NSM . O1 ? ? A HEM 200 A NSM 201 1_555 ? ? ? ? ? ? ? 2.773 ? ? 
metalc3 metalc ? ? B HEM .  FE  ? ? ? 1_555 C NSM . N  ? ? A HEM 200 A NSM 201 1_555 ? ? ? ? ? ? ? 1.942 ? ? 
# 
_struct_conn_type.id          metalc 
_struct_conn_type.criteria    ? 
_struct_conn_type.reference   ? 
# 
_atom_sites.entry_id                    8F9H 
_atom_sites.Cartn_transf_matrix[1][1]   ? 
_atom_sites.Cartn_transf_matrix[1][2]   ? 
_atom_sites.Cartn_transf_matrix[1][3]   ? 
_atom_sites.Cartn_transf_matrix[2][1]   ? 
_atom_sites.Cartn_transf_matrix[2][2]   ? 
_atom_sites.Cartn_transf_matrix[2][3]   ? 
_atom_sites.Cartn_transf_matrix[3][1]   ? 
_atom_sites.Cartn_transf_matrix[3][2]   ? 
_atom_sites.Cartn_transf_matrix[3][3]   ? 
_atom_sites.Cartn_transf_vector[1]      ? 
_atom_sites.Cartn_transf_vector[2]      ? 
_atom_sites.Cartn_transf_vector[3]      ? 
_atom_sites.fract_transf_matrix[1][1]   -0.01859443 
_atom_sites.fract_transf_matrix[1][2]   0.02200480 
_atom_sites.fract_transf_matrix[1][3]   -0.00773587 
_atom_sites.fract_transf_matrix[2][1]   -0.01987064 
_atom_sites.fract_transf_matrix[2][2]   -0.00722925 
_atom_sites.fract_transf_matrix[2][3]   0.02719866 
_atom_sites.fract_transf_matrix[3][1]   0.00545353 
_atom_sites.fract_transf_matrix[3][2]   0.01325489 
_atom_sites.fract_transf_matrix[3][3]   0.00750728 
_atom_sites.fract_transf_vector[1]      -0.998954 
_atom_sites.fract_transf_vector[2]      -0.942349 
_atom_sites.fract_transf_vector[3]      2.256588 
_atom_sites.solution_primary            ? 
_atom_sites.solution_secondary          ? 
_atom_sites.solution_hydrogens          ? 
_atom_sites.special_details             ? 
# 
loop_
_atom_type.symbol 
C  
FE 
N  
O  
S  
# 
loop_
_atom_site.group_PDB 
_atom_site.id 
_atom_site.type_symbol 
_atom_site.label_atom_id 
_atom_site.label_alt_id 
_atom_site.label_comp_id 
_atom_site.label_asym_id 
_atom_site.label_entity_id 
_atom_site.label_seq_id 
_atom_site.pdbx_PDB_ins_code 
_atom_site.Cartn_x 
_atom_site.Cartn_y 
_atom_site.Cartn_z 
_atom_site.occupancy 
_atom_site.B_iso_or_equiv 
_atom_site.pdbx_formal_charge 
_atom_site.auth_seq_id 
_atom_site.auth_comp_id 
_atom_site.auth_asym_id 
_atom_site.auth_atom_id 
_atom_site.pdbx_PDB_model_num 
ATOM   1    N  N   . VAL A 1 2   ? 5.409   -16.631 -7.112  1.00 29.19 ? 1   VAL A N   1 
ATOM   2    C  CA  . VAL A 1 2   ? 6.518   -16.954 -6.121  1.00 25.53 ? 1   VAL A CA  1 
ATOM   3    C  C   . VAL A 1 2   ? 7.732   -16.062 -6.350  1.00 23.06 ? 1   VAL A C   1 
ATOM   4    O  O   . VAL A 1 2   ? 8.267   -16.097 -7.419  1.00 28.57 ? 1   VAL A O   1 
ATOM   5    C  CB  . VAL A 1 2   ? 6.995   -18.441 -6.322  1.00 30.97 ? 1   VAL A CB  1 
ATOM   6    C  CG1 . VAL A 1 2   ? 8.182   -18.810 -5.485  1.00 32.92 ? 1   VAL A CG1 1 
ATOM   7    C  CG2 . VAL A 1 2   ? 5.841   -19.413 -6.036  1.00 35.33 ? 1   VAL A CG2 1 
ATOM   8    N  N   . LEU A 1 3   ? 8.226   -15.353 -5.346  1.00 16.65 ? 2   LEU A N   1 
ATOM   9    C  CA  . LEU A 1 3   ? 9.457   -14.590 -5.489  1.00 14.81 ? 2   LEU A CA  1 
ATOM   10   C  C   . LEU A 1 3   ? 10.633  -15.433 -5.086  1.00 14.37 ? 2   LEU A C   1 
ATOM   11   O  O   . LEU A 1 3   ? 10.508  -16.236 -4.153  1.00 14.71 ? 2   LEU A O   1 
ATOM   12   C  CB  . LEU A 1 3   ? 9.436   -13.361 -4.588  1.00 13.97 ? 2   LEU A CB  1 
ATOM   13   C  CG  . LEU A 1 3   ? 8.604   -12.172 -5.098  1.00 15.00 ? 2   LEU A CG  1 
ATOM   14   C  CD1 . LEU A 1 3   ? 7.106   -12.383 -5.097  1.00 15.28 ? 2   LEU A CD1 1 
ATOM   15   C  CD2 . LEU A 1 3   ? 8.912   -10.899 -4.300  1.00 14.29 ? 2   LEU A CD2 1 
ATOM   16   N  N   . SER A 1 4   ? 11.770  -15.191 -5.693  1.00 15.34 ? 3   SER A N   1 
ATOM   17   C  CA  . SER A 1 4   ? 13.032  -15.784 -5.266  1.00 15.18 ? 3   SER A CA  1 
ATOM   18   C  C   . SER A 1 4   ? 13.483  -15.155 -3.975  1.00 15.28 ? 3   SER A C   1 
ATOM   19   O  O   . SER A 1 4   ? 13.052  -14.084 -3.613  1.00 13.65 ? 3   SER A O   1 
ATOM   20   C  CB  . SER A 1 4   ? 14.096  -15.606 -6.347  1.00 16.11 ? 3   SER A CB  1 
ATOM   21   O  OG  . SER A 1 4   ? 14.476  -14.278 -6.411  1.00 14.74 ? 3   SER A OG  1 
ATOM   22   N  N   . GLU A 1 5   ? 14.414  -15.812 -3.308  1.00 15.26 ? 4   GLU A N   1 
ATOM   23   C  CA  . GLU A 1 5   ? 15.075  -15.200 -2.175  1.00 15.61 ? 4   GLU A CA  1 
ATOM   24   C  C   . GLU A 1 5   ? 15.740  -13.887 -2.529  1.00 14.56 ? 4   GLU A C   1 
ATOM   25   O  O   . GLU A 1 5   ? 15.668  -12.947 -1.743  1.00 14.29 ? 4   GLU A O   1 
ATOM   26   C  CB  . GLU A 1 5   ? 16.102  -16.129 -1.528  1.00 16.52 ? 4   GLU A CB  1 
ATOM   27   C  CG  . GLU A 1 5   ? 15.424  -17.296 -0.814  1.00 18.17 ? 4   GLU A CG  1 
ATOM   28   C  CD  . GLU A 1 5   ? 14.760  -16.966 0.530   1.00 17.94 ? 4   GLU A CD  1 
ATOM   29   O  OE1 . GLU A 1 5   ? 14.964  -15.856 1.070   1.00 16.88 ? 4   GLU A OE1 1 
ATOM   30   O  OE2 . GLU A 1 5   ? 14.003  -17.829 1.020   1.00 20.30 ? 4   GLU A OE2 1 
ATOM   31   N  N   . GLY A 1 6   ? 16.412  -13.806 -3.659  1.00 13.80 ? 5   GLY A N   1 
ATOM   32   C  CA  . GLY A 1 6   ? 17.082  -12.559 -3.997  1.00 15.14 ? 5   GLY A CA  1 
ATOM   33   C  C   . GLY A 1 6   ? 16.081  -11.427 -4.216  1.00 13.78 ? 5   GLY A C   1 
ATOM   34   O  O   . GLY A 1 6   ? 16.359  -10.322 -3.867  1.00 12.37 ? 5   GLY A O   1 
ATOM   35   N  N   . GLU A 1 7   ? 14.925  -11.780 -4.783  1.00 13.59 ? 6   GLU A N   1 
ATOM   36   C  CA  . GLU A 1 7   ? 13.815  -10.801 -4.991  1.00 13.23 ? 6   GLU A CA  1 
ATOM   37   C  C   . GLU A 1 7   ? 13.210  -10.344 -3.629  1.00 12.98 ? 6   GLU A C   1 
ATOM   38   O  O   . GLU A 1 7   ? 13.016  -9.155  -3.384  1.00 11.96 ? 6   GLU A O   1 
ATOM   39   C  CB  . GLU A 1 7   ? 12.745  -11.414 -5.887  1.00 14.61 ? 6   GLU A CB  1 
ATOM   40   C  CG  . GLU A 1 7   ? 13.103  -11.471 -7.360  1.00 15.58 ? 6   GLU A CG  1 
ATOM   41   C  CD  . GLU A 1 7   ? 12.200  -12.304 -8.213  1.00 16.08 ? 6   GLU A CD  1 
ATOM   42   O  OE1 . GLU A 1 7   ? 11.493  -13.199 -7.732  1.00 16.92 ? 6   GLU A OE1 1 
ATOM   43   O  OE2 . GLU A 1 7   ? 12.205  -12.052 -9.447  1.00 18.61 ? 6   GLU A OE2 1 
ATOM   44   N  N   . TRP A 1 8   ? 12.985  -11.270 -2.685  1.00 12.80 ? 7   TRP A N   1 
ATOM   45   C  CA  . TRP A 1 8   ? 12.494  -10.847 -1.383  1.00 12.11 ? 7   TRP A CA  1 
ATOM   46   C  C   . TRP A 1 8   ? 13.528  -9.968  -0.684  1.00 12.62 ? 7   TRP A C   1 
ATOM   47   O  O   . TRP A 1 8   ? 13.166  -8.995  -0.015  1.00 14.02 ? 7   TRP A O   1 
ATOM   48   C  CB  . TRP A 1 8   ? 12.181  -12.049 -0.464  1.00 13.03 ? 7   TRP A CB  1 
ATOM   49   C  CG  . TRP A 1 8   ? 10.927  -12.689 -0.757  1.00 13.44 ? 7   TRP A CG  1 
ATOM   50   C  CD1 . TRP A 1 8   ? 10.735  -14.009 -1.124  1.00 14.35 ? 7   TRP A CD1 1 
ATOM   51   C  CD2 . TRP A 1 8   ? 9.602   -12.103 -0.690  1.00 12.79 ? 7   TRP A CD2 1 
ATOM   52   N  NE1 . TRP A 1 8   ? 9.375   -14.258 -1.295  1.00 14.06 ? 7   TRP A NE1 1 
ATOM   53   C  CE2 . TRP A 1 8   ? 8.676   -13.105 -1.030  1.00 13.90 ? 7   TRP A CE2 1 
ATOM   54   C  CE3 . TRP A 1 8   ? 9.120   -10.842 -0.371  1.00 13.52 ? 7   TRP A CE3 1 
ATOM   55   C  CZ2 . TRP A 1 8   ? 7.315   -12.861 -1.105  1.00 13.97 ? 7   TRP A CZ2 1 
ATOM   56   C  CZ3 . TRP A 1 8   ? 7.769   -10.609 -0.428  1.00 13.33 ? 7   TRP A CZ3 1 
ATOM   57   C  CH2 . TRP A 1 8   ? 6.882   -11.601 -0.784  1.00 14.39 ? 7   TRP A CH2 1 
ATOM   58   N  N   . GLN A 1 9   ? 14.816  -10.305 -0.829  1.00 12.60 ? 8   GLN A N   1 
ATOM   59   C  CA  . GLN A 1 9   ? 15.861  -9.452  -0.234  1.00 14.23 ? 8   GLN A CA  1 
ATOM   60   C  C   . GLN A 1 9   ? 15.786  -8.028  -0.784  1.00 14.27 ? 8   GLN A C   1 
ATOM   61   O  O   . GLN A 1 9   ? 15.895  -7.046  -0.012  1.00 14.30 ? 8   GLN A O   1 
ATOM   62   C  CB  . GLN A 1 9   ? 17.247  -10.013 -0.405  1.00 15.71 ? 8   GLN A CB  1 
ATOM   63   C  CG  . GLN A 1 9   ? 18.292  -9.214  0.389   1.00 16.12 ? 8   GLN A CG  1 
ATOM   64   C  CD  . GLN A 1 9   ? 19.671  -9.755  0.175   1.00 18.82 ? 8   GLN A CD  1 
ATOM   65   O  OE1 . GLN A 1 9   ? 20.010  -10.116 -0.965  1.00 20.67 ? 8   GLN A OE1 1 
ATOM   66   N  NE2 . GLN A 1 9   ? 20.489  -9.813  1.236   1.00 17.36 ? 8   GLN A NE2 1 
ATOM   67   N  N   . LEU A 1 10  ? 15.583  -7.914  -2.098  1.00 14.04 ? 9   LEU A N   1 
ATOM   68   C  CA  . LEU A 1 10  ? 15.354  -6.604  -2.706  1.00 14.21 ? 9   LEU A CA  1 
ATOM   69   C  C   . LEU A 1 10  ? 14.170  -5.835  -2.170  1.00 13.46 ? 9   LEU A C   1 
ATOM   70   O  O   . LEU A 1 10  ? 14.284  -4.645  -1.853  1.00 13.18 ? 9   LEU A O   1 
ATOM   71   C  CB  . LEU A 1 10  ? 15.239  -6.732  -4.227  1.00 14.00 ? 9   LEU A CB  1 
ATOM   72   C  CG  . LEU A 1 10  ? 16.546  -6.964  -4.977  1.00 14.33 ? 9   LEU A CG  1 
ATOM   73   C  CD1 . LEU A 1 10  ? 16.272  -7.410  -6.395  1.00 13.66 ? 9   LEU A CD1 1 
ATOM   74   C  CD2 . LEU A 1 10  ? 17.496  -5.747  -4.866  1.00 16.05 ? 9   LEU A CD2 1 
ATOM   75   N  N   . VAL A 1 11  ? 13.066  -6.517  -2.072  1.00 12.24 ? 10  VAL A N   1 
ATOM   76   C  CA  . VAL A 1 11  ? 11.846  -5.956  -1.497  1.00 13.01 ? 10  VAL A CA  1 
ATOM   77   C  C   . VAL A 1 11  ? 12.132  -5.368  -0.077  1.00 12.35 ? 10  VAL A C   1 
ATOM   78   O  O   . VAL A 1 11  ? 11.714  -4.286  0.297   1.00 12.68 ? 10  VAL A O   1 
ATOM   79   C  CB  . VAL A 1 11  ? 10.716  -7.047  -1.418  1.00 12.54 ? 10  VAL A CB  1 
ATOM   80   C  CG1 . VAL A 1 11  ? 9.501   -6.572  -0.607  1.00 13.97 ? 10  VAL A CG1 1 
ATOM   81   C  CG2 . VAL A 1 11  ? 10.263  -7.495  -2.814  1.00 12.52 ? 10  VAL A CG2 1 
ATOM   82   N  N   . LEU A 1 12  ? 12.763  -6.166  0.765   1.00 11.60 ? 11  LEU A N   1 
ATOM   83   C  CA  . LEU A 1 12  ? 13.007  -5.763  2.110   1.00 11.47 ? 11  LEU A CA  1 
ATOM   84   C  C   . LEU A 1 12  ? 14.075  -4.665  2.283   1.00 13.11 ? 11  LEU A C   1 
ATOM   85   O  O   . LEU A 1 12  ? 13.976  -3.901  3.237   1.00 13.84 ? 11  LEU A O   1 
ATOM   86   C  CB  . LEU A 1 12  ? 13.244  -6.992  2.992   1.00 12.13 ? 11  LEU A CB  1 
ATOM   87   C  CG  . LEU A 1 12  ? 12.041  -7.980  3.061   1.00 12.87 ? 11  LEU A CG  1 
ATOM   88   C  CD1 . LEU A 1 12  ? 12.310  -9.158  3.953   1.00 13.88 ? 11  LEU A CD1 1 
ATOM   89   C  CD2 . LEU A 1 12  ? 10.750  -7.349  3.514   1.00 14.65 ? 11  LEU A CD2 1 
ATOM   90   N  N   . HIS A 1 13  ? 15.032  -4.577  1.377   1.00 13.01 ? 12  HIS A N   1 
ATOM   91   C  CA  . HIS A 1 13  ? 15.917  -3.441  1.268   1.00 14.56 ? 12  HIS A CA  1 
ATOM   92   C  C   . HIS A 1 13  ? 15.230  -2.165  0.848   1.00 13.18 ? 12  HIS A C   1 
ATOM   93   O  O   . HIS A 1 13  ? 15.518  -1.124  1.405   1.00 13.31 ? 12  HIS A O   1 
ATOM   94   C  CB  . HIS A 1 13  ? 17.147  -3.785  0.475   1.00 15.94 ? 12  HIS A CB  1 
ATOM   95   C  CG  . HIS A 1 13  ? 18.072  -4.693  1.250   1.00 21.43 ? 12  HIS A CG  1 
ATOM   96   N  ND1 . HIS A 1 13  ? 18.999  -5.522  0.647   1.00 25.38 ? 12  HIS A ND1 1 
ATOM   97   C  CD2 . HIS A 1 13  ? 18.165  -4.945  2.592   1.00 26.85 ? 12  HIS A CD2 1 
ATOM   98   C  CE1 . HIS A 1 13  ? 19.647  -6.219  1.585   1.00 26.74 ? 12  HIS A CE1 1 
ATOM   99   N  NE2 . HIS A 1 13  ? 19.155  -5.896  2.773   1.00 26.19 ? 12  HIS A NE2 1 
ATOM   100  N  N   . VAL A 1 14  ? 14.274  -2.270  -0.054  1.00 12.53 ? 13  VAL A N   1 
ATOM   101  C  CA  . VAL A 1 14  ? 13.433  -1.156  -0.382  1.00 12.94 ? 13  VAL A CA  1 
ATOM   102  C  C   . VAL A 1 14  ? 12.626  -0.777  0.862   1.00 13.21 ? 13  VAL A C   1 
ATOM   103  O  O   . VAL A 1 14  ? 12.510  0.428   1.177   1.00 12.90 ? 13  VAL A O   1 
ATOM   104  C  CB  . VAL A 1 14  ? 12.453  -1.435  -1.561  1.00 14.40 ? 13  VAL A CB  1 
ATOM   105  C  CG1 . VAL A 1 14  ? 11.562  -0.231  -1.823  1.00 15.79 ? 13  VAL A CG1 1 
ATOM   106  C  CG2 . VAL A 1 14  ? 13.187  -1.702  -2.861  1.00 15.42 ? 13  VAL A CG2 1 
ATOM   107  N  N   . TRP A 1 15  ? 12.061  -1.768  1.559   1.00 11.58 ? 14  TRP A N   1 
ATOM   108  C  CA  . TRP A 1 15  ? 11.199  -1.455  2.677   1.00 13.40 ? 14  TRP A CA  1 
ATOM   109  C  C   . TRP A 1 15  ? 11.986  -0.725  3.777   1.00 13.90 ? 14  TRP A C   1 
ATOM   110  O  O   . TRP A 1 15  ? 11.429  0.094   4.479   1.00 15.08 ? 14  TRP A O   1 
ATOM   111  C  CB  . TRP A 1 15  ? 10.510  -2.659  3.284   1.00 15.86 ? 14  TRP A CB  1 
ATOM   112  C  CG  . TRP A 1 15  ? 9.313   -2.231  4.047   1.00 15.63 ? 14  TRP A CG  1 
ATOM   113  C  CD1 . TRP A 1 15  ? 9.144   -2.202  5.367   1.00 19.20 ? 14  TRP A CD1 1 
ATOM   114  C  CD2 . TRP A 1 15  ? 8.144   -1.695  3.473   1.00 18.95 ? 14  TRP A CD2 1 
ATOM   115  N  NE1 . TRP A 1 15  ? 7.933   -1.715  5.683   1.00 19.03 ? 14  TRP A NE1 1 
ATOM   116  C  CE2 . TRP A 1 15  ? 7.277   -1.379  4.536   1.00 18.98 ? 14  TRP A CE2 1 
ATOM   117  C  CE3 . TRP A 1 15  ? 7.742   -1.492  2.191   1.00 19.53 ? 14  TRP A CE3 1 
ATOM   118  C  CZ2 . TRP A 1 15  ? 6.015   -0.838  4.333   1.00 20.90 ? 14  TRP A CZ2 1 
ATOM   119  C  CZ3 . TRP A 1 15  ? 6.472   -0.937  1.970   1.00 23.91 ? 14  TRP A CZ3 1 
ATOM   120  C  CH2 . TRP A 1 15  ? 5.633   -0.645  3.046   1.00 20.11 ? 14  TRP A CH2 1 
ATOM   121  N  N   . ALA A 1 16  ? 13.293  -0.992  3.880   1.00 13.09 ? 15  ALA A N   1 
ATOM   122  C  CA  . ALA A 1 16  ? 14.171  -0.328  4.893   1.00 13.77 ? 15  ALA A CA  1 
ATOM   123  C  C   . ALA A 1 16  ? 14.186  1.183   4.672   1.00 14.30 ? 15  ALA A C   1 
ATOM   124  O  O   . ALA A 1 16  ? 14.249  1.958   5.646   1.00 15.25 ? 15  ALA A O   1 
ATOM   125  C  CB  . ALA A 1 16  ? 15.584  -0.801  4.798   1.00 15.09 ? 15  ALA A CB  1 
ATOM   126  N  N   . LYS A 1 17  ? 14.055  1.593   3.399   1.00 14.62 ? 16  LYS A N   1 
ATOM   127  C  CA  . LYS A 1 17  ? 13.924  3.021   3.076   1.00 14.89 ? 16  LYS A CA  1 
ATOM   128  C  C   . LYS A 1 17  ? 12.654  3.636   3.659   1.00 14.93 ? 16  LYS A C   1 
ATOM   129  O  O   . LYS A 1 17  ? 12.665  4.696   4.211   1.00 14.55 ? 16  LYS A O   1 
ATOM   130  C  CB  . LYS A 1 17  ? 13.909  3.249   1.589   1.00 16.01 ? 16  LYS A CB  1 
ATOM   131  C  CG  . LYS A 1 17  ? 15.180  2.921   0.850   1.00 17.25 ? 16  LYS A CG  1 
ATOM   132  C  CD  . LYS A 1 17  ? 15.049  3.292   -0.584  1.00 19.32 ? 16  LYS A CD  1 
ATOM   133  C  CE  . LYS A 1 17  ? 15.978  2.542   -1.462  1.00 23.86 ? 16  LYS A CE  1 
ATOM   134  N  NZ  . LYS A 1 17  ? 17.330  2.883   -1.096  1.00 26.08 ? 16  LYS A NZ  1 
ATOM   135  N  N   . VAL A 1 18  ? 11.541  2.938   3.485   1.00 14.11 ? 17  VAL A N   1 
ATOM   136  C  CA  . VAL A 1 18  ? 10.286  3.354   4.030   1.00 15.04 ? 17  VAL A CA  1 
ATOM   137  C  C   . VAL A 1 18  ? 10.319  3.436   5.577   1.00 15.14 ? 17  VAL A C   1 
ATOM   138  O  O   . VAL A 1 18  ? 9.781   4.347   6.180   1.00 17.04 ? 17  VAL A O   1 
ATOM   139  C  CB  . VAL A 1 18  ? 9.205   2.309   3.587   1.00 15.83 ? 17  VAL A CB  1 
ATOM   140  C  CG1 . VAL A 1 18  ? 7.856   2.585   4.224   1.00 15.46 ? 17  VAL A CG1 1 
ATOM   141  C  CG2 . VAL A 1 18  ? 9.079   2.290   2.065   1.00 14.95 ? 17  VAL A CG2 1 
ATOM   142  N  N   . GLU A 1 19  ? 10.975  2.475   6.219   1.00 15.25 ? 18  GLU A N   1 
ATOM   143  C  CA  . GLU A 1 19  ? 11.000  2.420   7.654   1.00 16.13 ? 18  GLU A CA  1 
ATOM   144  C  C   . GLU A 1 19  ? 11.720  3.598   8.269   1.00 15.94 ? 18  GLU A C   1 
ATOM   145  O  O   . GLU A 1 19  ? 11.477  3.858   9.463   1.00 15.40 ? 18  GLU A O   1 
ATOM   146  C  CB  . GLU A 1 19  ? 11.629  1.142   8.140   1.00 18.18 ? 18  GLU A CB  1 
ATOM   147  C  CG  . GLU A 1 19  ? 10.705  -0.017  7.879   1.00 19.74 ? 18  GLU A CG  1 
ATOM   148  C  CD  . GLU A 1 19  ? 11.153  -1.311  8.493   1.00 23.54 ? 18  GLU A CD  1 
ATOM   149  O  OE1 . GLU A 1 19  ? 12.333  -1.445  8.708   1.00 29.99 ? 18  GLU A OE1 1 
ATOM   150  O  OE2 . GLU A 1 19  ? 10.333  -2.194  8.717   1.00 23.53 ? 18  GLU A OE2 1 
ATOM   151  N  N   . ALA A 1 20  ? 12.594  4.254   7.519   1.00 14.88 ? 19  ALA A N   1 
ATOM   152  C  CA  . ALA A 1 20  ? 13.247  5.483   8.010   1.00 16.51 ? 19  ALA A CA  1 
ATOM   153  C  C   . ALA A 1 20  ? 12.292  6.676   8.147   1.00 14.66 ? 19  ALA A C   1 
ATOM   154  O  O   . ALA A 1 20  ? 12.589  7.636   8.891   1.00 15.20 ? 19  ALA A O   1 
ATOM   155  C  CB  . ALA A 1 20  ? 14.478  5.838   7.215   1.00 17.12 ? 19  ALA A CB  1 
ATOM   156  N  N   . ASP A 1 21  ? 11.157  6.634   7.452   1.00 14.16 ? 20  ASP A N   1 
ATOM   157  C  CA  . ASP A 1 21  ? 10.138  7.700   7.626   1.00 14.24 ? 20  ASP A CA  1 
ATOM   158  C  C   . ASP A 1 21  ? 8.780   7.113   7.279   1.00 15.00 ? 20  ASP A C   1 
ATOM   159  O  O   . ASP A 1 21  ? 8.237   7.353   6.179   1.00 14.04 ? 20  ASP A O   1 
ATOM   160  C  CB  . ASP A 1 21  ? 10.467  8.941   6.771   1.00 13.70 ? 20  ASP A CB  1 
ATOM   161  C  CG  . ASP A 1 21  ? 9.451   10.094  6.954   1.00 14.63 ? 20  ASP A CG  1 
ATOM   162  O  OD1 . ASP A 1 21  ? 8.551   10.011  7.857   1.00 14.78 ? 20  ASP A OD1 1 
ATOM   163  O  OD2 . ASP A 1 21  ? 9.567   11.065  6.190   1.00 15.34 ? 20  ASP A OD2 1 
ATOM   164  N  N   . VAL A 1 22  ? 8.235   6.337   8.210   1.00 14.34 ? 21  VAL A N   1 
ATOM   165  C  CA  . VAL A 1 22  ? 7.011   5.583   7.889   1.00 13.86 ? 21  VAL A CA  1 
ATOM   166  C  C   . VAL A 1 22  ? 5.844   6.568   7.637   1.00 14.33 ? 21  VAL A C   1 
ATOM   167  O  O   . VAL A 1 22  ? 5.098   6.428   6.625   1.00 13.67 ? 21  VAL A O   1 
ATOM   168  C  CB  . VAL A 1 22  ? 6.622   4.592   8.999   1.00 15.99 ? 21  VAL A CB  1 
ATOM   169  C  CG1 . VAL A 1 22  ? 5.283   3.917   8.698   1.00 16.25 ? 21  VAL A CG1 1 
ATOM   170  C  CG2 . VAL A 1 22  ? 7.711   3.564   9.188   1.00 18.06 ? 21  VAL A CG2 1 
ATOM   171  N  N   . ALA A 1 23  ? 5.644   7.492   8.576   1.00 13.52 ? 22  ALA A N   1 
ATOM   172  C  CA  . ALA A 1 23  ? 4.542   8.454   8.491   1.00 14.64 ? 22  ALA A CA  1 
ATOM   173  C  C   . ALA A 1 23  ? 4.633   9.298   7.184   1.00 13.68 ? 22  ALA A C   1 
ATOM   174  O  O   . ALA A 1 23  ? 3.611   9.514   6.522   1.00 14.10 ? 22  ALA A O   1 
ATOM   175  C  CB  . ALA A 1 23  ? 4.465   9.315   9.748   1.00 15.37 ? 22  ALA A CB  1 
ATOM   176  N  N   . GLY A 1 24  ? 5.827   9.710   6.788   1.00 12.51 ? 23  GLY A N   1 
ATOM   177  C  CA  . GLY A 1 24  ? 6.057   10.504  5.551   1.00 12.49 ? 23  GLY A CA  1 
ATOM   178  C  C   . GLY A 1 24  ? 5.741   9.739   4.285   1.00 13.25 ? 23  GLY A C   1 
ATOM   179  O  O   . GLY A 1 24  ? 5.024   10.198  3.400   1.00 13.33 ? 23  GLY A O   1 
ATOM   180  N  N   . HIS A 1 25  ? 6.286   8.533   4.168   1.00 13.58 ? 24  HIS A N   1 
ATOM   181  C  CA  . HIS A 1 25  ? 5.961   7.679   3.043   1.00 13.06 ? 24  HIS A CA  1 
ATOM   182  C  C   . HIS A 1 25  ? 4.497   7.341   3.006   1.00 13.44 ? 24  HIS A C   1 
ATOM   183  O  O   . HIS A 1 25  ? 3.893   7.434   1.951   1.00 13.72 ? 24  HIS A O   1 
ATOM   184  C  CB  . HIS A 1 25  ? 6.750   6.367   3.103   1.00 12.55 ? 24  HIS A CB  1 
ATOM   185  C  CG  . HIS A 1 25  ? 8.166   6.464   2.673   1.00 13.53 ? 24  HIS A CG  1 
ATOM   186  N  ND1 . HIS A 1 25  ? 9.178   6.787   3.554   1.00 13.81 ? 24  HIS A ND1 1 
ATOM   187  C  CD2 . HIS A 1 25  ? 8.767   6.232   1.466   1.00 13.89 ? 24  HIS A CD2 1 
ATOM   188  C  CE1 . HIS A 1 25  ? 10.335  6.755   2.909   1.00 14.15 ? 24  HIS A CE1 1 
ATOM   189  N  NE2 . HIS A 1 25  ? 10.117  6.422   1.643   1.00 14.75 ? 24  HIS A NE2 1 
ATOM   190  N  N   . GLY A 1 26  ? 3.886   7.035   4.158   1.00 13.81 ? 25  GLY A N   1 
ATOM   191  C  CA  . GLY A 1 26  ? 2.489   6.627   4.169   1.00 13.68 ? 25  GLY A CA  1 
ATOM   192  C  C   . GLY A 1 26  ? 1.508   7.753   3.835   1.00 13.62 ? 25  GLY A C   1 
ATOM   193  O  O   . GLY A 1 26  ? 0.564   7.601   3.061   1.00 14.19 ? 25  GLY A O   1 
ATOM   194  N  N   . GLN A 1 27  ? 1.796   8.926   4.363   1.00 13.57 ? 26  GLN A N   1 
ATOM   195  C  CA  . GLN A 1 27  ? 1.026   10.104  3.992   1.00 14.75 ? 26  GLN A CA  1 
ATOM   196  C  C   . GLN A 1 27  ? 1.158   10.370  2.488   1.00 13.89 ? 26  GLN A C   1 
ATOM   197  O  O   . GLN A 1 27  ? 0.147   10.599  1.797   1.00 13.60 ? 26  GLN A O   1 
ATOM   198  C  CB  . GLN A 1 27  ? 1.501   11.295  4.755   1.00 16.25 ? 26  GLN A CB  1 
ATOM   199  C  CG  . GLN A 1 27  ? 0.439   12.398  4.697   1.00 17.86 ? 26  GLN A CG  1 
ATOM   200  C  CD  . GLN A 1 27  ? 0.883   13.735  5.256   1.00 17.76 ? 26  GLN A CD  1 
ATOM   201  O  OE1 . GLN A 1 27  ? 2.082   14.095  5.177   1.00 18.37 ? 26  GLN A OE1 1 
ATOM   202  N  NE2 . GLN A 1 27  ? -0.081  14.442  5.919   1.00 16.25 ? 26  GLN A NE2 1 
ATOM   203  N  N   . ASP A 1 28  ? 2.406   10.316  1.990   1.00 13.43 ? 27  ASP A N   1 
ATOM   204  C  CA  . ASP A 1 28  ? 2.627   10.583  0.532   1.00 14.24 ? 27  ASP A CA  1 
ATOM   205  C  C   . ASP A 1 28  ? 1.882   9.628   -0.356  1.00 12.67 ? 27  ASP A C   1 
ATOM   206  O  O   . ASP A 1 28  ? 1.304   10.069  -1.397  1.00 14.00 ? 27  ASP A O   1 
ATOM   207  C  CB  . ASP A 1 28  ? 4.119   10.586  0.108   1.00 14.77 ? 27  ASP A CB  1 
ATOM   208  C  CG  . ASP A 1 28  ? 4.899   11.800  0.613   1.00 16.32 ? 27  ASP A CG  1 
ATOM   209  O  OD1 . ASP A 1 28  ? 4.278   12.755  1.109   1.00 16.38 ? 27  ASP A OD1 1 
ATOM   210  O  OD2 . ASP A 1 28  ? 6.131   11.780  0.510   1.00 15.76 ? 27  ASP A OD2 1 
ATOM   211  N  N   . ILE A 1 29  ? 1.908   8.330   0.012   1.00 12.33 ? 28  ILE A N   1 
ATOM   212  C  CA  . ILE A 1 29  ? 1.184   7.270   -0.699  1.00 13.11 ? 28  ILE A CA  1 
ATOM   213  C  C   . ILE A 1 29  ? -0.312  7.552   -0.727  1.00 12.52 ? 28  ILE A C   1 
ATOM   214  O  O   . ILE A 1 29  ? -0.938  7.529   -1.817  1.00 12.87 ? 28  ILE A O   1 
ATOM   215  C  CB  . ILE A 1 29  ? 1.511   5.889   -0.128  1.00 13.96 ? 28  ILE A CB  1 
ATOM   216  C  CG1 . ILE A 1 29  ? 2.941   5.552   -0.498  1.00 14.87 ? 28  ILE A CG1 1 
ATOM   217  C  CG2 . ILE A 1 29  ? 0.541   4.822   -0.561  1.00 15.16 ? 28  ILE A CG2 1 
ATOM   218  C  CD1 . ILE A 1 29  ? 3.502   4.457   0.351   1.00 15.67 ? 28  ILE A CD1 1 
ATOM   219  N  N   . LEU A 1 30  ? -0.897  7.849   0.436   1.00 12.15 ? 29  LEU A N   1 
ATOM   220  C  CA  . LEU A 1 30  ? -2.341  8.125   0.463   1.00 12.10 ? 29  LEU A CA  1 
ATOM   221  C  C   . LEU A 1 30  ? -2.705  9.383   -0.299  1.00 12.22 ? 29  LEU A C   1 
ATOM   222  O  O   . LEU A 1 30  ? -3.757  9.402   -1.010  1.00 12.87 ? 29  LEU A O   1 
ATOM   223  C  CB  . LEU A 1 30  ? -2.841  8.207   1.916   1.00 13.29 ? 29  LEU A CB  1 
ATOM   224  C  CG  . LEU A 1 30  ? -2.756  6.826   2.619   1.00 13.93 ? 29  LEU A CG  1 
ATOM   225  C  CD1 . LEU A 1 30  ? -3.026  7.094   4.088   1.00 14.79 ? 29  LEU A CD1 1 
ATOM   226  C  CD2 . LEU A 1 30  ? -3.754  5.850   2.033   1.00 15.13 ? 29  LEU A CD2 1 
ATOM   227  N  N   . ILE A 1 31  ? -1.914  10.441  -0.160  1.00 13.09 ? 30  ILE A N   1 
ATOM   228  C  CA  . ILE A 1 31  ? -2.159  11.679  -0.972  1.00 13.88 ? 30  ILE A CA  1 
ATOM   229  C  C   . ILE A 1 31  ? -2.148  11.376  -2.500  1.00 14.05 ? 30  ILE A C   1 
ATOM   230  O  O   . ILE A 1 31  ? -3.041  11.802  -3.259  1.00 14.25 ? 30  ILE A O   1 
ATOM   231  C  CB  . ILE A 1 31  ? -1.195  12.800  -0.622  1.00 13.77 ? 30  ILE A CB  1 
ATOM   232  C  CG1 . ILE A 1 31  ? -1.461  13.287  0.817   1.00 15.43 ? 30  ILE A CG1 1 
ATOM   233  C  CG2 . ILE A 1 31  ? -1.275  13.958  -1.637  1.00 15.49 ? 30  ILE A CG2 1 
ATOM   234  C  CD1 . ILE A 1 31  ? -0.400  14.170  1.377   1.00 15.60 ? 30  ILE A CD1 1 
ATOM   235  N  N   . ARG A 1 32  ? -1.094  10.686  -2.970  1.00 13.31 ? 31  ARG A N   1 
ATOM   236  C  CA  . ARG A 1 32  ? -1.037  10.308  -4.387  1.00 14.32 ? 31  ARG A CA  1 
ATOM   237  C  C   . ARG A 1 32  ? -2.237  9.515   -4.780  1.00 13.84 ? 31  ARG A C   1 
ATOM   238  O  O   . ARG A 1 32  ? -2.825  9.722   -5.872  1.00 12.87 ? 31  ARG A O   1 
ATOM   239  C  CB  . ARG A 1 32  ? 0.272   9.514   -4.632  1.00 15.10 ? 31  ARG A CB  1 
ATOM   240  C  CG  . ARG A 1 32  ? 0.456   8.996   -6.057  1.00 17.82 ? 31  ARG A CG  1 
ATOM   241  C  CD  . ARG A 1 32  ? 0.783   10.104  -7.030  1.00 19.80 ? 31  ARG A CD  1 
ATOM   242  N  NE  . ARG A 1 32  ? 0.838   9.481   -8.356  1.00 23.23 ? 31  ARG A NE  1 
ATOM   243  C  CZ  . ARG A 1 32  ? 1.112   10.117  -9.476  1.00 28.75 ? 31  ARG A CZ  1 
ATOM   244  N  NH1 . ARG A 1 32  ? 1.311   11.431  -9.478  1.00 32.71 ? 31  ARG A NH1 1 
ATOM   245  N  NH2 . ARG A 1 32  ? 1.178   9.425   -10.605 1.00 28.67 ? 31  ARG A NH2 1 
ATOM   246  N  N   . LEU A 1 33  ? -2.647  8.561   -3.945  1.00 12.61 ? 32  LEU A N   1 
ATOM   247  C  CA  . LEU A 1 33  ? -3.840  7.792   -4.261  1.00 12.41 ? 32  LEU A CA  1 
ATOM   248  C  C   . LEU A 1 33  ? -5.121  8.636   -4.383  1.00 13.00 ? 32  LEU A C   1 
ATOM   249  O  O   . LEU A 1 33  ? -5.890  8.497   -5.367  1.00 14.13 ? 32  LEU A O   1 
ATOM   250  C  CB  . LEU A 1 33  ? -4.070  6.753   -3.143  1.00 12.22 ? 32  LEU A CB  1 
ATOM   251  C  CG  . LEU A 1 33  ? -5.254  5.789   -3.205  1.00 12.78 ? 32  LEU A CG  1 
ATOM   252  C  CD1 . LEU A 1 33  ? -5.170  4.825   -4.358  1.00 13.85 ? 32  LEU A CD1 1 
ATOM   253  C  CD2 . LEU A 1 33  ? -5.414  5.034   -1.930  1.00 14.47 ? 32  LEU A CD2 1 
ATOM   254  N  N   . PHE A 1 34  ? -5.276  9.525   -3.411  1.00 12.18 ? 33  PHE A N   1 
ATOM   255  C  CA  . PHE A 1 34  ? -6.450  10.386  -3.395  1.00 13.73 ? 33  PHE A CA  1 
ATOM   256  C  C   . PHE A 1 34  ? -6.479  11.335  -4.560  1.00 14.59 ? 33  PHE A C   1 
ATOM   257  O  O   . PHE A 1 34  ? -7.579  11.601  -5.085  1.00 15.25 ? 33  PHE A O   1 
ATOM   258  C  CB  . PHE A 1 34  ? -6.538  11.203  -2.066  1.00 14.82 ? 33  PHE A CB  1 
ATOM   259  C  CG  . PHE A 1 34  ? -6.739  10.392  -0.846  1.00 14.90 ? 33  PHE A CG  1 
ATOM   260  C  CD1 . PHE A 1 34  ? -7.267  9.096   -0.895  1.00 15.52 ? 33  PHE A CD1 1 
ATOM   261  C  CD2 . PHE A 1 34  ? -6.379  10.924  0.408   1.00 15.68 ? 33  PHE A CD2 1 
ATOM   262  C  CE1 . PHE A 1 34  ? -7.464  8.358   0.293   1.00 15.31 ? 33  PHE A CE1 1 
ATOM   263  C  CE2 . PHE A 1 34  ? -6.582  10.188  1.578   1.00 17.58 ? 33  PHE A CE2 1 
ATOM   264  C  CZ  . PHE A 1 34  ? -7.094  8.903   1.520   1.00 17.00 ? 33  PHE A CZ  1 
ATOM   265  N  N   . LYS A 1 35  ? -5.329  11.890  -4.908  1.00 14.89 ? 34  LYS A N   1 
ATOM   266  C  CA  . LYS A 1 35  ? -5.287  12.893  -6.004  1.00 17.73 ? 34  LYS A CA  1 
ATOM   267  C  C   . LYS A 1 35  ? -5.362  12.259  -7.392  1.00 16.14 ? 34  LYS A C   1 
ATOM   268  O  O   . LYS A 1 35  ? -6.072  12.744  -8.290  1.00 15.18 ? 34  LYS A O   1 
ATOM   269  C  CB  . LYS A 1 35  ? -4.033  13.743  -5.877  1.00 19.91 ? 34  LYS A CB  1 
ATOM   270  C  CG  . LYS A 1 35  ? -3.929  14.692  -4.665  1.00 25.99 ? 34  LYS A CG  1 
ATOM   271  C  CD  . LYS A 1 35  ? -5.199  15.431  -4.266  1.00 32.98 ? 34  LYS A CD  1 
ATOM   272  C  CE  . LYS A 1 35  ? -5.608  16.592  -5.153  1.00 37.12 ? 34  LYS A CE  1 
ATOM   273  N  NZ  . LYS A 1 35  ? -6.731  17.399  -4.526  1.00 39.64 ? 34  LYS A NZ  1 
ATOM   274  N  N   . SER A 1 36  ? -4.662  11.174  -7.593  1.00 14.06 ? 35  SER A N   1 
ATOM   275  C  CA  . SER A 1 36  ? -4.712  10.442  -8.851  1.00 15.93 ? 35  SER A CA  1 
ATOM   276  C  C   . SER A 1 36  ? -6.009  9.780   -9.089  1.00 14.61 ? 35  SER A C   1 
ATOM   277  O  O   . SER A 1 36  ? -6.414  9.673   -10.235 1.00 14.89 ? 35  SER A O   1 
ATOM   278  C  CB  . SER A 1 36  ? -3.615  9.382   -9.040  1.00 17.92 ? 35  SER A CB  1 
ATOM   279  O  OG  . SER A 1 36  ? -2.369  9.967   -8.784  1.00 23.01 ? 35  SER A OG  1 
ATOM   280  N  N   . HIS A 1 37  ? -6.701  9.363   -8.025  1.00 12.74 ? 36  HIS A N   1 
ATOM   281  C  CA  . HIS A 1 37  ? -7.962  8.544   -8.116  1.00 13.12 ? 36  HIS A CA  1 
ATOM   282  C  C   . HIS A 1 37  ? -8.951  9.036   -7.067  1.00 12.81 ? 36  HIS A C   1 
ATOM   283  O  O   . HIS A 1 37  ? -9.156  8.425   -6.010  1.00 13.13 ? 36  HIS A O   1 
ATOM   284  C  CB  . HIS A 1 37  ? -7.713  7.042   -7.951  1.00 14.11 ? 36  HIS A CB  1 
ATOM   285  C  CG  . HIS A 1 37  ? -6.671  6.529   -8.858  1.00 16.91 ? 36  HIS A CG  1 
ATOM   286  N  ND1 . HIS A 1 37  ? -6.911  6.272   -10.182 1.00 18.51 ? 36  HIS A ND1 1 
ATOM   287  C  CD2 . HIS A 1 37  ? -5.351  6.322   -8.660  1.00 19.54 ? 36  HIS A CD2 1 
ATOM   288  C  CE1 . HIS A 1 37  ? -5.808  5.821   -10.744 1.00 19.69 ? 36  HIS A CE1 1 
ATOM   289  N  NE2 . HIS A 1 37  ? -4.842  5.870   -9.847  1.00 20.81 ? 36  HIS A NE2 1 
ATOM   290  N  N   . PRO A 1 38  ? -9.608  10.173  -7.349  1.00 12.98 ? 37  PRO A N   1 
ATOM   291  C  CA  . PRO A 1 38  ? -10.488 10.775  -6.330  1.00 13.12 ? 37  PRO A CA  1 
ATOM   292  C  C   . PRO A 1 38  ? -11.592 9.892   -5.779  1.00 12.98 ? 37  PRO A C   1 
ATOM   293  O  O   . PRO A 1 38  ? -12.136 10.187  -4.686  1.00 14.87 ? 37  PRO A O   1 
ATOM   294  C  CB  . PRO A 1 38  ? -11.046 11.996  -7.056  1.00 12.91 ? 37  PRO A CB  1 
ATOM   295  C  CG  . PRO A 1 38  ? -9.978  12.331  -8.051  1.00 14.34 ? 37  PRO A CG  1 
ATOM   296  C  CD  . PRO A 1 38  ? -9.490  11.030  -8.561  1.00 12.79 ? 37  PRO A CD  1 
ATOM   297  N  N   . GLU A 1 39  ? -11.951 8.849   -6.507  1.00 13.93 ? 38  GLU A N   1 
ATOM   298  C  CA  . GLU A 1 39  ? -12.994 7.935   -6.022  1.00 13.59 ? 38  GLU A CA  1 
ATOM   299  C  C   . GLU A 1 39  ? -12.536 7.199   -4.749  1.00 14.72 ? 38  GLU A C   1 
ATOM   300  O  O   . GLU A 1 39  ? -13.366 6.669   -4.014  1.00 15.24 ? 38  GLU A O   1 
ATOM   301  C  CB  . GLU A 1 39  ? -13.344 6.923   -7.115  1.00 14.99 ? 38  GLU A CB  1 
ATOM   302  C  CG  . GLU A 1 39  ? -12.244 5.935   -7.531  1.00 14.11 ? 38  GLU A CG  1 
ATOM   303  C  CD  . GLU A 1 39  ? -11.337 6.431   -8.688  1.00 14.04 ? 38  GLU A CD  1 
ATOM   304  O  OE1 . GLU A 1 39  ? -11.023 7.633   -8.742  1.00 13.54 ? 38  GLU A OE1 1 
ATOM   305  O  OE2 . GLU A 1 39  ? -10.972 5.580   -9.549  1.00 15.23 ? 38  GLU A OE2 1 
ATOM   306  N  N   . THR A 1 40  ? -11.222 7.090   -4.563  1.00 14.15 ? 39  THR A N   1 
ATOM   307  C  CA  . THR A 1 40  ? -10.646 6.349   -3.413  1.00 13.98 ? 39  THR A CA  1 
ATOM   308  C  C   . THR A 1 40  ? -10.926 7.136   -2.105  1.00 15.06 ? 39  THR A C   1 
ATOM   309  O  O   . THR A 1 40  ? -11.246 6.558   -1.094  1.00 14.97 ? 39  THR A O   1 
ATOM   310  C  CB  . THR A 1 40  ? -9.149  6.072   -3.571  1.00 13.75 ? 39  THR A CB  1 
ATOM   311  O  OG1 . THR A 1 40  ? -8.360  7.264   -3.757  1.00 13.39 ? 39  THR A OG1 1 
ATOM   312  C  CG2 . THR A 1 40  ? -8.980  5.182   -4.777  1.00 14.15 ? 39  THR A CG2 1 
ATOM   313  N  N   . LEU A 1 41  ? -10.778 8.448   -2.193  1.00 13.77 ? 40  LEU A N   1 
ATOM   314  C  CA  . LEU A 1 41  ? -11.010 9.314   -1.058  1.00 15.23 ? 40  LEU A CA  1 
ATOM   315  C  C   . LEU A 1 41  ? -12.433 9.139   -0.582  1.00 16.58 ? 40  LEU A C   1 
ATOM   316  O  O   . LEU A 1 41  ? -12.695 9.113   0.632   1.00 16.11 ? 40  LEU A O   1 
ATOM   317  C  CB  . LEU A 1 41  ? -10.692 10.786  -1.403  1.00 15.92 ? 40  LEU A CB  1 
ATOM   318  C  CG  . LEU A 1 41  ? -10.915 11.842  -0.301  1.00 15.04 ? 40  LEU A CG  1 
ATOM   319  C  CD1 . LEU A 1 41  ? -10.090 11.517  0.930   1.00 15.18 ? 40  LEU A CD1 1 
ATOM   320  C  CD2 . LEU A 1 41  ? -10.577 13.277  -0.821  1.00 16.83 ? 40  LEU A CD2 1 
ATOM   321  N  N   . GLU A 1 42  ? -13.368 8.980   -1.524  1.00 17.53 ? 41  GLU A N   1 
ATOM   322  C  CA  . GLU A 1 42  ? -14.781 8.823   -1.135  1.00 20.55 ? 41  GLU A CA  1 
ATOM   323  C  C   . GLU A 1 42  ? -15.067 7.635   -0.241  1.00 19.48 ? 41  GLU A C   1 
ATOM   324  O  O   . GLU A 1 42  ? -16.007 7.658   0.493   1.00 20.36 ? 41  GLU A O   1 
ATOM   325  C  CB  . GLU A 1 42  ? -15.674 8.663   -2.348  1.00 23.90 ? 41  GLU A CB  1 
ATOM   326  C  CG  . GLU A 1 42  ? -15.972 9.920   -2.974  1.00 29.01 ? 41  GLU A CG  1 
ATOM   327  C  CD  . GLU A 1 42  ? -17.141 10.632  -2.312  1.00 29.49 ? 41  GLU A CD  1 
ATOM   328  O  OE1 . GLU A 1 42  ? -18.371 10.401  -2.650  1.00 34.55 ? 41  GLU A OE1 1 
ATOM   329  O  OE2 . GLU A 1 42  ? -16.780 11.449  -1.500  1.00 26.38 ? 41  GLU A OE2 1 
ATOM   330  N  N   . LYS A 1 43  ? -14.216 6.606   -0.277  1.00 16.26 ? 42  LYS A N   1 
ATOM   331  C  CA  . LYS A 1 43  ? -14.385 5.490   0.580   1.00 16.49 ? 42  LYS A CA  1 
ATOM   332  C  C   . LYS A 1 43  ? -14.042 5.753   2.055   1.00 16.83 ? 42  LYS A C   1 
ATOM   333  O  O   . LYS A 1 43  ? -14.367 4.904   2.879   1.00 18.11 ? 42  LYS A O   1 
ATOM   334  C  CB  . LYS A 1 43  ? -13.562 4.296   0.066   1.00 19.06 ? 42  LYS A CB  1 
ATOM   335  C  CG  . LYS A 1 43  ? -14.032 3.761   -1.290  1.00 19.80 ? 42  LYS A CG  1 
ATOM   336  C  CD  . LYS A 1 43  ? -15.348 3.029   -1.160  1.00 20.00 ? 42  LYS A CD  1 
ATOM   337  C  CE  . LYS A 1 43  ? -15.736 2.516   -2.514  1.00 22.68 ? 42  LYS A CE  1 
ATOM   338  N  NZ  . LYS A 1 43  ? -16.964 1.686   -2.338  1.00 21.93 ? 42  LYS A NZ  1 
ATOM   339  N  N   . PHE A 1 44  ? -13.409 6.887   2.372   1.00 15.43 ? 43  PHE A N   1 
ATOM   340  C  CA  . PHE A 1 44  ? -12.913 7.209   3.734   1.00 15.56 ? 43  PHE A CA  1 
ATOM   341  C  C   . PHE A 1 44  ? -13.788 8.306   4.285   1.00 17.17 ? 43  PHE A C   1 
ATOM   342  O  O   . PHE A 1 44  ? -13.553 9.497   4.063   1.00 17.41 ? 43  PHE A O   1 
ATOM   343  C  CB  . PHE A 1 44  ? -11.490 7.734   3.723   1.00 15.08 ? 43  PHE A CB  1 
ATOM   344  C  CG  . PHE A 1 44  ? -10.426 6.710   3.453   1.00 14.27 ? 43  PHE A CG  1 
ATOM   345  C  CD1 . PHE A 1 44  ? -10.032 6.440   2.121   1.00 15.65 ? 43  PHE A CD1 1 
ATOM   346  C  CD2 . PHE A 1 44  ? -9.759  6.085   4.507   1.00 14.80 ? 43  PHE A CD2 1 
ATOM   347  C  CE1 . PHE A 1 44  ? -9.004  5.526   1.858   1.00 14.21 ? 43  PHE A CE1 1 
ATOM   348  C  CE2 . PHE A 1 44  ? -8.686  5.188   4.234   1.00 14.16 ? 43  PHE A CE2 1 
ATOM   349  C  CZ  . PHE A 1 44  ? -8.372  4.918   2.912   1.00 14.30 ? 43  PHE A CZ  1 
ATOM   350  N  N   . ASP A 1 45  ? -14.829 7.928   5.032   1.00 20.42 ? 44  ASP A N   1 
ATOM   351  C  CA  . ASP A 1 45  ? -15.545 8.928   5.810   1.00 21.80 ? 44  ASP A CA  1 
ATOM   352  C  C   . ASP A 1 45  ? -14.588 9.707   6.672   1.00 18.67 ? 44  ASP A C   1 
ATOM   353  O  O   . ASP A 1 45  ? -14.804 10.860  6.964   1.00 18.48 ? 44  ASP A O   1 
ATOM   354  C  CB  . ASP A 1 45  ? -16.603 8.283   6.755   1.00 25.72 ? 44  ASP A CB  1 
ATOM   355  C  CG  . ASP A 1 45  ? -17.804 7.742   6.004   1.00 31.27 ? 44  ASP A CG  1 
ATOM   356  O  OD1 . ASP A 1 45  ? -18.139 8.232   4.929   1.00 36.08 ? 44  ASP A OD1 1 
ATOM   357  O  OD2 . ASP A 1 45  ? -18.425 6.820   6.520   1.00 39.64 ? 44  ASP A OD2 1 
ATOM   358  N  N   . ARG A 1 46  ? -13.528 9.061   7.135   1.00 17.00 ? 45  ARG A N   1 
ATOM   359  C  CA  . ARG A 1 46  ? -12.505 9.710   7.951   1.00 16.26 ? 45  ARG A CA  1 
ATOM   360  C  C   . ARG A 1 46  ? -11.714 10.914  7.298   1.00 14.96 ? 45  ARG A C   1 
ATOM   361  O  O   . ARG A 1 46  ? -11.123 11.780  8.005   1.00 14.19 ? 45  ARG A O   1 
ATOM   362  C  CB  . ARG A 1 46  ? -11.571 8.593   8.347   1.00 15.64 ? 45  ARG A CB  1 
ATOM   363  C  CG  . ARG A 1 46  ? -10.468 8.985   9.292   1.00 16.19 ? 45  ARG A CG  1 
ATOM   364  C  CD  . ARG A 1 46  ? -9.748  7.709   9.732   1.00 16.47 ? 45  ARG A CD  1 
ATOM   365  N  NE  . ARG A 1 46  ? -8.464  8.040   10.348  1.00 16.64 ? 45  ARG A NE  1 
ATOM   366  C  CZ  . ARG A 1 46  ? -7.491  7.140   10.614  1.00 18.51 ? 45  ARG A CZ  1 
ATOM   367  N  NH1 . ARG A 1 46  ? -7.675  5.857   10.313  1.00 16.89 ? 45  ARG A NH1 1 
ATOM   368  N  NH2 . ARG A 1 46  ? -6.320  7.517   11.123  1.00 16.90 ? 45  ARG A NH2 1 
ATOM   369  N  N   . PHE A 1 47  ? -11.677 10.963  5.957   1.00 13.96 ? 46  PHE A N   1 
ATOM   370  C  CA  . PHE A 1 47  ? -10.834 11.867  5.195   1.00 14.83 ? 46  PHE A CA  1 
ATOM   371  C  C   . PHE A 1 47  ? -11.599 12.619  4.116   1.00 13.50 ? 46  PHE A C   1 
ATOM   372  O  O   . PHE A 1 47  ? -11.062 13.526  3.495   1.00 14.47 ? 46  PHE A O   1 
ATOM   373  C  CB  . PHE A 1 47  ? -9.624  11.098  4.562   1.00 14.52 ? 46  PHE A CB  1 
ATOM   374  C  CG  . PHE A 1 47  ? -8.709  10.543  5.594   1.00 14.66 ? 46  PHE A CG  1 
ATOM   375  C  CD1 . PHE A 1 47  ? -8.165  11.398  6.545   1.00 15.20 ? 46  PHE A CD1 1 
ATOM   376  C  CD2 . PHE A 1 47  ? -8.379  9.207   5.623   1.00 14.34 ? 46  PHE A CD2 1 
ATOM   377  C  CE1 . PHE A 1 47  ? -7.346  10.924  7.563   1.00 14.27 ? 46  PHE A CE1 1 
ATOM   378  C  CE2 . PHE A 1 47  ? -7.560  8.734   6.610   1.00 15.67 ? 46  PHE A CE2 1 
ATOM   379  C  CZ  . PHE A 1 47  ? -7.040  9.586   7.582   1.00 14.67 ? 46  PHE A CZ  1 
ATOM   380  N  N   . LYS A 1 48  ? -12.854 12.293  3.886   1.00 15.56 ? 47  LYS A N   1 
ATOM   381  C  CA  . LYS A 1 48  ? -13.504 12.932  2.741   1.00 18.03 ? 47  LYS A CA  1 
ATOM   382  C  C   . LYS A 1 48  ? -13.785 14.427  2.883   1.00 18.23 ? 47  LYS A C   1 
ATOM   383  O  O   . LYS A 1 48  ? -14.028 15.095  1.870   1.00 19.08 ? 47  LYS A O   1 
ATOM   384  C  CB  . LYS A 1 48  ? -14.713 12.090  2.276   1.00 22.40 ? 47  LYS A CB  1 
ATOM   385  C  CG  . LYS A 1 48  ? -15.852 12.077  3.210   1.00 26.68 ? 47  LYS A CG  1 
ATOM   386  C  CD  . LYS A 1 48  ? -16.876 11.101  2.671   1.00 29.93 ? 47  LYS A CD  1 
ATOM   387  C  CE  . LYS A 1 48  ? -18.050 11.072  3.607   1.00 34.13 ? 47  LYS A CE  1 
ATOM   388  N  NZ  . LYS A 1 48  ? -19.007 10.148  2.953   1.00 40.63 ? 47  LYS A NZ  1 
ATOM   389  N  N   . HIS A 1 49  ? -13.595 15.008  4.062   1.00 16.54 ? 48  HIS A N   1 
ATOM   390  C  CA  . HIS A 1 49  ? -13.539 16.479  4.215   1.00 18.66 ? 48  HIS A CA  1 
ATOM   391  C  C   . HIS A 1 49  ? -12.330 17.135  3.576   1.00 20.10 ? 48  HIS A C   1 
ATOM   392  O  O   . HIS A 1 49  ? -12.310 18.345  3.439   1.00 22.94 ? 48  HIS A O   1 
ATOM   393  C  CB  . HIS A 1 49  ? -13.543 16.925  5.671   1.00 19.59 ? 48  HIS A CB  1 
ATOM   394  C  CG  . HIS A 1 49  ? -12.285 16.611  6.406   1.00 18.35 ? 48  HIS A CG  1 
ATOM   395  N  ND1 . HIS A 1 49  ? -11.882 15.316  6.651   1.00 16.78 ? 48  HIS A ND1 1 
ATOM   396  C  CD2 . HIS A 1 49  ? -11.308 17.413  6.893   1.00 18.39 ? 48  HIS A CD2 1 
ATOM   397  C  CE1 . HIS A 1 49  ? -10.723 15.339  7.290   1.00 20.20 ? 48  HIS A CE1 1 
ATOM   398  N  NE2 . HIS A 1 49  ? -10.352 16.597  7.442   1.00 17.54 ? 48  HIS A NE2 1 
ATOM   399  N  N   . LEU A 1 50  ? -11.316 16.369  3.224   1.00 16.52 ? 49  LEU A N   1 
ATOM   400  C  CA  . LEU A 1 50  ? -10.121 16.980  2.726   1.00 18.86 ? 49  LEU A CA  1 
ATOM   401  C  C   . LEU A 1 50  ? -10.329 17.321  1.258   1.00 20.88 ? 49  LEU A C   1 
ATOM   402  O  O   . LEU A 1 50  ? -10.627 16.456  0.496   1.00 24.51 ? 49  LEU A O   1 
ATOM   403  C  CB  . LEU A 1 50  ? -8.905  16.042  2.868   1.00 18.85 ? 49  LEU A CB  1 
ATOM   404  C  CG  . LEU A 1 50  ? -8.468  15.756  4.323   1.00 19.53 ? 49  LEU A CG  1 
ATOM   405  C  CD1 . LEU A 1 50  ? -7.568  14.521  4.304   1.00 19.53 ? 49  LEU A CD1 1 
ATOM   406  C  CD2 . LEU A 1 50  ? -7.761  16.934  5.017   1.00 18.85 ? 49  LEU A CD2 1 
ATOM   407  N  N   . LYS A 1 51  ? -10.178 18.578  0.877   1.00 20.17 ? 50  LYS A N   1 
ATOM   408  C  CA  . LYS A 1 51  ? -10.473 18.962  -0.518  1.00 23.04 ? 50  LYS A CA  1 
ATOM   409  C  C   . LYS A 1 51  ? -9.169  19.193  -1.285  1.00 24.17 ? 50  LYS A C   1 
ATOM   410  O  O   . LYS A 1 51  ? -8.950  18.624  -2.357  1.00 29.75 ? 50  LYS A O   1 
ATOM   411  C  CB  . LYS A 1 51  ? -11.426 20.157  -0.498  1.00 26.62 ? 50  LYS A CB  1 
ATOM   412  C  CG  . LYS A 1 51  ? -12.629 19.731  0.392   1.00 36.58 ? 50  LYS A CG  1 
ATOM   413  C  CD  . LYS A 1 51  ? -14.039 20.249  0.121   1.00 46.49 ? 50  LYS A CD  1 
ATOM   414  C  CE  . LYS A 1 51  ? -15.055 19.466  0.986   1.00 48.77 ? 50  LYS A CE  1 
ATOM   415  N  NZ  . LYS A 1 51  ? -15.783 20.377  1.914   1.00 54.69 ? 50  LYS A NZ  1 
ATOM   416  N  N   . THR A 1 52  ? -8.233  19.839  -0.664  1.00 18.08 ? 51  THR A N   1 
ATOM   417  C  CA  . THR A 1 52  ? -7.013  20.251  -1.363  1.00 17.10 ? 51  THR A CA  1 
ATOM   418  C  C   . THR A 1 52  ? -5.843  19.426  -0.853  1.00 15.48 ? 51  THR A C   1 
ATOM   419  O  O   . THR A 1 52  ? -5.866  18.885  0.265   1.00 14.36 ? 51  THR A O   1 
ATOM   420  C  CB  . THR A 1 52  ? -6.648  21.705  -1.066  1.00 16.92 ? 51  THR A CB  1 
ATOM   421  O  OG1 . THR A 1 52  ? -6.239  21.851  0.312   1.00 15.44 ? 51  THR A OG1 1 
ATOM   422  C  CG2 . THR A 1 52  ? -7.804  22.575  -1.314  1.00 16.26 ? 51  THR A CG2 1 
ATOM   423  N  N   . GLU A 1 53  ? -4.843  19.298  -1.705  1.00 14.72 ? 52  GLU A N   1 
ATOM   424  C  CA  . GLU A 1 53  ? -3.616  18.685  -1.313  1.00 16.12 ? 52  GLU A CA  1 
ATOM   425  C  C   . GLU A 1 53  ? -2.968  19.337  -0.078  1.00 15.73 ? 52  GLU A C   1 
ATOM   426  O  O   . GLU A 1 53  ? -2.383  18.659  0.780   1.00 14.61 ? 52  GLU A O   1 
ATOM   427  C  CB  . GLU A 1 53  ? -2.655  18.629  -2.499  1.00 19.62 ? 52  GLU A CB  1 
ATOM   428  C  CG  . GLU A 1 53  ? -1.412  17.806  -2.177  1.00 20.11 ? 52  GLU A CG  1 
ATOM   429  C  CD  . GLU A 1 53  ? -0.489  17.526  -3.354  1.00 22.79 ? 52  GLU A CD  1 
ATOM   430  O  OE1 . GLU A 1 53  ? -0.928  17.520  -4.513  1.00 21.89 ? 52  GLU A OE1 1 
ATOM   431  O  OE2 . GLU A 1 53  ? 0.662   17.213  -3.040  1.00 25.19 ? 52  GLU A OE2 1 
ATOM   432  N  N   . ALA A 1 54  ? -3.071  20.650  0.049   1.00 13.82 ? 53  ALA A N   1 
ATOM   433  C  CA  . ALA A 1 54  ? -2.507  21.273  1.225   1.00 13.45 ? 53  ALA A CA  1 
ATOM   434  C  C   . ALA A 1 54  ? -3.182  20.792  2.515   1.00 14.37 ? 53  ALA A C   1 
ATOM   435  O  O   . ALA A 1 54  ? -2.511  20.567  3.550   1.00 14.28 ? 53  ALA A O   1 
ATOM   436  C  CB  . ALA A 1 54  ? -2.652  22.777  1.079   1.00 13.94 ? 53  ALA A CB  1 
ATOM   437  N  N   . GLU A 1 55  ? -4.501  20.638  2.476   1.00 13.37 ? 54  GLU A N   1 
ATOM   438  C  CA  . GLU A 1 55  ? -5.226  20.111  3.634   1.00 15.12 ? 54  GLU A CA  1 
ATOM   439  C  C   . GLU A 1 55  ? -4.765  18.672  3.938   1.00 15.28 ? 54  GLU A C   1 
ATOM   440  O  O   . GLU A 1 55  ? -4.603  18.322  5.111   1.00 15.05 ? 54  GLU A O   1 
ATOM   441  C  CB  . GLU A 1 55  ? -6.730  20.131  3.421   1.00 16.47 ? 54  GLU A CB  1 
ATOM   442  C  CG  . GLU A 1 55  ? -7.292  21.538  3.396   1.00 19.28 ? 54  GLU A CG  1 
ATOM   443  C  CD  . GLU A 1 55  ? -8.745  21.612  3.050   1.00 22.38 ? 54  GLU A CD  1 
ATOM   444  O  OE1 . GLU A 1 55  ? -9.266  20.762  2.297   1.00 23.16 ? 54  GLU A OE1 1 
ATOM   445  O  OE2 . GLU A 1 55  ? -9.374  22.627  3.494   1.00 28.26 ? 54  GLU A OE2 1 
ATOM   446  N  N   . MET A 1 56  ? -4.537  17.880  2.892   1.00 13.84 ? 55  MET A N   1 
ATOM   447  C  CA  . MET A 1 56  ? -4.095  16.521  3.094   1.00 13.68 ? 55  MET A CA  1 
ATOM   448  C  C   . MET A 1 56  ? -2.727  16.532  3.755   1.00 13.99 ? 55  MET A C   1 
ATOM   449  O  O   . MET A 1 56  ? -2.496  15.781  4.669   1.00 14.01 ? 55  MET A O   1 
ATOM   450  C  CB  . MET A 1 56  ? -4.022  15.756  1.771   1.00 14.47 ? 55  MET A CB  1 
ATOM   451  C  CG  . MET A 1 56  ? -5.369  15.636  1.069   1.00 16.32 ? 55  MET A CG  1 
ATOM   452  S  SD  . MET A 1 56  ? -5.212  14.821  -0.553  1.00 16.93 ? 55  MET A SD  1 
ATOM   453  C  CE  . MET A 1 56  ? -6.978  14.759  -0.981  1.00 19.79 ? 55  MET A CE  1 
ATOM   454  N  N   . LYS A 1 57  ? -1.805  17.348  3.219   1.00 14.48 ? 56  LYS A N   1 
ATOM   455  C  CA  . LYS A 1 57  ? -0.467  17.434  3.764   1.00 16.13 ? 56  LYS A CA  1 
ATOM   456  C  C   . LYS A 1 57  ? -0.452  17.886  5.221   1.00 15.79 ? 56  LYS A C   1 
ATOM   457  O  O   . LYS A 1 57  ? 0.356   17.414  6.039   1.00 16.12 ? 56  LYS A O   1 
ATOM   458  C  CB  . LYS A 1 57  ? 0.341   18.353  2.853   1.00 19.58 ? 56  LYS A CB  1 
ATOM   459  C  CG  . LYS A 1 57  ? 1.837   18.240  3.015   1.00 27.92 ? 56  LYS A CG  1 
ATOM   460  C  CD  . LYS A 1 57  ? 2.401   17.005  2.327   1.00 30.99 ? 56  LYS A CD  1 
ATOM   461  C  CE  . LYS A 1 57  ? 3.902   17.220  2.012   1.00 36.63 ? 56  LYS A CE  1 
ATOM   462  N  NZ  . LYS A 1 57  ? 4.828   16.868  3.153   1.00 40.60 ? 56  LYS A NZ  1 
ATOM   463  N  N   . ALA A 1 58  ? -1.357  18.749  5.583   1.00 13.67 ? 57  ALA A N   1 
ATOM   464  C  CA  . ALA A 1 58  ? -1.478  19.259  6.914   1.00 15.98 ? 57  ALA A CA  1 
ATOM   465  C  C   . ALA A 1 58  ? -2.243  18.367  7.891   1.00 16.00 ? 57  ALA A C   1 
ATOM   466  O  O   . ALA A 1 58  ? -2.319  18.663  9.072   1.00 15.11 ? 57  ALA A O   1 
ATOM   467  C  CB  . ALA A 1 58  ? -2.115  20.629  6.828   1.00 19.20 ? 57  ALA A CB  1 
ATOM   468  N  N   . SER A 1 59  ? -2.819  17.278  7.393   1.00 13.56 ? 58  SER A N   1 
ATOM   469  C  CA  . SER A 1 59  ? -3.647  16.384  8.219   1.00 13.61 ? 58  SER A CA  1 
ATOM   470  C  C   . SER A 1 59  ? -2.798  15.441  9.039   1.00 13.58 ? 58  SER A C   1 
ATOM   471  O  O   . SER A 1 59  ? -2.206  14.507  8.509   1.00 13.26 ? 58  SER A O   1 
ATOM   472  C  CB  . SER A 1 59  ? -4.684  15.576  7.450   1.00 13.15 ? 58  SER A CB  1 
ATOM   473  O  OG  . SER A 1 59  ? -5.272  14.610  8.271   1.00 13.04 ? 58  SER A OG  1 
ATOM   474  N  N   . GLU A 1 60  ? -2.754  15.676  10.333  1.00 13.53 ? 59  GLU A N   1 
ATOM   475  C  CA  . GLU A 1 60  ? -2.004  14.784  11.191  1.00 13.85 ? 59  GLU A CA  1 
ATOM   476  C  C   . GLU A 1 60  ? -2.632  13.408  11.263  1.00 13.33 ? 59  GLU A C   1 
ATOM   477  O  O   . GLU A 1 60  ? -1.886  12.387  11.381  1.00 14.29 ? 59  GLU A O   1 
ATOM   478  C  CB  . GLU A 1 60  ? -1.799  15.382  12.569  1.00 16.56 ? 59  GLU A CB  1 
ATOM   479  C  CG  . GLU A 1 60  ? -1.039  16.725  12.533  1.00 16.39 ? 59  GLU A CG  1 
ATOM   480  C  CD  . GLU A 1 60  ? 0.379   16.605  11.990  1.00 18.63 ? 59  GLU A CD  1 
ATOM   481  O  OE1 . GLU A 1 60  ? 0.777   17.627  11.436  1.00 28.16 ? 59  GLU A OE1 1 
ATOM   482  O  OE2 . GLU A 1 60  ? 1.099   15.615  12.180  1.00 19.12 ? 59  GLU A OE2 1 
ATOM   483  N  N   . ASP A 1 61  ? -3.958  13.346  11.206  1.00 12.15 ? 60  ASP A N   1 
ATOM   484  C  CA  . ASP A 1 61  ? -4.665  12.090  11.174  1.00 13.63 ? 60  ASP A CA  1 
ATOM   485  C  C   . ASP A 1 61  ? -4.373  11.248  9.905   1.00 12.33 ? 60  ASP A C   1 
ATOM   486  O  O   . ASP A 1 61  ? -4.375  10.026  9.977   1.00 12.42 ? 60  ASP A O   1 
ATOM   487  C  CB  . ASP A 1 61  ? -6.168  12.263  11.397  1.00 14.47 ? 60  ASP A CB  1 
ATOM   488  C  CG  . ASP A 1 61  ? -6.850  10.974  11.727  1.00 15.02 ? 60  ASP A CG  1 
ATOM   489  O  OD1 . ASP A 1 61  ? -6.397  10.346  12.684  1.00 14.79 ? 60  ASP A OD1 1 
ATOM   490  O  OD2 . ASP A 1 61  ? -7.861  10.634  11.075  1.00 14.87 ? 60  ASP A OD2 1 
ATOM   491  N  N   . LEU A 1 62  ? -4.155  11.898  8.740   1.00 12.18 ? 61  LEU A N   1 
ATOM   492  C  CA  . LEU A 1 62  ? -3.744  11.202  7.533   1.00 12.76 ? 61  LEU A CA  1 
ATOM   493  C  C   . LEU A 1 62  ? -2.376  10.548  7.694   1.00 12.01 ? 61  LEU A C   1 
ATOM   494  O  O   . LEU A 1 62  ? -2.144  9.424   7.222   1.00 13.61 ? 61  LEU A O   1 
ATOM   495  C  CB  . LEU A 1 62  ? -3.773  12.133  6.311   1.00 13.29 ? 61  LEU A CB  1 
ATOM   496  C  CG  . LEU A 1 62  ? -3.669  11.460  4.922   1.00 13.79 ? 61  LEU A CG  1 
ATOM   497  C  CD1 . LEU A 1 62  ? -4.718  10.347  4.718   1.00 15.05 ? 61  LEU A CD1 1 
ATOM   498  C  CD2 . LEU A 1 62  ? -3.781  12.539  3.839   1.00 14.63 ? 61  LEU A CD2 1 
ATOM   499  N  N   . LYS A 1 63  ? -1.441  11.244  8.340   1.00 13.15 ? 62  LYS A N   1 
ATOM   500  C  CA  . LYS A 1 63  ? -0.165  10.642  8.732   1.00 14.22 ? 62  LYS A CA  1 
ATOM   501  C  C   . LYS A 1 63  ? -0.364  9.399   9.572   1.00 12.85 ? 62  LYS A C   1 
ATOM   502  O  O   . LYS A 1 63  ? 0.278   8.387   9.326   1.00 12.75 ? 62  LYS A O   1 
ATOM   503  C  CB  . LYS A 1 63  ? 0.733   11.664  9.479   1.00 17.59 ? 62  LYS A CB  1 
ATOM   504  C  CG  . LYS A 1 63  ? 1.338   12.692  8.537   1.00 22.76 ? 62  LYS A CG  1 
ATOM   505  C  CD  . LYS A 1 63  ? 1.911   13.991  9.201   1.00 27.38 ? 62  LYS A CD  1 
ATOM   506  C  CE  . LYS A 1 63  ? 3.034   13.745  10.230  1.00 32.37 ? 62  LYS A CE  1 
ATOM   507  N  NZ  . LYS A 1 63  ? 3.632   15.035  10.824  1.00 37.92 ? 62  LYS A NZ  1 
ATOM   508  N  N   . LYS A 1 64  ? -1.271  9.461   10.558  1.00 11.88 ? 63  LYS A N   1 
ATOM   509  C  CA  . LYS A 1 64  ? -1.550  8.330   11.405  1.00 12.83 ? 63  LYS A CA  1 
ATOM   510  C  C   . LYS A 1 64  ? -2.104  7.135   10.593  1.00 13.30 ? 63  LYS A C   1 
ATOM   511  O  O   . LYS A 1 64  ? -1.645  6.007   10.777  1.00 13.11 ? 63  LYS A O   1 
ATOM   512  C  CB  . LYS A 1 64  ? -2.455  8.786   12.536  1.00 13.03 ? 63  LYS A CB  1 
ATOM   513  C  CG  . LYS A 1 64  ? -2.863  7.711   13.516  1.00 14.08 ? 63  LYS A CG  1 
ATOM   514  C  CD  . LYS A 1 64  ? -3.963  8.255   14.414  1.00 15.37 ? 63  LYS A CD  1 
ATOM   515  C  CE  . LYS A 1 64  ? -4.333  7.203   15.444  1.00 16.23 ? 63  LYS A CE  1 
ATOM   516  N  NZ  . LYS A 1 64  ? -5.455  7.754   16.241  1.00 17.98 ? 63  LYS A NZ  1 
ATOM   517  N  N   . ALA A 1 65  ? -3.055  7.396   9.700   1.00 13.96 ? 64  ALA A N   1 
ATOM   518  C  CA  . ALA A 1 65  ? -3.542  6.375   8.778   1.00 12.89 ? 64  ALA A CA  1 
ATOM   519  C  C   . ALA A 1 65  ? -2.407  5.798   7.958   1.00 13.00 ? 64  ALA A C   1 
ATOM   520  O  O   . ALA A 1 65  ? -2.360  4.606   7.723   1.00 12.40 ? 64  ALA A O   1 
ATOM   521  C  CB  . ALA A 1 65  ? -4.594  6.940   7.875   1.00 13.27 ? 64  ALA A CB  1 
ATOM   522  N  N   . GLY A 1 66  ? -1.472  6.637   7.517   1.00 11.65 ? 65  GLY A N   1 
ATOM   523  C  CA  . GLY A 1 66  ? -0.291  6.179   6.767   1.00 12.47 ? 65  GLY A CA  1 
ATOM   524  C  C   . GLY A 1 66  ? 0.573   5.230   7.596   1.00 12.31 ? 65  GLY A C   1 
ATOM   525  O  O   . GLY A 1 66  ? 0.985   4.150   7.122   1.00 11.77 ? 65  GLY A O   1 
ATOM   526  N  N   . VAL A 1 67  ? 0.782   5.559   8.869   1.00 12.74 ? 66  VAL A N   1 
ATOM   527  C  CA  . VAL A 1 67  ? 1.459   4.604   9.765   1.00 12.83 ? 66  VAL A CA  1 
ATOM   528  C  C   . VAL A 1 67  ? 0.735   3.289   9.869   1.00 13.92 ? 66  VAL A C   1 
ATOM   529  O  O   . VAL A 1 67  ? 1.379   2.219   9.812   1.00 12.41 ? 66  VAL A O   1 
ATOM   530  C  CB  . VAL A 1 67  ? 1.674   5.210   11.141  1.00 14.27 ? 66  VAL A CB  1 
ATOM   531  C  CG1 . VAL A 1 67  ? 2.180   4.201   12.124  1.00 14.44 ? 66  VAL A CG1 1 
ATOM   532  C  CG2 . VAL A 1 67  ? 2.651   6.357   10.982  1.00 17.92 ? 66  VAL A CG2 1 
ATOM   533  N  N   . THR A 1 68  ? -0.595  3.342   10.071  1.00 12.70 ? 67  THR A N   1 
ATOM   534  C  CA  . THR A 1 68  ? -1.394  2.118   10.227  1.00 12.66 ? 67  THR A CA  1 
ATOM   535  C  C   . THR A 1 68  ? -1.247  1.240   8.949   1.00 12.59 ? 67  THR A C   1 
ATOM   536  O  O   . THR A 1 68  ? -1.023  0.042   9.058   1.00 13.96 ? 67  THR A O   1 
ATOM   537  C  CB  . THR A 1 68  ? -2.857  2.434   10.564  1.00 13.55 ? 67  THR A CB  1 
ATOM   538  O  OG1 . THR A 1 68  ? -2.904  3.147   11.810  1.00 13.26 ? 67  THR A OG1 1 
ATOM   539  C  CG2 . THR A 1 68  ? -3.702  1.177   10.609  1.00 14.57 ? 67  THR A CG2 1 
ATOM   540  N  N   . VAL A 1 69  ? -1.375  1.850   7.775   1.00 12.84 ? 68  VAL A N   1 
ATOM   541  C  CA  . VAL A 1 69  ? -1.321  1.080   6.531   1.00 13.61 ? 68  VAL A CA  1 
ATOM   542  C  C   . VAL A 1 69  ? 0.028   0.451   6.348   1.00 12.66 ? 68  VAL A C   1 
ATOM   543  O  O   . VAL A 1 69  ? 0.116   -0.737  6.045   1.00 12.33 ? 68  VAL A O   1 
ATOM   544  C  CB  . VAL A 1 69  ? -1.686  1.931   5.280   1.00 15.14 ? 68  VAL A CB  1 
ATOM   545  C  CG1 . VAL A 1 69  ? -1.523  1.074   4.037   1.00 16.77 ? 68  VAL A CG1 1 
ATOM   546  C  CG2 . VAL A 1 69  ? -3.144  2.293   5.393   1.00 17.36 ? 68  VAL A CG2 1 
ATOM   547  N  N   . LEU A 1 70  ? 1.085   1.234   6.531   1.00 12.47 ? 69  LEU A N   1 
ATOM   548  C  CA  . LEU A 1 70  ? 2.422   0.715   6.217   1.00 12.70 ? 69  LEU A CA  1 
ATOM   549  C  C   . LEU A 1 70  ? 2.929   -0.225  7.255   1.00 14.09 ? 69  LEU A C   1 
ATOM   550  O  O   . LEU A 1 70  ? 3.746   -1.079  6.918   1.00 13.56 ? 69  LEU A O   1 
ATOM   551  C  CB  . LEU A 1 70  ? 3.400   1.819   5.999   1.00 13.27 ? 69  LEU A CB  1 
ATOM   552  C  CG  . LEU A 1 70  ? 3.065   2.712   4.777   1.00 13.63 ? 69  LEU A CG  1 
ATOM   553  C  CD1 . LEU A 1 70  ? 4.209   3.673   4.497   1.00 14.06 ? 69  LEU A CD1 1 
ATOM   554  C  CD2 . LEU A 1 70  ? 2.655   2.025   3.460   1.00 14.86 ? 69  LEU A CD2 1 
ATOM   555  N  N   . THR A 1 71  ? 2.467   -0.053  8.506   1.00 14.29 ? 70  THR A N   1 
ATOM   556  C  CA  . THR A 1 71  ? 2.772   -1.035  9.578   1.00 15.49 ? 70  THR A CA  1 
ATOM   557  C  C   . THR A 1 71  ? 2.257   -2.413  9.170   1.00 13.79 ? 70  THR A C   1 
ATOM   558  O  O   . THR A 1 71  ? 2.963   -3.435  9.312   1.00 14.25 ? 70  THR A O   1 
ATOM   559  C  CB  . THR A 1 71  ? 2.199   -0.599  10.944  1.00 15.09 ? 70  THR A CB  1 
ATOM   560  O  OG1 . THR A 1 71  ? 2.837   0.625   11.296  1.00 16.07 ? 70  THR A OG1 1 
ATOM   561  C  CG2 . THR A 1 71  ? 2.509   -1.642  12.039  1.00 17.53 ? 70  THR A CG2 1 
ATOM   562  N  N   . ALA A 1 72  ? 1.053   -2.455  8.606   1.00 13.11 ? 71  ALA A N   1 
ATOM   563  C  CA  . ALA A 1 72  ? 0.421   -3.736  8.233   1.00 12.44 ? 71  ALA A CA  1 
ATOM   564  C  C   . ALA A 1 72  ? 1.142   -4.276  6.996   1.00 13.37 ? 71  ALA A C   1 
ATOM   565  O  O   . ALA A 1 72  ? 1.566   -5.446  6.974   1.00 12.38 ? 71  ALA A O   1 
ATOM   566  C  CB  . ALA A 1 72  ? -1.042  -3.555  7.924   1.00 13.86 ? 71  ALA A CB  1 
ATOM   567  N  N   . LEU A 1 73  ? 1.420   -3.412  6.018   1.00 12.18 ? 72  LEU A N   1 
ATOM   568  C  CA  . LEU A 1 73  ? 2.041   -3.906  4.772   1.00 13.10 ? 72  LEU A CA  1 
ATOM   569  C  C   . LEU A 1 73  ? 3.501   -4.367  5.019   1.00 12.82 ? 72  LEU A C   1 
ATOM   570  O  O   . LEU A 1 73  ? 3.929   -5.452  4.562   1.00 12.99 ? 72  LEU A O   1 
ATOM   571  C  CB  . LEU A 1 73  ? 2.019   -2.842  3.699   1.00 12.43 ? 72  LEU A CB  1 
ATOM   572  C  CG  . LEU A 1 73  ? 2.624   -3.233  2.335   1.00 13.60 ? 72  LEU A CG  1 
ATOM   573  C  CD1 . LEU A 1 73  ? 1.841   -4.423  1.759   1.00 14.45 ? 72  LEU A CD1 1 
ATOM   574  C  CD2 . LEU A 1 73  ? 2.474   -2.037  1.406   1.00 13.73 ? 72  LEU A CD2 1 
ATOM   575  N  N   . GLY A 1 74  ? 4.216   -3.640  5.873   1.00 12.54 ? 73  GLY A N   1 
ATOM   576  C  CA  . GLY A 1 74  ? 5.562   -4.020  6.247   1.00 13.37 ? 73  GLY A CA  1 
ATOM   577  C  C   . GLY A 1 74  ? 5.644   -5.382  6.881   1.00 14.21 ? 73  GLY A C   1 
ATOM   578  O  O   . GLY A 1 74  ? 6.498   -6.187  6.495   1.00 13.24 ? 73  GLY A O   1 
ATOM   579  N  N   . ALA A 1 75  ? 4.694   -5.679  7.749   1.00 13.30 ? 74  ALA A N   1 
ATOM   580  C  CA  . ALA A 1 75  ? 4.708   -6.957  8.435   1.00 14.72 ? 74  ALA A CA  1 
ATOM   581  C  C   . ALA A 1 75  ? 4.428   -8.050  7.413   1.00 13.18 ? 74  ALA A C   1 
ATOM   582  O  O   . ALA A 1 75  ? 5.054   -9.138  7.465   1.00 13.26 ? 74  ALA A O   1 
ATOM   583  C  CB  . ALA A 1 75  ? 3.653   -6.994  9.516   1.00 16.34 ? 74  ALA A CB  1 
ATOM   584  N  N   . ILE A 1 76  ? 3.470   -7.776  6.524   1.00 13.51 ? 75  ILE A N   1 
ATOM   585  C  CA  . ILE A 1 76  ? 3.099   -8.691  5.477   1.00 12.47 ? 75  ILE A CA  1 
ATOM   586  C  C   . ILE A 1 76  ? 4.295   -9.020  4.600   1.00 13.11 ? 75  ILE A C   1 
ATOM   587  O  O   . ILE A 1 76  ? 4.590   -10.209 4.391   1.00 13.47 ? 75  ILE A O   1 
ATOM   588  C  CB  . ILE A 1 76  ? 1.875   -8.220  4.693   1.00 13.23 ? 75  ILE A CB  1 
ATOM   589  C  CG1 . ILE A 1 76  ? 0.597   -8.348  5.534   1.00 13.86 ? 75  ILE A CG1 1 
ATOM   590  C  CG2 . ILE A 1 76  ? 1.756   -8.956  3.356   1.00 14.22 ? 75  ILE A CG2 1 
ATOM   591  C  CD1 . ILE A 1 76  ? -0.514  -7.514  4.983   1.00 14.86 ? 75  ILE A CD1 1 
ATOM   592  N  N   . LEU A 1 77  ? 5.017   -8.005  4.108   1.00 11.70 ? 76  LEU A N   1 
ATOM   593  C  CA  . LEU A 1 77  ? 6.158   -8.234  3.238   1.00 13.05 ? 76  LEU A CA  1 
ATOM   594  C  C   . LEU A 1 77  ? 7.242   -9.093  3.934   1.00 14.21 ? 76  LEU A C   1 
ATOM   595  O  O   . LEU A 1 77  ? 7.844   -9.975  3.302   1.00 14.06 ? 76  LEU A O   1 
ATOM   596  C  CB  . LEU A 1 77  ? 6.735   -6.894  2.800   1.00 13.74 ? 76  LEU A CB  1 
ATOM   597  C  CG  . LEU A 1 77  ? 5.814   -6.118  1.884   1.00 14.33 ? 76  LEU A CG  1 
ATOM   598  C  CD1 . LEU A 1 77  ? 6.429   -4.776  1.502   1.00 14.31 ? 76  LEU A CD1 1 
ATOM   599  C  CD2 . LEU A 1 77  ? 5.475   -6.900  0.652   1.00 13.69 ? 76  LEU A CD2 1 
ATOM   600  N  N   . LYS A 1 78  ? 7.458   -8.836  5.236   1.00 14.28 ? 77  LYS A N   1 
ATOM   601  C  CA  . LYS A 1 78  ? 8.466   -9.574  5.979   1.00 14.13 ? 77  LYS A CA  1 
ATOM   602  C  C   . LYS A 1 78  ? 8.107   -11.051 6.160   1.00 14.01 ? 77  LYS A C   1 
ATOM   603  O  O   . LYS A 1 78  ? 8.990   -11.841 6.478   1.00 13.22 ? 77  LYS A O   1 
ATOM   604  C  CB  . LYS A 1 78  ? 8.817   -8.862  7.291   1.00 14.60 ? 77  LYS A CB  1 
ATOM   605  C  CG  . LYS A 1 78  ? 9.455   -7.476  7.003   1.00 17.03 ? 77  LYS A CG  1 
ATOM   606  C  CD  . LYS A 1 78  ? 9.665   -6.706  8.250   1.00 19.39 ? 77  LYS A CD  1 
ATOM   607  C  CE  . LYS A 1 78  ? 10.345  -5.371  7.907   1.00 20.00 ? 77  LYS A CE  1 
ATOM   608  N  NZ  . LYS A 1 78  ? 10.437  -4.659  9.169   1.00 22.58 ? 77  LYS A NZ  1 
ATOM   609  N  N   . LYS A 1 79  ? 6.852   -11.436 5.894   1.00 14.81 ? 78  LYS A N   1 
ATOM   610  C  CA  . LYS A 1 79  ? 6.440   -12.842 5.869   1.00 14.96 ? 78  LYS A CA  1 
ATOM   611  C  C   . LYS A 1 79  ? 6.846   -13.502 4.615   1.00 14.66 ? 78  LYS A C   1 
ATOM   612  O  O   . LYS A 1 79  ? 6.717   -14.744 4.519   1.00 15.82 ? 78  LYS A O   1 
ATOM   613  C  CB  . LYS A 1 79  ? 4.906   -13.067 6.090   1.00 16.09 ? 78  LYS A CB  1 
ATOM   614  C  CG  . LYS A 1 79  ? 4.378   -12.590 7.422   1.00 19.52 ? 78  LYS A CG  1 
ATOM   615  C  CD  . LYS A 1 79  ? 5.192   -13.152 8.553   1.00 24.76 ? 78  LYS A CD  1 
ATOM   616  C  CE  . LYS A 1 79  ? 5.179   -14.627 8.644   1.00 31.47 ? 78  LYS A CE  1 
ATOM   617  N  NZ  . LYS A 1 79  ? 3.763   -15.013 8.875   1.00 40.34 ? 78  LYS A NZ  1 
ATOM   618  N  N   . LYS A 1 80  ? 7.303   -12.699 3.631   1.00 13.89 ? 79  LYS A N   1 
ATOM   619  C  CA  . LYS A 1 80  ? 7.780   -13.275 2.373   1.00 14.02 ? 79  LYS A CA  1 
ATOM   620  C  C   . LYS A 1 80  ? 6.868   -14.327 1.768   1.00 15.11 ? 79  LYS A C   1 
ATOM   621  O  O   . LYS A 1 80  ? 7.328   -15.396 1.329   1.00 13.08 ? 79  LYS A O   1 
ATOM   622  C  CB  . LYS A 1 80  ? 9.206   -13.858 2.547   1.00 14.10 ? 79  LYS A CB  1 
ATOM   623  C  CG  . LYS A 1 80  ? 10.217  -12.840 3.038   1.00 15.37 ? 79  LYS A CG  1 
ATOM   624  C  CD  . LYS A 1 80  ? 11.524  -13.408 3.515   1.00 15.63 ? 79  LYS A CD  1 
ATOM   625  C  CE  . LYS A 1 80  ? 12.315  -14.168 2.469   1.00 16.38 ? 79  LYS A CE  1 
ATOM   626  N  NZ  . LYS A 1 80  ? 13.430  -14.994 3.095   1.00 15.60 ? 79  LYS A NZ  1 
ATOM   627  N  N   . GLY A 1 81  ? 5.610   -13.926 1.635   1.00 13.49 ? 80  GLY A N   1 
ATOM   628  C  CA  . GLY A 1 81  ? 4.561   -14.733 1.059   1.00 14.48 ? 80  GLY A CA  1 
ATOM   629  C  C   . GLY A 1 81  ? 3.813   -15.642 1.974   1.00 13.42 ? 80  GLY A C   1 
ATOM   630  O  O   . GLY A 1 81  ? 2.719   -16.130 1.573   1.00 14.17 ? 80  GLY A O   1 
ATOM   631  N  N   . HIS A 1 82  ? 4.330   -15.879 3.177   1.00 15.62 ? 81  HIS A N   1 
ATOM   632  C  CA  . HIS A 1 82  ? 3.647   -16.722 4.120   1.00 17.18 ? 81  HIS A CA  1 
ATOM   633  C  C   . HIS A 1 82  ? 2.710   -15.877 5.028   1.00 16.26 ? 81  HIS A C   1 
ATOM   634  O  O   . HIS A 1 82  ? 2.881   -15.796 6.218   1.00 16.77 ? 81  HIS A O   1 
ATOM   635  C  CB  . HIS A 1 82  ? 4.659   -17.438 4.915   1.00 21.29 ? 81  HIS A CB  1 
ATOM   636  C  CG  . HIS A 1 82  ? 5.468   -18.393 4.125   1.00 24.54 ? 81  HIS A CG  1 
ATOM   637  N  ND1 . HIS A 1 82  ? 6.731   -18.098 3.654   1.00 24.76 ? 81  HIS A ND1 1 
ATOM   638  C  CD2 . HIS A 1 82  ? 5.206   -19.664 3.751   1.00 26.02 ? 81  HIS A CD2 1 
ATOM   639  C  CE1 . HIS A 1 82  ? 7.201   -19.142 3.003   1.00 23.32 ? 81  HIS A CE1 1 
ATOM   640  N  NE2 . HIS A 1 82  ? 6.312   -20.108 3.068   1.00 30.23 ? 81  HIS A NE2 1 
ATOM   641  N  N   . HIS A 1 83  ? 1.752   -15.209 4.424   1.00 14.53 ? 82  HIS A N   1 
ATOM   642  C  CA  . HIS A 1 83  ? 1.047   -14.125 5.086   1.00 14.43 ? 82  HIS A CA  1 
ATOM   643  C  C   . HIS A 1 83  ? -0.460  -14.407 5.171   1.00 15.31 ? 82  HIS A C   1 
ATOM   644  O  O   . HIS A 1 83  ? -1.256  -13.487 5.306   1.00 15.56 ? 82  HIS A O   1 
ATOM   645  C  CB  . HIS A 1 83  ? 1.265   -12.808 4.313   1.00 14.40 ? 82  HIS A CB  1 
ATOM   646  C  CG  . HIS A 1 83  ? 1.027   -12.920 2.843   1.00 14.63 ? 82  HIS A CG  1 
ATOM   647  N  ND1 . HIS A 1 83  ? 1.786   -12.222 1.925   1.00 14.33 ? 82  HIS A ND1 1 
ATOM   648  C  CD2 . HIS A 1 83  ? 0.109   -13.623 2.132   1.00 14.97 ? 82  HIS A CD2 1 
ATOM   649  C  CE1 . HIS A 1 83  ? 1.379   -12.548 0.707   1.00 15.11 ? 82  HIS A CE1 1 
ATOM   650  N  NE2 . HIS A 1 83  ? 0.352   -13.385 0.799   1.00 14.42 ? 82  HIS A NE2 1 
ATOM   651  N  N   . GLU A 1 84  ? -0.871  -15.674 5.126   1.00 16.11 ? 83  GLU A N   1 
ATOM   652  C  CA  . GLU A 1 84  ? -2.302  -16.032 5.137   1.00 17.19 ? 83  GLU A CA  1 
ATOM   653  C  C   . GLU A 1 84  ? -3.041  -15.454 6.345   1.00 16.92 ? 83  GLU A C   1 
ATOM   654  O  O   . GLU A 1 84  ? -4.124  -14.851 6.201   1.00 16.74 ? 83  GLU A O   1 
ATOM   655  C  CB  . GLU A 1 84  ? -2.384  -17.553 5.224   1.00 21.53 ? 83  GLU A CB  1 
ATOM   656  C  CG  . GLU A 1 84  ? -1.677  -18.251 4.034   1.00 33.00 ? 83  GLU A CG  1 
ATOM   657  C  CD  . GLU A 1 84  ? -0.087  -18.449 4.025   1.00 34.11 ? 83  GLU A CD  1 
ATOM   658  O  OE1 . GLU A 1 84  ? 0.697   -18.365 5.056   1.00 29.91 ? 83  GLU A OE1 1 
ATOM   659  O  OE2 . GLU A 1 84  ? 0.382   -18.772 2.885   1.00 44.95 ? 83  GLU A OE2 1 
ATOM   660  N  N   . ALA A 1 85  ? -2.389  -15.566 7.515   1.00 16.24 ? 84  ALA A N   1 
ATOM   661  C  CA  . ALA A 1 85  ? -2.959  -15.070 8.806   1.00 17.82 ? 84  ALA A CA  1 
ATOM   662  C  C   . ALA A 1 85  ? -3.103  -13.535 8.818   1.00 18.05 ? 84  ALA A C   1 
ATOM   663  O  O   . ALA A 1 85  ? -4.149  -13.029 9.232   1.00 17.61 ? 84  ALA A O   1 
ATOM   664  C  CB  . ALA A 1 85  ? -2.130  -15.499 9.996   1.00 19.55 ? 84  ALA A CB  1 
ATOM   665  N  N   . GLU A 1 86  ? -2.128  -12.838 8.263   1.00 16.42 ? 85  GLU A N   1 
ATOM   666  C  CA  . GLU A 1 86  ? -2.145  -11.410 8.218   1.00 15.89 ? 85  GLU A CA  1 
ATOM   667  C  C   . GLU A 1 86  ? -3.102  -10.871 7.156   1.00 18.53 ? 85  GLU A C   1 
ATOM   668  O  O   . GLU A 1 86  ? -3.780  -9.847  7.375   1.00 17.54 ? 85  GLU A O   1 
ATOM   669  C  CB  . GLU A 1 86  ? -0.760  -10.869 7.962   1.00 16.47 ? 85  GLU A CB  1 
ATOM   670  C  CG  . GLU A 1 86  ? 0.321   -11.086 8.993   1.00 16.87 ? 85  GLU A CG  1 
ATOM   671  C  CD  . GLU A 1 86  ? 0.879   -12.462 9.052   1.00 18.78 ? 85  GLU A CD  1 
ATOM   672  O  OE1 . GLU A 1 86  ? 0.590   -13.348 8.197   1.00 18.50 ? 85  GLU A OE1 1 
ATOM   673  O  OE2 . GLU A 1 86  ? 1.610   -12.676 10.009  1.00 20.03 ? 85  GLU A OE2 1 
ATOM   674  N  N   . LEU A 1 87  ? -3.245  -11.532 5.999   1.00 18.70 ? 86  LEU A N   1 
ATOM   675  C  CA  . LEU A 1 87  ? -4.219  -11.066 4.995   1.00 19.68 ? 86  LEU A CA  1 
ATOM   676  C  C   . LEU A 1 87  ? -5.667  -11.276 5.269   1.00 20.41 ? 86  LEU A C   1 
ATOM   677  O  O   . LEU A 1 87  ? -6.487  -10.486 4.812   1.00 16.96 ? 86  LEU A O   1 
ATOM   678  C  CB  . LEU A 1 87  ? -4.000  -11.689 3.618   1.00 20.86 ? 86  LEU A CB  1 
ATOM   679  C  CG  . LEU A 1 87  ? -2.726  -11.368 2.890   1.00 24.59 ? 86  LEU A CG  1 
ATOM   680  C  CD1 . LEU A 1 87  ? -2.893  -11.892 1.472   1.00 23.29 ? 86  LEU A CD1 1 
ATOM   681  C  CD2 . LEU A 1 87  ? -2.424  -9.914  2.868   1.00 26.56 ? 86  LEU A CD2 1 
ATOM   682  N  N   . LYS A 1 88  ? -6.014  -12.351 5.951   1.00 18.39 ? 87  LYS A N   1 
ATOM   683  C  CA  . LYS A 1 88  ? -7.419  -12.692 6.180   1.00 21.04 ? 87  LYS A CA  1 
ATOM   684  C  C   . LYS A 1 88  ? -8.274  -11.505 6.735   1.00 18.59 ? 87  LYS A C   1 
ATOM   685  O  O   . LYS A 1 88  ? -9.300  -11.173 6.124   1.00 20.63 ? 87  LYS A O   1 
ATOM   686  C  CB  . LYS A 1 88  ? -7.564  -13.935 7.139   1.00 24.41 ? 87  LYS A CB  1 
ATOM   687  C  CG  . LYS A 1 88  ? -8.990  -14.433 7.163   1.00 30.60 ? 87  LYS A CG  1 
ATOM   688  C  CD  . LYS A 1 88  ? -9.146  -15.739 7.935   1.00 36.02 ? 87  LYS A CD  1 
ATOM   689  C  CE  . LYS A 1 88  ? -10.504 -16.283 7.540   1.00 41.51 ? 87  LYS A CE  1 
ATOM   690  N  NZ  . LYS A 1 88  ? -10.872 -17.472 8.327   1.00 48.65 ? 87  LYS A NZ  1 
ATOM   691  N  N   . PRO A 1 89  ? -7.820  -10.862 7.830   1.00 20.43 ? 88  PRO A N   1 
ATOM   692  C  CA  . PRO A 1 89  ? -8.673  -9.788  8.393   1.00 19.29 ? 88  PRO A CA  1 
ATOM   693  C  C   . PRO A 1 89  ? -8.773  -8.586  7.464   1.00 19.72 ? 88  PRO A C   1 
ATOM   694  O  O   . PRO A 1 89  ? -9.800  -7.885  7.503   1.00 17.52 ? 88  PRO A O   1 
ATOM   695  C  CB  . PRO A 1 89  ? -7.892  -9.348  9.655   1.00 19.61 ? 88  PRO A CB  1 
ATOM   696  C  CG  . PRO A 1 89  ? -6.514  -9.819  9.446   1.00 20.38 ? 88  PRO A CG  1 
ATOM   697  C  CD  . PRO A 1 89  ? -6.672  -11.109 8.724   1.00 18.65 ? 88  PRO A CD  1 
ATOM   698  N  N   . LEU A 1 90  ? -7.719  -8.357  6.664   1.00 16.91 ? 89  LEU A N   1 
ATOM   699  C  CA  . LEU A 1 90  ? -7.702  -7.195  5.748   1.00 17.95 ? 89  LEU A CA  1 
ATOM   700  C  C   . LEU A 1 90  ? -8.639  -7.470  4.592   1.00 16.41 ? 89  LEU A C   1 
ATOM   701  O  O   . LEU A 1 90  ? -9.431  -6.607  4.192   1.00 14.84 ? 89  LEU A O   1 
ATOM   702  C  CB  . LEU A 1 90  ? -6.290  -6.867  5.235   1.00 18.54 ? 89  LEU A CB  1 
ATOM   703  C  CG  . LEU A 1 90  ? -5.381  -6.455  6.394   1.00 20.17 ? 89  LEU A CG  1 
ATOM   704  C  CD1 . LEU A 1 90  ? -4.009  -6.303  5.823   1.00 20.07 ? 89  LEU A CD1 1 
ATOM   705  C  CD2 . LEU A 1 90  ? -5.816  -5.122  7.076   1.00 21.57 ? 89  LEU A CD2 1 
ATOM   706  N  N   . ALA A 1 91  ? -8.600  -8.693  4.073   1.00 16.12 ? 90  ALA A N   1 
ATOM   707  C  CA  . ALA A 1 91  ? -9.605  -9.071  3.062   1.00 18.30 ? 90  ALA A CA  1 
ATOM   708  C  C   . ALA A 1 91  ? -11.022 -8.891  3.527   1.00 19.60 ? 90  ALA A C   1 
ATOM   709  O  O   . ALA A 1 91  ? -11.847 -8.295  2.817   1.00 19.35 ? 90  ALA A O   1 
ATOM   710  C  CB  . ALA A 1 91  ? -9.396  -10.515 2.599   1.00 20.19 ? 90  ALA A CB  1 
ATOM   711  N  N   . GLN A 1 92  ? -11.291 -9.355  4.728   1.00 19.88 ? 91  GLN A N   1 
ATOM   712  C  CA  . GLN A 1 92  ? -12.632 -9.298  5.248   1.00 22.81 ? 91  GLN A CA  1 
ATOM   713  C  C   . GLN A 1 92  ? -13.073 -7.871  5.390   1.00 21.74 ? 91  GLN A C   1 
ATOM   714  O  O   . GLN A 1 92  ? -14.179 -7.519  4.968   1.00 21.33 ? 91  GLN A O   1 
ATOM   715  C  CB  . GLN A 1 92  ? -12.694 -9.931  6.662   1.00 28.13 ? 91  GLN A CB  1 
ATOM   716  C  CG  . GLN A 1 92  ? -14.027 -9.687  7.383   1.00 39.44 ? 91  GLN A CG  1 
ATOM   717  C  CD  . GLN A 1 92  ? -14.546 -10.882 8.154   1.00 49.01 ? 91  GLN A CD  1 
ATOM   718  O  OE1 . GLN A 1 92  ? -13.804 -11.523 8.908   1.00 59.27 ? 91  GLN A OE1 1 
ATOM   719  N  NE2 . GLN A 1 92  ? -15.823 -11.214 7.939   1.00 56.35 ? 91  GLN A NE2 1 
ATOM   720  N  N   . SER A 1 93  ? -12.240 -7.059  6.042   1.00 17.70 ? 92  SER A N   1 
ATOM   721  C  CA  . SER A 1 93  ? -12.637 -5.668  6.299   1.00 15.28 ? 92  SER A CA  1 
ATOM   722  C  C   . SER A 1 93  ? -12.783 -4.875  5.010   1.00 15.13 ? 92  SER A C   1 
ATOM   723  O  O   . SER A 1 93  ? -13.731 -4.080  4.853   1.00 15.09 ? 92  SER A O   1 
ATOM   724  C  CB  . SER A 1 93  ? -11.680 -4.949  7.227   1.00 15.75 ? 92  SER A CB  1 
ATOM   725  O  OG  . SER A 1 93  ? -10.363 -4.686  6.744   1.00 14.73 ? 92  SER A OG  1 
ATOM   726  N  N   . HIS A 1 94  ? -11.799 -5.012  4.137   1.00 13.26 ? 93  HIS A N   1 
ATOM   727  C  CA  . HIS A 1 94  ? -11.779 -4.216  2.930   1.00 13.09 ? 93  HIS A CA  1 
ATOM   728  C  C   . HIS A 1 94  ? -12.880 -4.616  1.938   1.00 14.52 ? 93  HIS A C   1 
ATOM   729  O  O   . HIS A 1 94  ? -13.487 -3.766  1.324   1.00 14.46 ? 93  HIS A O   1 
ATOM   730  C  CB  . HIS A 1 94  ? -10.360 -4.143  2.328   1.00 12.47 ? 93  HIS A CB  1 
ATOM   731  C  CG  . HIS A 1 94  ? -9.442  -3.277  3.145   1.00 11.52 ? 93  HIS A CG  1 
ATOM   732  N  ND1 . HIS A 1 94  ? -9.122  -3.566  4.462   1.00 11.07 ? 93  HIS A ND1 1 
ATOM   733  C  CD2 . HIS A 1 94  ? -8.810  -2.112  2.853   1.00 11.49 ? 93  HIS A CD2 1 
ATOM   734  C  CE1 . HIS A 1 94  ? -8.363  -2.592  4.938   1.00 12.29 ? 93  HIS A CE1 1 
ATOM   735  N  NE2 . HIS A 1 94  ? -8.144  -1.705  3.974   1.00 11.27 ? 93  HIS A NE2 1 
ATOM   736  N  N   . ALA A 1 95  ? -13.173 -5.896  1.828   1.00 14.71 ? 94  ALA A N   1 
ATOM   737  C  CA  . ALA A 1 95  ? -14.205 -6.330  0.890   1.00 16.90 ? 94  ALA A CA  1 
ATOM   738  C  C   . ALA A 1 95  ? -15.613 -6.008  1.439   1.00 18.27 ? 94  ALA A C   1 
ATOM   739  O  O   . ALA A 1 95  ? -16.415 -5.381  0.744   1.00 19.64 ? 94  ALA A O   1 
ATOM   740  C  CB  . ALA A 1 95  ? -14.047 -7.821  0.644   1.00 16.35 ? 94  ALA A CB  1 
ATOM   741  N  N   . THR A 1 96  ? -15.824 -6.354  2.693   1.00 19.29 ? 95  THR A N   1 
ATOM   742  C  CA  . THR A 1 96  ? -17.181 -6.410  3.264   1.00 20.06 ? 95  THR A CA  1 
ATOM   743  C  C   . THR A 1 96  ? -17.566 -5.185  4.041   1.00 20.77 ? 95  THR A C   1 
ATOM   744  O  O   . THR A 1 96  ? -18.770 -4.823  4.119   1.00 22.14 ? 95  THR A O   1 
ATOM   745  C  CB  . THR A 1 96  ? -17.403 -7.675  4.144   1.00 23.13 ? 95  THR A CB  1 
ATOM   746  O  OG1 . THR A 1 96  ? -16.819 -7.537  5.463   1.00 24.04 ? 95  THR A OG1 1 
ATOM   747  C  CG2 . THR A 1 96  ? -16.931 -8.897  3.449   1.00 24.43 ? 95  THR A CG2 1 
ATOM   748  N  N   . LYS A 1 97  ? -16.611 -4.488  4.631   1.00 19.41 ? 96  LYS A N   1 
ATOM   749  C  CA  . LYS A 1 97  ? -16.964 -3.323  5.478   1.00 20.33 ? 96  LYS A CA  1 
ATOM   750  C  C   . LYS A 1 97  ? -16.593 -2.044  4.779   1.00 18.77 ? 96  LYS A C   1 
ATOM   751  O  O   . LYS A 1 97  ? -17.429 -1.153  4.585   1.00 20.88 ? 96  LYS A O   1 
ATOM   752  C  CB  . LYS A 1 97  ? -16.346 -3.465  6.858   1.00 22.10 ? 96  LYS A CB  1 
ATOM   753  C  CG  . LYS A 1 97  ? -16.601 -2.333  7.829   1.00 27.66 ? 96  LYS A CG  1 
ATOM   754  C  CD  . LYS A 1 97  ? -16.069 -2.707  9.214   1.00 33.48 ? 96  LYS A CD  1 
ATOM   755  C  CE  . LYS A 1 97  ? -15.525 -1.592  10.089  1.00 36.95 ? 96  LYS A CE  1 
ATOM   756  N  NZ  . LYS A 1 97  ? -16.624 -0.841  10.764  1.00 41.90 ? 96  LYS A NZ  1 
ATOM   757  N  N   . HIS A 1 98  ? -15.380 -1.928  4.325   1.00 15.83 ? 97  HIS A N   1 
ATOM   758  C  CA  . HIS A 1 98  ? -14.947 -0.687  3.689   1.00 16.34 ? 97  HIS A CA  1 
ATOM   759  C  C   . HIS A 1 98  ? -15.385 -0.602  2.192   1.00 18.33 ? 97  HIS A C   1 
ATOM   760  O  O   . HIS A 1 98  ? -15.415 0.505   1.622   1.00 18.14 ? 97  HIS A O   1 
ATOM   761  C  CB  . HIS A 1 98  ? -13.422 -0.502  3.774   1.00 16.29 ? 97  HIS A CB  1 
ATOM   762  C  CG  . HIS A 1 98  ? -12.877 -0.634  5.168   1.00 17.66 ? 97  HIS A CG  1 
ATOM   763  N  ND1 . HIS A 1 98  ? -13.495 -0.055  6.274   1.00 16.33 ? 97  HIS A ND1 1 
ATOM   764  C  CD2 . HIS A 1 98  ? -11.812 -1.325  5.640   1.00 16.14 ? 97  HIS A CD2 1 
ATOM   765  C  CE1 . HIS A 1 98  ? -12.815 -0.390  7.351   1.00 16.94 ? 97  HIS A CE1 1 
ATOM   766  N  NE2 . HIS A 1 98  ? -11.773 -1.127  6.990   1.00 17.89 ? 97  HIS A NE2 1 
ATOM   767  N  N   . LYS A 1 99  ? -15.720 -1.740  1.594   1.00 20.21 ? 98  LYS A N   1 
ATOM   768  C  CA  . LYS A 1 99  ? -16.268 -1.832  0.235   1.00 20.43 ? 98  LYS A CA  1 
ATOM   769  C  C   . LYS A 1 99  ? -15.235 -1.275  -0.766  1.00 20.33 ? 98  LYS A C   1 
ATOM   770  O  O   . LYS A 1 99  ? -15.555 -0.420  -1.587  1.00 17.42 ? 98  LYS A O   1 
ATOM   771  C  CB  . LYS A 1 99  ? -17.569 -1.070  0.100   1.00 23.83 ? 98  LYS A CB  1 
ATOM   772  C  CG  . LYS A 1 99  ? -18.571 -1.348  1.177   1.00 29.58 ? 98  LYS A CG  1 
ATOM   773  C  CD  . LYS A 1 99  ? -18.944 -2.798  1.275   1.00 34.51 ? 98  LYS A CD  1 
ATOM   774  C  CE  . LYS A 1 99  ? -20.395 -2.937  1.736   1.00 43.57 ? 98  LYS A CE  1 
ATOM   775  N  NZ  . LYS A 1 99  ? -21.094 -3.888  0.796   1.00 52.05 ? 98  LYS A NZ  1 
ATOM   776  N  N   . ILE A 1 100 ? -14.032 -1.800  -0.679  1.00 17.29 ? 99  ILE A N   1 
ATOM   777  C  CA  . ILE A 1 100 ? -12.911 -1.394  -1.531  1.00 17.05 ? 99  ILE A CA  1 
ATOM   778  C  C   . ILE A 1 100 ? -12.761 -2.396  -2.663  1.00 18.77 ? 99  ILE A C   1 
ATOM   779  O  O   . ILE A 1 100 ? -12.439 -3.527  -2.438  1.00 19.73 ? 99  ILE A O   1 
ATOM   780  C  CB  . ILE A 1 100 ? -11.593 -1.357  -0.726  1.00 16.80 ? 99  ILE A CB  1 
ATOM   781  C  CG1 . ILE A 1 100 ? -11.723 -0.456  0.508   1.00 16.15 ? 99  ILE A CG1 1 
ATOM   782  C  CG2 . ILE A 1 100 ? -10.412 -0.982  -1.619  1.00 17.04 ? 99  ILE A CG2 1 
ATOM   783  C  CD1 . ILE A 1 100 ? -12.252 0.929   0.264   1.00 16.52 ? 99  ILE A CD1 1 
ATOM   784  N  N   . PRO A 1 101 ? -12.998 -1.983  -3.910  1.00 17.02 ? 100 PRO A N   1 
ATOM   785  C  CA  . PRO A 1 101 ? -12.769 -2.928  -5.035  1.00 18.46 ? 100 PRO A CA  1 
ATOM   786  C  C   . PRO A 1 101 ? -11.292 -3.318  -5.183  1.00 17.90 ? 100 PRO A C   1 
ATOM   787  O  O   . PRO A 1 101 ? -10.429 -2.516  -4.835  1.00 15.70 ? 100 PRO A O   1 
ATOM   788  C  CB  . PRO A 1 101 ? -13.217 -2.094  -6.249  1.00 19.08 ? 100 PRO A CB  1 
ATOM   789  C  CG  . PRO A 1 101 ? -14.062 -1.046  -5.752  1.00 20.80 ? 100 PRO A CG  1 
ATOM   790  C  CD  . PRO A 1 101 ? -13.473 -0.689  -4.393  1.00 19.56 ? 100 PRO A CD  1 
ATOM   791  N  N   . ILE A 1 102 ? -10.969 -4.522  -5.705  1.00 17.38 ? 101 ILE A N   1 
ATOM   792  C  CA  . ILE A 1 102 ? -9.570  -4.924  -5.941  1.00 19.12 ? 101 ILE A CA  1 
ATOM   793  C  C   . ILE A 1 102 ? -8.839  -3.920  -6.803  1.00 16.98 ? 101 ILE A C   1 
ATOM   794  O  O   . ILE A 1 102 ? -7.639  -3.712  -6.641  1.00 18.51 ? 101 ILE A O   1 
ATOM   795  C  CB  . ILE A 1 102 ? -9.456  -6.384  -6.541  1.00 22.33 ? 101 ILE A CB  1 
ATOM   796  C  CG1 . ILE A 1 102 ? -9.913  -7.459  -5.556  1.00 24.86 ? 101 ILE A CG1 1 
ATOM   797  C  CG2 . ILE A 1 102 ? -8.014  -6.734  -6.895  1.00 22.79 ? 101 ILE A CG2 1 
ATOM   798  C  CD1 . ILE A 1 102 ? -9.192  -7.435  -4.205  1.00 26.90 ? 101 ILE A CD1 1 
ATOM   799  N  N   . LYS A 1 103 ? -9.563  -3.249  -7.696  1.00 17.42 ? 102 LYS A N   1 
ATOM   800  C  CA  . LYS A 1 103 ? -8.944  -2.206  -8.536  1.00 17.08 ? 102 LYS A CA  1 
ATOM   801  C  C   . LYS A 1 103 ? -8.248  -1.153  -7.720  1.00 15.27 ? 102 LYS A C   1 
ATOM   802  O  O   . LYS A 1 103 ? -7.183  -0.681  -8.082  1.00 14.65 ? 102 LYS A O   1 
ATOM   803  C  CB  . LYS A 1 103 ? -9.990  -1.562  -9.457  1.00 19.44 ? 102 LYS A CB  1 
ATOM   804  C  CG  . LYS A 1 103 ? -9.408  -0.558  -10.475 1.00 24.21 ? 102 LYS A CG  1 
ATOM   805  C  CD  . LYS A 1 103 ? -8.721  -1.334  -11.577 1.00 28.50 ? 102 LYS A CD  1 
ATOM   806  C  CE  . LYS A 1 103 ? -7.932  -0.468  -12.508 1.00 34.69 ? 102 LYS A CE  1 
ATOM   807  N  NZ  . LYS A 1 103 ? -7.354  -1.390  -13.515 1.00 37.36 ? 102 LYS A NZ  1 
ATOM   808  N  N   . TYR A 1 104 ? -8.831  -0.802  -6.576  1.00 14.33 ? 103 TYR A N   1 
ATOM   809  C  CA  . TYR A 1 104 ? -8.220  0.225   -5.795  1.00 14.16 ? 103 TYR A CA  1 
ATOM   810  C  C   . TYR A 1 104 ? -6.967  -0.269  -5.102  1.00 13.78 ? 103 TYR A C   1 
ATOM   811  O  O   . TYR A 1 104 ? -6.153  0.526   -4.797  1.00 13.27 ? 103 TYR A O   1 
ATOM   812  C  CB  . TYR A 1 104 ? -9.154  0.813   -4.743  1.00 14.05 ? 103 TYR A CB  1 
ATOM   813  C  CG  . TYR A 1 104 ? -10.387 1.505   -5.276  1.00 15.29 ? 103 TYR A CG  1 
ATOM   814  C  CD1 . TYR A 1 104 ? -10.752 1.451   -6.636  1.00 19.00 ? 103 TYR A CD1 1 
ATOM   815  C  CD2 . TYR A 1 104 ? -11.230 2.175   -4.374  1.00 14.84 ? 103 TYR A CD2 1 
ATOM   816  C  CE1 . TYR A 1 104 ? -11.949 2.089   -7.081  1.00 18.42 ? 103 TYR A CE1 1 
ATOM   817  C  CE2 . TYR A 1 104 ? -12.404 2.792   -4.800  1.00 17.23 ? 103 TYR A CE2 1 
ATOM   818  C  CZ  . TYR A 1 104 ? -12.734 2.721   -6.135  1.00 18.77 ? 103 TYR A CZ  1 
ATOM   819  O  OH  . TYR A 1 104 ? -13.874 3.339   -6.485  1.00 25.05 ? 103 TYR A OH  1 
ATOM   820  N  N   . LEU A 1 105 ? -6.798  -1.565  -4.853  1.00 13.48 ? 104 LEU A N   1 
ATOM   821  C  CA  . LEU A 1 105 ? -5.477  -2.071  -4.398  1.00 14.83 ? 104 LEU A CA  1 
ATOM   822  C  C   . LEU A 1 105 ? -4.413  -1.942  -5.513  1.00 14.88 ? 104 LEU A C   1 
ATOM   823  O  O   . LEU A 1 105 ? -3.233  -1.762  -5.237  1.00 13.86 ? 104 LEU A O   1 
ATOM   824  C  CB  . LEU A 1 105 ? -5.591  -3.523  -3.921  1.00 14.61 ? 104 LEU A CB  1 
ATOM   825  C  CG  . LEU A 1 105 ? -6.677  -3.770  -2.848  1.00 18.22 ? 104 LEU A CG  1 
ATOM   826  C  CD1 . LEU A 1 105 ? -6.751  -5.289  -2.526  1.00 21.41 ? 104 LEU A CD1 1 
ATOM   827  C  CD2 . LEU A 1 105 ? -6.406  -2.994  -1.639  1.00 20.40 ? 104 LEU A CD2 1 
ATOM   828  N  N   . GLU A 1 106 ? -4.807  -2.096  -6.769  1.00 14.43 ? 105 GLU A N   1 
ATOM   829  C  CA  . GLU A 1 106 ? -3.868  -1.897  -7.864  1.00 16.03 ? 105 GLU A CA  1 
ATOM   830  C  C   . GLU A 1 106 ? -3.429  -0.422  -7.843  1.00 13.93 ? 105 GLU A C   1 
ATOM   831  O  O   . GLU A 1 106 ? -2.234  -0.099  -7.922  1.00 13.27 ? 105 GLU A O   1 
ATOM   832  C  CB  . GLU A 1 106 ? -4.529  -2.221  -9.189  1.00 19.03 ? 105 GLU A CB  1 
ATOM   833  C  CG  . GLU A 1 106 ? -3.642  -2.174  -10.378 1.00 21.52 ? 105 GLU A CG  1 
ATOM   834  C  CD  . GLU A 1 106 ? -4.395  -2.529  -11.645 1.00 24.12 ? 105 GLU A CD  1 
ATOM   835  O  OE1 . GLU A 1 106 ? -3.796  -2.383  -12.701 1.00 35.05 ? 105 GLU A OE1 1 
ATOM   836  O  OE2 . GLU A 1 106 ? -5.581  -2.898  -11.574 1.00 24.40 ? 105 GLU A OE2 1 
ATOM   837  N  N   . PHE A 1 107 ? -4.376  0.473   -7.643  1.00 13.35 ? 106 PHE A N   1 
ATOM   838  C  CA  . PHE A 1 107 ? -4.077  1.931   -7.576  1.00 13.21 ? 106 PHE A CA  1 
ATOM   839  C  C   . PHE A 1 107 ? -3.110  2.246   -6.427  1.00 12.80 ? 106 PHE A C   1 
ATOM   840  O  O   . PHE A 1 107 ? -2.122  2.967   -6.622  1.00 12.96 ? 106 PHE A O   1 
ATOM   841  C  CB  . PHE A 1 107 ? -5.315  2.787   -7.396  1.00 14.50 ? 106 PHE A CB  1 
ATOM   842  C  CG  . PHE A 1 107 ? -6.337  2.737   -8.529  1.00 14.85 ? 106 PHE A CG  1 
ATOM   843  C  CD1 . PHE A 1 107 ? -5.961  2.441   -9.888  1.00 15.13 ? 106 PHE A CD1 1 
ATOM   844  C  CD2 . PHE A 1 107 ? -7.656  3.122   -8.238  1.00 16.24 ? 106 PHE A CD2 1 
ATOM   845  C  CE1 . PHE A 1 107 ? -6.891  2.479   -10.892 1.00 16.61 ? 106 PHE A CE1 1 
ATOM   846  C  CE2 . PHE A 1 107 ? -8.601  3.175   -9.266  1.00 16.54 ? 106 PHE A CE2 1 
ATOM   847  C  CZ  . PHE A 1 107 ? -8.183  2.913   -10.564 1.00 16.61 ? 106 PHE A CZ  1 
ATOM   848  N  N   . ILE A 1 108 ? -3.325  1.675   -5.220  1.00 13.28 ? 107 ILE A N   1 
ATOM   849  C  CA  . ILE A 1 108 ? -2.431  2.008   -4.122  1.00 12.98 ? 107 ILE A CA  1 
ATOM   850  C  C   . ILE A 1 108 ? -1.032  1.408   -4.356  1.00 13.25 ? 107 ILE A C   1 
ATOM   851  O  O   . ILE A 1 108 ? -0.015  2.007   -3.947  1.00 13.51 ? 107 ILE A O   1 
ATOM   852  C  CB  . ILE A 1 108 ? -2.983  1.659   -2.729  1.00 12.87 ? 107 ILE A CB  1 
ATOM   853  C  CG1 . ILE A 1 108 ? -2.318  2.479   -1.641  1.00 12.20 ? 107 ILE A CG1 1 
ATOM   854  C  CG2 . ILE A 1 108 ? -2.792  0.163   -2.387  1.00 13.31 ? 107 ILE A CG2 1 
ATOM   855  C  CD1 . ILE A 1 108 ? -2.904  2.309   -0.290  1.00 11.39 ? 107 ILE A CD1 1 
ATOM   856  N  N   . SER A 1 109 ? -1.004  0.257   -5.043  1.00 13.64 ? 108 SER A N   1 
ATOM   857  C  CA  . SER A 1 109 ? 0.277   -0.365  -5.459  1.00 14.07 ? 108 SER A CA  1 
ATOM   858  C  C   . SER A 1 109 ? 1.106   0.533   -6.371  1.00 13.22 ? 108 SER A C   1 
ATOM   859  O  O   . SER A 1 109 ? 2.304   0.742   -6.179  1.00 14.13 ? 108 SER A O   1 
ATOM   860  C  CB  . SER A 1 109 ? 0.041   -1.737  -6.097  1.00 14.70 ? 108 SER A CB  1 
ATOM   861  O  OG  . SER A 1 109 ? -0.589  -2.604  -5.166  1.00 16.11 ? 108 SER A OG  1 
ATOM   862  N  N   . GLU A 1 110 ? 0.429   1.184   -7.299  1.00 14.67 ? 109 GLU A N   1 
ATOM   863  C  CA  . GLU A 1 110 ? 1.058   2.137   -8.227  1.00 16.89 ? 109 GLU A CA  1 
ATOM   864  C  C   . GLU A 1 110 ? 1.513   3.391   -7.501  1.00 14.27 ? 109 GLU A C   1 
ATOM   865  O  O   . GLU A 1 110 ? 2.607   3.878   -7.763  1.00 13.66 ? 109 GLU A O   1 
ATOM   866  C  CB  . GLU A 1 110 ? 0.085   2.500   -9.377  1.00 19.62 ? 109 GLU A CB  1 
ATOM   867  C  CG  . GLU A 1 110 ? -0.158  1.237   -10.213 1.00 25.10 ? 109 GLU A CG  1 
ATOM   868  C  CD  . GLU A 1 110 ? -0.990  1.458   -11.438 1.00 34.37 ? 109 GLU A CD  1 
ATOM   869  O  OE1 . GLU A 1 110 ? -1.846  2.365   -11.409 1.00 34.52 ? 109 GLU A OE1 1 
ATOM   870  O  OE2 . GLU A 1 110 ? -0.732  0.725   -12.433 1.00 41.89 ? 109 GLU A OE2 1 
ATOM   871  N  N   . ALA A 1 111 ? 0.740   3.818   -6.505  1.00 15.00 ? 110 ALA A N   1 
ATOM   872  C  CA  . ALA A 1 111 ? 1.123   4.928   -5.673  1.00 14.81 ? 110 ALA A CA  1 
ATOM   873  C  C   . ALA A 1 111 ? 2.379   4.628   -4.901  1.00 13.96 ? 110 ALA A C   1 
ATOM   874  O  O   . ALA A 1 111 ? 3.239   5.506   -4.729  1.00 12.90 ? 110 ALA A O   1 
ATOM   875  C  CB  . ALA A 1 111 ? -0.052  5.402   -4.750  1.00 15.21 ? 110 ALA A CB  1 
ATOM   876  N  N   . ILE A 1 112 ? 2.505   3.388   -4.417  1.00 13.40 ? 111 ILE A N   1 
ATOM   877  C  CA  . ILE A 1 112 ? 3.711   3.014   -3.678  1.00 13.83 ? 111 ILE A CA  1 
ATOM   878  C  C   . ILE A 1 112 ? 4.958   3.171   -4.566  1.00 13.54 ? 111 ILE A C   1 
ATOM   879  O  O   . ILE A 1 112 ? 5.961   3.782   -4.116  1.00 13.34 ? 111 ILE A O   1 
ATOM   880  C  CB  . ILE A 1 112 ? 3.571   1.591   -3.127  1.00 13.07 ? 111 ILE A CB  1 
ATOM   881  C  CG1 . ILE A 1 112 ? 2.597   1.589   -1.996  1.00 14.77 ? 111 ILE A CG1 1 
ATOM   882  C  CG2 . ILE A 1 112 ? 4.896   1.055   -2.630  1.00 13.27 ? 111 ILE A CG2 1 
ATOM   883  C  CD1 . ILE A 1 112 ? 2.042   0.213   -1.601  1.00 14.84 ? 111 ILE A CD1 1 
ATOM   884  N  N   . ILE A 1 113 ? 4.895   2.642   -5.786  1.00 13.02 ? 112 ILE A N   1 
ATOM   885  C  CA  . ILE A 1 113 ? 6.006   2.720   -6.741  1.00 14.19 ? 112 ILE A CA  1 
ATOM   886  C  C   . ILE A 1 113 ? 6.294   4.173   -7.066  1.00 15.21 ? 112 ILE A C   1 
ATOM   887  O  O   . ILE A 1 113 ? 7.448   4.608   -7.075  1.00 14.38 ? 112 ILE A O   1 
ATOM   888  C  CB  . ILE A 1 113 ? 5.715   1.963   -8.020  1.00 15.66 ? 112 ILE A CB  1 
ATOM   889  C  CG1 . ILE A 1 113 ? 5.503   0.490   -7.696  1.00 18.56 ? 112 ILE A CG1 1 
ATOM   890  C  CG2 . ILE A 1 113 ? 6.837   2.122   -9.040  1.00 16.82 ? 112 ILE A CG2 1 
ATOM   891  C  CD1 . ILE A 1 113 ? 6.695   -0.255  -7.170  1.00 18.21 ? 112 ILE A CD1 1 
ATOM   892  N  N   . HIS A 1 114 ? 5.230   4.939   -7.270  1.00 15.20 ? 113 HIS A N   1 
ATOM   893  C  CA  . HIS A 1 114 ? 5.414   6.389   -7.562  1.00 16.11 ? 113 HIS A CA  1 
ATOM   894  C  C   . HIS A 1 114 ? 6.179   7.151   -6.465  1.00 14.13 ? 113 HIS A C   1 
ATOM   895  O  O   . HIS A 1 114 ? 7.103   7.942   -6.741  1.00 14.25 ? 113 HIS A O   1 
ATOM   896  C  CB  . HIS A 1 114 ? 4.075   7.048   -7.764  1.00 16.87 ? 113 HIS A CB  1 
ATOM   897  C  CG  . HIS A 1 114 ? 4.191   8.486   -8.128  1.00 21.91 ? 113 HIS A CG  1 
ATOM   898  N  ND1 . HIS A 1 114 ? 4.464   8.912   -9.423  1.00 23.87 ? 113 HIS A ND1 1 
ATOM   899  C  CD2 . HIS A 1 114 ? 4.163   9.597   -7.351  1.00 22.40 ? 113 HIS A CD2 1 
ATOM   900  C  CE1 . HIS A 1 114 ? 4.558   10.231  -9.413  1.00 26.83 ? 113 HIS A CE1 1 
ATOM   901  N  NE2 . HIS A 1 114 ? 4.383   10.665  -8.172  1.00 22.78 ? 113 HIS A NE2 1 
ATOM   902  N  N   . VAL A 1 115 ? 5.754   6.916   -5.239  1.00 13.06 ? 114 VAL A N   1 
ATOM   903  C  CA  . VAL A 1 115 ? 6.307   7.593   -4.078  1.00 12.93 ? 114 VAL A CA  1 
ATOM   904  C  C   . VAL A 1 115 ? 7.734   7.153   -3.791  1.00 11.81 ? 114 VAL A C   1 
ATOM   905  O  O   . VAL A 1 115 ? 8.605   7.993   -3.501  1.00 12.36 ? 114 VAL A O   1 
ATOM   906  C  CB  . VAL A 1 115 ? 5.389   7.390   -2.847  1.00 12.57 ? 114 VAL A CB  1 
ATOM   907  C  CG1 . VAL A 1 115 ? 6.081   7.841   -1.536  1.00 13.53 ? 114 VAL A CG1 1 
ATOM   908  C  CG2 . VAL A 1 115 ? 4.102   8.192   -3.056  1.00 12.63 ? 114 VAL A CG2 1 
ATOM   909  N  N   . LEU A 1 116 ? 8.005   5.852   -3.900  1.00 12.33 ? 115 LEU A N   1 
ATOM   910  C  CA  . LEU A 1 116 ? 9.379   5.365   -3.803  1.00 12.46 ? 115 LEU A CA  1 
ATOM   911  C  C   . LEU A 1 116 ? 10.290  6.043   -4.848  1.00 12.88 ? 115 LEU A C   1 
ATOM   912  O  O   . LEU A 1 116 ? 11.407  6.479   -4.503  1.00 14.11 ? 115 LEU A O   1 
ATOM   913  C  CB  . LEU A 1 116 ? 9.485   3.855   -4.004  1.00 13.58 ? 115 LEU A CB  1 
ATOM   914  C  CG  . LEU A 1 116 ? 8.878   3.093   -2.803  1.00 13.56 ? 115 LEU A CG  1 
ATOM   915  C  CD1 . LEU A 1 116 ? 8.697   1.640   -3.233  1.00 15.71 ? 115 LEU A CD1 1 
ATOM   916  C  CD2 . LEU A 1 116 ? 9.714   3.288   -1.533  1.00 15.67 ? 115 LEU A CD2 1 
ATOM   917  N  N   . HIS A 1 117 ? 9.830   6.168   -6.084  1.00 12.02 ? 116 HIS A N   1 
ATOM   918  C  CA  . HIS A 1 117 ? 10.635  6.900   -7.092  1.00 12.72 ? 116 HIS A CA  1 
ATOM   919  C  C   . HIS A 1 117 ? 10.847  8.350   -6.769  1.00 14.05 ? 116 HIS A C   1 
ATOM   920  O  O   . HIS A 1 117 ? 11.954  8.903   -6.975  1.00 14.47 ? 116 HIS A O   1 
ATOM   921  C  CB  . HIS A 1 117 ? 10.082  6.691   -8.514  1.00 13.29 ? 116 HIS A CB  1 
ATOM   922  C  CG  . HIS A 1 117 ? 10.743  5.548   -9.211  1.00 14.79 ? 116 HIS A CG  1 
ATOM   923  N  ND1 . HIS A 1 117 ? 10.078  4.380   -9.549  1.00 15.95 ? 116 HIS A ND1 1 
ATOM   924  C  CD2 . HIS A 1 117 ? 12.042  5.357   -9.535  1.00 12.51 ? 116 HIS A CD2 1 
ATOM   925  C  CE1 . HIS A 1 117 ? 10.951  3.540   -10.110 1.00 13.94 ? 116 HIS A CE1 1 
ATOM   926  N  NE2 . HIS A 1 117 ? 12.145  4.114   -10.110 1.00 17.28 ? 116 HIS A NE2 1 
ATOM   927  N  N   . SER A 1 118 ? 9.791   8.985   -6.296  1.00 14.07 ? 117 SER A N   1 
ATOM   928  C  CA  . SER A 1 118 ? 9.847   10.380  -5.938  1.00 13.81 ? 117 SER A CA  1 
ATOM   929  C  C   . SER A 1 118 ? 10.767  10.694  -4.808  1.00 14.34 ? 117 SER A C   1 
ATOM   930  O  O   . SER A 1 118 ? 11.446  11.735  -4.836  1.00 15.61 ? 117 SER A O   1 
ATOM   931  C  CB  . SER A 1 118 ? 8.453   10.926  -5.708  1.00 16.62 ? 117 SER A CB  1 
ATOM   932  O  OG  . SER A 1 118 ? 8.560   12.332  -5.492  1.00 18.30 ? 117 SER A OG  1 
ATOM   933  N  N   . ARG A 1 119 ? 10.824  9.825   -3.792  1.00 14.11 ? 118 ARG A N   1 
ATOM   934  C  CA  . ARG A 1 119 ? 11.586  10.108  -2.571  1.00 14.55 ? 118 ARG A CA  1 
ATOM   935  C  C   . ARG A 1 119 ? 12.995  9.645   -2.722  1.00 13.37 ? 118 ARG A C   1 
ATOM   936  O  O   . ARG A 1 119 ? 13.847  10.129  -1.968  1.00 13.44 ? 118 ARG A O   1 
ATOM   937  C  CB  . ARG A 1 119 ? 10.901  9.494   -1.310  1.00 15.35 ? 118 ARG A CB  1 
ATOM   938  C  CG  . ARG A 1 119 ? 9.601   10.219  -0.953  1.00 16.86 ? 118 ARG A CG  1 
ATOM   939  C  CD  . ARG A 1 119 ? 8.761   9.599   0.168   1.00 18.12 ? 118 ARG A CD  1 
ATOM   940  N  NE  . ARG A 1 119 ? 9.478   9.792   1.368   1.00 21.53 ? 118 ARG A NE  1 
ATOM   941  C  CZ  . ARG A 1 119 ? 9.151   10.579  2.408   1.00 17.55 ? 118 ARG A CZ  1 
ATOM   942  N  NH1 . ARG A 1 119 ? 8.015   11.311  2.539   1.00 20.74 ? 118 ARG A NH1 1 
ATOM   943  N  NH2 . ARG A 1 119 ? 10.020  10.548  3.382   1.00 17.69 ? 118 ARG A NH2 1 
ATOM   944  N  N   . HIS A 1 120 ? 13.276  8.703   -3.633  1.00 13.24 ? 119 HIS A N   1 
ATOM   945  C  CA  . HIS A 1 120 ? 14.600  8.041   -3.737  1.00 13.01 ? 119 HIS A CA  1 
ATOM   946  C  C   . HIS A 1 120 ? 15.203  8.073   -5.118  1.00 13.13 ? 119 HIS A C   1 
ATOM   947  O  O   . HIS A 1 120 ? 15.669  7.048   -5.631  1.00 13.64 ? 119 HIS A O   1 
ATOM   948  C  CB  . HIS A 1 120 ? 14.515  6.628   -3.181  1.00 13.08 ? 119 HIS A CB  1 
ATOM   949  C  CG  . HIS A 1 120 ? 13.928  6.559   -1.810  1.00 13.25 ? 119 HIS A CG  1 
ATOM   950  N  ND1 . HIS A 1 120 ? 14.655  6.856   -0.663  1.00 12.46 ? 119 HIS A ND1 1 
ATOM   951  C  CD2 . HIS A 1 120 ? 12.663  6.302   -1.402  1.00 14.11 ? 119 HIS A CD2 1 
ATOM   952  C  CE1 . HIS A 1 120 ? 13.836  6.786   0.383   1.00 14.53 ? 119 HIS A CE1 1 
ATOM   953  N  NE2 . HIS A 1 120 ? 12.629  6.436   -0.036  1.00 13.57 ? 119 HIS A NE2 1 
ATOM   954  N  N   . PRO A 1 121 ? 15.220  9.266   -5.754  1.00 14.87 ? 120 PRO A N   1 
ATOM   955  C  CA  . PRO A 1 121 ? 15.742  9.313   -7.108  1.00 15.25 ? 120 PRO A CA  1 
ATOM   956  C  C   . PRO A 1 121 ? 17.185  8.925   -7.155  1.00 15.14 ? 120 PRO A C   1 
ATOM   957  O  O   . PRO A 1 121 ? 18.024  9.441   -6.390  1.00 15.74 ? 120 PRO A O   1 
ATOM   958  C  CB  . PRO A 1 121 ? 15.509  10.779  -7.516  1.00 16.46 ? 120 PRO A CB  1 
ATOM   959  C  CG  . PRO A 1 121 ? 15.576  11.482  -6.190  1.00 15.97 ? 120 PRO A CG  1 
ATOM   960  C  CD  . PRO A 1 121 ? 14.813  10.584  -5.264  1.00 15.37 ? 120 PRO A CD  1 
ATOM   961  N  N   . GLY A 1 122 ? 17.483  7.997   -8.042  1.00 15.59 ? 121 GLY A N   1 
ATOM   962  C  CA  . GLY A 1 122 ? 18.842  7.456   -8.228  1.00 16.95 ? 121 GLY A CA  1 
ATOM   963  C  C   . GLY A 1 122 ? 19.111  6.310   -7.314  1.00 16.66 ? 121 GLY A C   1 
ATOM   964  O  O   . GLY A 1 122 ? 20.148  5.655   -7.435  1.00 15.52 ? 121 GLY A O   1 
ATOM   965  N  N   . ASN A 1 123 ? 18.171  6.009   -6.423  1.00 15.75 ? 122 ASN A N   1 
ATOM   966  C  CA  . ASN A 1 123 ? 18.365  4.928   -5.411  1.00 17.49 ? 122 ASN A CA  1 
ATOM   967  C  C   . ASN A 1 123 ? 17.241  3.916   -5.407  1.00 17.43 ? 122 ASN A C   1 
ATOM   968  O  O   . ASN A 1 123 ? 17.143  3.134   -4.440  1.00 21.62 ? 122 ASN A O   1 
ATOM   969  C  CB  . ASN A 1 123 ? 18.530  5.497   -3.986  1.00 20.30 ? 122 ASN A CB  1 
ATOM   970  C  CG  . ASN A 1 123 ? 19.852  6.182   -3.800  1.00 27.22 ? 122 ASN A CG  1 
ATOM   971  O  OD1 . ASN A 1 123 ? 19.908  7.385   -3.527  1.00 36.20 ? 122 ASN A OD1 1 
ATOM   972  N  ND2 . ASN A 1 123 ? 20.931  5.449   -4.005  1.00 32.68 ? 122 ASN A ND2 1 
ATOM   973  N  N   . PHE A 1 124 ? 16.398  3.855   -6.446  1.00 14.41 ? 123 PHE A N   1 
ATOM   974  C  CA  . PHE A 1 124 ? 15.341  2.812   -6.469  1.00 14.17 ? 123 PHE A CA  1 
ATOM   975  C  C   . PHE A 1 124 ? 15.604  2.031   -7.763  1.00 16.27 ? 123 PHE A C   1 
ATOM   976  O  O   . PHE A 1 124 ? 15.157  2.369   -8.859  1.00 16.38 ? 123 PHE A O   1 
ATOM   977  C  CB  . PHE A 1 124 ? 13.930  3.421   -6.380  1.00 14.81 ? 123 PHE A CB  1 
ATOM   978  C  CG  . PHE A 1 124 ? 12.795  2.422   -6.413  1.00 13.73 ? 123 PHE A CG  1 
ATOM   979  C  CD1 . PHE A 1 124 ? 12.905  1.153   -5.865  1.00 13.45 ? 123 PHE A CD1 1 
ATOM   980  C  CD2 . PHE A 1 124 ? 11.572  2.803   -6.943  1.00 13.95 ? 123 PHE A CD2 1 
ATOM   981  C  CE1 . PHE A 1 124 ? 11.835  0.272   -5.909  1.00 13.67 ? 123 PHE A CE1 1 
ATOM   982  C  CE2 . PHE A 1 124 ? 10.498  1.933   -6.941  1.00 13.70 ? 123 PHE A CE2 1 
ATOM   983  C  CZ  . PHE A 1 124 ? 10.642  0.673   -6.417  1.00 13.36 ? 123 PHE A CZ  1 
ATOM   984  N  N   . GLY A 1 125 ? 16.401  0.998   -7.572  1.00 18.23 ? 124 GLY A N   1 
ATOM   985  C  CA  . GLY A 1 125 ? 16.998  0.244   -8.694  1.00 19.10 ? 124 GLY A CA  1 
ATOM   986  C  C   . GLY A 1 125 ? 15.984  -0.490  -9.539  1.00 18.19 ? 124 GLY A C   1 
ATOM   987  O  O   . GLY A 1 125 ? 14.895  -0.826  -9.089  1.00 15.86 ? 124 GLY A O   1 
ATOM   988  N  N   . ALA A 1 126 ? 16.353  -0.757  -10.795 1.00 15.71 ? 125 ALA A N   1 
ATOM   989  C  CA  . ALA A 1 126 ? 15.443  -1.442  -11.717 1.00 15.73 ? 125 ALA A CA  1 
ATOM   990  C  C   . ALA A 1 126 ? 15.094  -2.852  -11.190 1.00 13.26 ? 125 ALA A C   1 
ATOM   991  O  O   . ALA A 1 126 ? 13.959  -3.332  -11.308 1.00 13.75 ? 125 ALA A O   1 
ATOM   992  C  CB  . ALA A 1 126 ? 16.114  -1.552  -13.077 1.00 16.09 ? 125 ALA A CB  1 
ATOM   993  N  N   . ASP A 1 127 ? 16.095  -3.535  -10.618 1.00 15.26 ? 126 ASP A N   1 
ATOM   994  C  CA  . ASP A 1 127 ? 15.879  -4.849  -9.969  1.00 15.92 ? 126 ASP A CA  1 
ATOM   995  C  C   . ASP A 1 127 ? 14.869  -4.763  -8.812  1.00 15.39 ? 126 ASP A C   1 
ATOM   996  O  O   . ASP A 1 127 ? 13.928  -5.558  -8.684  1.00 14.93 ? 126 ASP A O   1 
ATOM   997  C  CB  . ASP A 1 127 ? 17.247  -5.559  -9.598  1.00 18.49 ? 126 ASP A CB  1 
ATOM   998  C  CG  . ASP A 1 127 ? 18.125  -4.811  -8.600  1.00 18.63 ? 126 ASP A CG  1 
ATOM   999  O  OD1 . ASP A 1 127 ? 17.850  -3.676  -8.152  1.00 18.55 ? 126 ASP A OD1 1 
ATOM   1000 O  OD2 . ASP A 1 127 ? 19.174  -5.455  -8.210  1.00 21.03 ? 126 ASP A OD2 1 
ATOM   1001 N  N   . ALA A 1 128 ? 15.059  -3.757  -7.993  1.00 14.60 ? 127 ALA A N   1 
ATOM   1002 C  CA  . ALA A 1 128 ? 14.183  -3.443  -6.849  1.00 15.33 ? 127 ALA A CA  1 
ATOM   1003 C  C   . ALA A 1 128 ? 12.744  -3.142  -7.246  1.00 14.78 ? 127 ALA A C   1 
ATOM   1004 O  O   . ALA A 1 128 ? 11.786  -3.620  -6.620  1.00 13.55 ? 127 ALA A O   1 
ATOM   1005 C  CB  . ALA A 1 128 ? 14.792  -2.267  -6.118  1.00 16.29 ? 127 ALA A CB  1 
ATOM   1006 N  N   . GLN A 1 129 ? 12.562  -2.383  -8.303  1.00 13.49 ? 128 GLN A N   1 
ATOM   1007 C  CA  . GLN A 1 129 ? 11.235  -2.108  -8.781  1.00 12.22 ? 128 GLN A CA  1 
ATOM   1008 C  C   . GLN A 1 129 ? 10.540  -3.366  -9.224  1.00 12.88 ? 128 GLN A C   1 
ATOM   1009 O  O   . GLN A 1 129 ? 9.365   -3.582  -8.963  1.00 13.94 ? 128 GLN A O   1 
ATOM   1010 C  CB  . GLN A 1 129 ? 11.253  -1.032  -9.880  1.00 13.92 ? 128 GLN A CB  1 
ATOM   1011 C  CG  . GLN A 1 129 ? 9.852   -0.622  -10.334 1.00 13.36 ? 128 GLN A CG  1 
ATOM   1012 C  CD  . GLN A 1 129 ? 9.835   0.383   -11.475 1.00 12.94 ? 128 GLN A CD  1 
ATOM   1013 O  OE1 . GLN A 1 129 ? 10.779  1.134   -11.650 1.00 14.15 ? 128 GLN A OE1 1 
ATOM   1014 N  NE2 . GLN A 1 129 ? 8.768   0.344   -12.298 1.00 13.80 ? 128 GLN A NE2 1 
ATOM   1015 N  N   . GLY A 1 130 ? 11.269  -4.198  -9.947  1.00 12.85 ? 129 GLY A N   1 
ATOM   1016 C  CA  . GLY A 1 130 ? 10.770  -5.489  -10.334 1.00 13.62 ? 129 GLY A CA  1 
ATOM   1017 C  C   . GLY A 1 130 ? 10.291  -6.358  -9.204  1.00 12.46 ? 129 GLY A C   1 
ATOM   1018 O  O   . GLY A 1 130 ? 9.211   -7.032  -9.310  1.00 12.02 ? 129 GLY A O   1 
ATOM   1019 N  N   . ALA A 1 131 ? 11.125  -6.417  -8.178  1.00 11.61 ? 130 ALA A N   1 
ATOM   1020 C  CA  . ALA A 1 131 ? 10.858  -7.285  -7.032  1.00 12.43 ? 130 ALA A CA  1 
ATOM   1021 C  C   . ALA A 1 131 ? 9.660   -6.749  -6.262  1.00 12.37 ? 130 ALA A C   1 
ATOM   1022 O  O   . ALA A 1 131 ? 8.806   -7.508  -5.841  1.00 13.28 ? 130 ALA A O   1 
ATOM   1023 C  CB  . ALA A 1 131 ? 12.098  -7.450  -6.117  1.00 12.74 ? 130 ALA A CB  1 
ATOM   1024 N  N   . MET A 1 132 ? 9.604   -5.427  -6.080  1.00 13.34 ? 131 MET A N   1 
ATOM   1025 C  CA  . MET A 1 132 ? 8.521   -4.766  -5.311  1.00 14.18 ? 131 MET A CA  1 
ATOM   1026 C  C   . MET A 1 132 ? 7.195   -4.971  -6.084  1.00 14.08 ? 131 MET A C   1 
ATOM   1027 O  O   . MET A 1 132 ? 6.187   -5.371  -5.498  1.00 12.26 ? 131 MET A O   1 
ATOM   1028 C  CB  . MET A 1 132 ? 8.789   -3.286  -5.108  1.00 16.50 ? 131 MET A CB  1 
ATOM   1029 C  CG  . MET A 1 132 ? 7.743   -2.566  -4.265  1.00 18.59 ? 131 MET A CG  1 
ATOM   1030 S  SD  . MET A 1 132 ? 7.528   -3.305  -2.611  1.00 24.79 ? 131 MET A SD  1 
ATOM   1031 C  CE  . MET A 1 132 ? 9.092   -2.907  -2.008  1.00 19.95 ? 131 MET A CE  1 
ATOM   1032 N  N   . ASN A 1 133 ? 7.257   -4.886  -7.400  1.00 14.11 ? 132 ASN A N   1 
ATOM   1033 C  CA  . ASN A 1 133 ? 6.054   -5.176  -8.196  1.00 14.65 ? 132 ASN A CA  1 
ATOM   1034 C  C   . ASN A 1 133 ? 5.560   -6.582  -7.958  1.00 14.66 ? 132 ASN A C   1 
ATOM   1035 O  O   . ASN A 1 133 ? 4.363   -6.791  -7.757  1.00 14.72 ? 132 ASN A O   1 
ATOM   1036 C  CB  . ASN A 1 133 ? 6.269   -5.052  -9.720  1.00 16.94 ? 132 ASN A CB  1 
ATOM   1037 C  CG  . ASN A 1 133 ? 6.054   -3.689  -10.245 1.00 24.18 ? 132 ASN A CG  1 
ATOM   1038 O  OD1 . ASN A 1 133 ? 5.848   -2.712  -9.502  1.00 30.26 ? 132 ASN A OD1 1 
ATOM   1039 N  ND2 . ASN A 1 133 ? 6.174   -3.561  -11.570 1.00 24.71 ? 132 ASN A ND2 1 
ATOM   1040 N  N   . LYS A 1 134 ? 6.475   -7.539  -8.032  1.00 13.22 ? 133 LYS A N   1 
ATOM   1041 C  CA  . LYS A 1 134 ? 6.104   -8.891  -7.748  1.00 13.81 ? 133 LYS A CA  1 
ATOM   1042 C  C   . LYS A 1 134 ? 5.495   -9.084  -6.392  1.00 13.50 ? 133 LYS A C   1 
ATOM   1043 O  O   . LYS A 1 134 ? 4.514   -9.824  -6.294  1.00 13.17 ? 133 LYS A O   1 
ATOM   1044 C  CB  . LYS A 1 134 ? 7.216   -9.882  -7.921  1.00 17.13 ? 133 LYS A CB  1 
ATOM   1045 C  CG  . LYS A 1 134 ? 7.540   -10.165 -9.378  1.00 19.49 ? 133 LYS A CG  1 
ATOM   1046 C  CD  . LYS A 1 134 ? 8.733   -11.089 -9.574  1.00 20.97 ? 133 LYS A CD  1 
ATOM   1047 C  CE  . LYS A 1 134 ? 8.437   -12.477 -9.102  1.00 26.21 ? 133 LYS A CE  1 
ATOM   1048 N  NZ  . LYS A 1 134 ? 9.449   -13.537 -9.460  1.00 30.82 ? 133 LYS A NZ  1 
ATOM   1049 N  N   . ALA A 1 135 ? 6.098   -8.520  -5.339  1.00 12.60 ? 134 ALA A N   1 
ATOM   1050 C  CA  . ALA A 1 135 ? 5.530   -8.634  -3.997  1.00 13.36 ? 134 ALA A CA  1 
ATOM   1051 C  C   . ALA A 1 135 ? 4.126   -8.071  -3.905  1.00 13.17 ? 134 ALA A C   1 
ATOM   1052 O  O   . ALA A 1 135 ? 3.280   -8.656  -3.208  1.00 12.88 ? 134 ALA A O   1 
ATOM   1053 C  CB  . ALA A 1 135 ? 6.385   -7.954  -2.980  1.00 13.33 ? 134 ALA A CB  1 
ATOM   1054 N  N   . LEU A 1 136 ? 3.900   -6.931  -4.562  1.00 11.72 ? 135 LEU A N   1 
ATOM   1055 C  CA  . LEU A 1 136 ? 2.598   -6.280  -4.508  1.00 13.48 ? 135 LEU A CA  1 
ATOM   1056 C  C   . LEU A 1 136 ? 1.590   -7.051  -5.334  1.00 13.82 ? 135 LEU A C   1 
ATOM   1057 O  O   . LEU A 1 136 ? 0.413   -7.089  -4.971  1.00 14.91 ? 135 LEU A O   1 
ATOM   1058 C  CB  . LEU A 1 136 ? 2.663   -4.810  -4.936  1.00 14.73 ? 135 LEU A CB  1 
ATOM   1059 C  CG  . LEU A 1 136 ? 3.494   -3.919  -4.023  1.00 15.82 ? 135 LEU A CG  1 
ATOM   1060 C  CD1 . LEU A 1 136 ? 3.768   -2.539  -4.672  1.00 17.14 ? 135 LEU A CD1 1 
ATOM   1061 C  CD2 . LEU A 1 136 ? 2.905   -3.695  -2.651  1.00 16.95 ? 135 LEU A CD2 1 
ATOM   1062 N  N   . GLU A 1 137 ? 2.031   -7.646  -6.434  1.00 13.58 ? 136 GLU A N   1 
ATOM   1063 C  CA  . GLU A 1 137 ? 1.151   -8.527  -7.220  1.00 13.67 ? 136 GLU A CA  1 
ATOM   1064 C  C   . GLU A 1 137 ? 0.712   -9.722  -6.394  1.00 13.06 ? 136 GLU A C   1 
ATOM   1065 O  O   . GLU A 1 137 ? -0.453  -10.151 -6.421  1.00 12.17 ? 136 GLU A O   1 
ATOM   1066 C  CB  . GLU A 1 137 ? 1.833   -8.927  -8.527  1.00 14.90 ? 136 GLU A CB  1 
ATOM   1067 C  CG  . GLU A 1 137 ? 1.898   -7.759  -9.528  1.00 17.74 ? 136 GLU A CG  1 
ATOM   1068 C  CD  . GLU A 1 137 ? 3.026   -7.805  -10.566 1.00 19.48 ? 136 GLU A CD  1 
ATOM   1069 O  OE1 . GLU A 1 137 ? 3.815   -8.786  -10.649 1.00 20.79 ? 136 GLU A OE1 1 
ATOM   1070 O  OE2 . GLU A 1 137 ? 3.200   -6.749  -11.240 1.00 26.00 ? 136 GLU A OE2 1 
ATOM   1071 N  N   . LEU A 1 138 ? 1.647   -10.290 -5.640  1.00 13.50 ? 137 LEU A N   1 
ATOM   1072 C  CA  . LEU A 1 138 ? 1.374   -11.484 -4.831  1.00 13.74 ? 137 LEU A CA  1 
ATOM   1073 C  C   . LEU A 1 138 ? 0.334   -11.123 -3.766  1.00 12.45 ? 137 LEU A C   1 
ATOM   1074 O  O   . LEU A 1 138 ? -0.624  -11.853 -3.567  1.00 14.61 ? 137 LEU A O   1 
ATOM   1075 C  CB  . LEU A 1 138 ? 2.672   -12.018 -4.221  1.00 13.99 ? 137 LEU A CB  1 
ATOM   1076 C  CG  . LEU A 1 138 ? 2.446   -13.234 -3.295  1.00 14.28 ? 137 LEU A CG  1 
ATOM   1077 C  CD1 . LEU A 1 138 ? 1.866   -14.406 -4.094  1.00 16.04 ? 137 LEU A CD1 1 
ATOM   1078 C  CD2 . LEU A 1 138 ? 3.758   -13.547 -2.631  1.00 14.50 ? 137 LEU A CD2 1 
ATOM   1079 N  N   . PHE A 1 139 ? 0.525   -9.995  -3.071  1.00 12.18 ? 138 PHE A N   1 
ATOM   1080 C  CA  . PHE A 1 139 ? -0.445  -9.473  -2.110  1.00 14.09 ? 138 PHE A CA  1 
ATOM   1081 C  C   . PHE A 1 139 ? -1.831  -9.323  -2.733  1.00 14.01 ? 138 PHE A C   1 
ATOM   1082 O  O   . PHE A 1 139 ? -2.816  -9.762  -2.160  1.00 13.93 ? 138 PHE A O   1 
ATOM   1083 C  CB  . PHE A 1 139 ? 0.069   -8.129  -1.613  1.00 14.97 ? 138 PHE A CB  1 
ATOM   1084 C  CG  . PHE A 1 139 ? -0.915  -7.324  -0.790  1.00 17.01 ? 138 PHE A CG  1 
ATOM   1085 C  CD1 . PHE A 1 139 ? -1.035  -7.554  0.559   1.00 19.47 ? 138 PHE A CD1 1 
ATOM   1086 C  CD2 . PHE A 1 139 ? -1.608  -6.261  -1.351  1.00 19.15 ? 138 PHE A CD2 1 
ATOM   1087 C  CE1 . PHE A 1 139 ? -1.887  -6.767  1.345   1.00 23.13 ? 138 PHE A CE1 1 
ATOM   1088 C  CE2 . PHE A 1 139 ? -2.506  -5.471  -0.592  1.00 22.58 ? 138 PHE A CE2 1 
ATOM   1089 C  CZ  . PHE A 1 139 ? -2.636  -5.738  0.773   1.00 24.44 ? 138 PHE A CZ  1 
ATOM   1090 N  N   . ARG A 1 140 ? -1.901  -8.720  -3.914  1.00 13.72 ? 139 ARG A N   1 
ATOM   1091 C  CA  . ARG A 1 140 ? -3.204  -8.533  -4.588  1.00 14.60 ? 139 ARG A CA  1 
ATOM   1092 C  C   . ARG A 1 140 ? -3.858  -9.824  -5.000  1.00 14.43 ? 139 ARG A C   1 
ATOM   1093 O  O   . ARG A 1 140 ? -5.079  -10.010 -4.814  1.00 17.37 ? 139 ARG A O   1 
ATOM   1094 C  CB  . ARG A 1 140 ? -3.055  -7.667  -5.825  1.00 15.51 ? 139 ARG A CB  1 
ATOM   1095 C  CG  . ARG A 1 140 ? -2.750  -6.250  -5.565  1.00 20.17 ? 139 ARG A CG  1 
ATOM   1096 C  CD  . ARG A 1 140 ? -3.288  -5.342  -6.685  1.00 20.59 ? 139 ARG A CD  1 
ATOM   1097 N  NE  . ARG A 1 140 ? -2.802  -5.689  -8.032  1.00 20.74 ? 139 ARG A NE  1 
ATOM   1098 C  CZ  . ARG A 1 140 ? -1.589  -5.397  -8.464  1.00 20.51 ? 139 ARG A CZ  1 
ATOM   1099 N  NH1 . ARG A 1 140 ? -0.693  -4.778  -7.703  1.00 20.08 ? 139 ARG A NH1 1 
ATOM   1100 N  NH2 . ARG A 1 140 ? -1.242  -5.743  -9.696  1.00 19.04 ? 139 ARG A NH2 1 
ATOM   1101 N  N   . LYS A 1 141 ? -3.063  -10.747 -5.522  1.00 14.09 ? 140 LYS A N   1 
ATOM   1102 C  CA  . LYS A 1 141 ? -3.583  -12.093 -5.908  1.00 16.38 ? 140 LYS A CA  1 
ATOM   1103 C  C   . LYS A 1 141 ? -4.214  -12.825 -4.705  1.00 16.26 ? 140 LYS A C   1 
ATOM   1104 O  O   . LYS A 1 141 ? -5.317  -13.422 -4.792  1.00 14.62 ? 140 LYS A O   1 
ATOM   1105 C  CB  . LYS A 1 141 ? -2.463  -12.937 -6.519  1.00 19.62 ? 140 LYS A CB  1 
ATOM   1106 C  CG  . LYS A 1 141 ? -2.848  -14.372 -6.834  1.00 24.23 ? 140 LYS A CG  1 
ATOM   1107 C  CD  . LYS A 1 141 ? -1.674  -15.198 -7.373  1.00 30.51 ? 140 LYS A CD  1 
ATOM   1108 C  CE  . LYS A 1 141 ? -1.742  -16.663 -6.918  1.00 42.44 ? 140 LYS A CE  1 
ATOM   1109 N  NZ  . LYS A 1 141 ? -1.935  -17.715 -7.975  1.00 52.45 ? 140 LYS A NZ  1 
ATOM   1110 N  N   . ASP A 1 142 ? -3.535  -12.743 -3.580  1.00 15.63 ? 141 ASP A N   1 
ATOM   1111 C  CA  . ASP A 1 142 ? -3.936  -13.506 -2.401  1.00 15.61 ? 141 ASP A CA  1 
ATOM   1112 C  C   . ASP A 1 142 ? -5.115  -12.860 -1.727  1.00 15.80 ? 141 ASP A C   1 
ATOM   1113 O  O   . ASP A 1 142 ? -6.026  -13.559 -1.291  1.00 16.87 ? 141 ASP A O   1 
ATOM   1114 C  CB  . ASP A 1 142 ? -2.780  -13.735 -1.427  1.00 16.61 ? 141 ASP A CB  1 
ATOM   1115 C  CG  . ASP A 1 142 ? -1.755  -14.768 -1.930  1.00 16.91 ? 141 ASP A CG  1 
ATOM   1116 O  OD1 . ASP A 1 142 ? -2.055  -15.484 -2.952  1.00 17.11 ? 141 ASP A OD1 1 
ATOM   1117 O  OD2 . ASP A 1 142 ? -0.695  -14.900 -1.330  1.00 16.19 ? 141 ASP A OD2 1 
ATOM   1118 N  N   . ILE A 1 143 ? -5.162  -11.553 -1.694  1.00 17.00 ? 142 ILE A N   1 
ATOM   1119 C  CA  . ILE A 1 143 ? -6.385  -10.852 -1.202  1.00 19.02 ? 142 ILE A CA  1 
ATOM   1120 C  C   . ILE A 1 143 ? -7.599  -11.112 -2.127  1.00 18.38 ? 142 ILE A C   1 
ATOM   1121 O  O   . ILE A 1 143 ? -8.780  -11.343 -1.681  1.00 18.74 ? 142 ILE A O   1 
ATOM   1122 C  CB  . ILE A 1 143 ? -6.200  -9.284  -1.172  1.00 21.67 ? 142 ILE A CB  1 
ATOM   1123 C  CG1 . ILE A 1 143 ? -5.366  -8.867  0.017   1.00 25.58 ? 142 ILE A CG1 1 
ATOM   1124 C  CG2 . ILE A 1 143 ? -7.590  -8.601  -1.077  1.00 24.24 ? 142 ILE A CG2 1 
ATOM   1125 C  CD1 . ILE A 1 143 ? -6.121  -8.102  1.126   1.00 25.40 ? 142 ILE A CD1 1 
ATOM   1126 N  N   . ALA A 1 144 ? -7.312  -11.037 -3.436  1.00 16.20 ? 143 ALA A N   1 
ATOM   1127 C  CA  . ALA A 1 144 ? -8.345  -11.216 -4.496  1.00 17.35 ? 143 ALA A CA  1 
ATOM   1128 C  C   . ALA A 1 144 ? -9.047  -12.567 -4.362  1.00 18.94 ? 143 ALA A C   1 
ATOM   1129 O  O   . ALA A 1 144 ? -10.285 -12.669 -4.580  1.00 20.81 ? 143 ALA A O   1 
ATOM   1130 C  CB  . ALA A 1 144 ? -7.728  -11.035 -5.877  1.00 17.32 ? 143 ALA A CB  1 
ATOM   1131 N  N   . ALA A 1 145 ? -8.299  -13.589 -4.004  1.00 18.79 ? 144 ALA A N   1 
ATOM   1132 C  CA  . ALA A 1 145 ? -8.870  -14.937 -3.816  1.00 19.90 ? 144 ALA A CA  1 
ATOM   1133 C  C   . ALA A 1 145 ? -9.909  -14.903 -2.687  1.00 20.13 ? 144 ALA A C   1 
ATOM   1134 O  O   . ALA A 1 145 ? -10.976 -15.507 -2.826  1.00 24.01 ? 144 ALA A O   1 
ATOM   1135 C  CB  . ALA A 1 145 ? -7.802  -15.943 -3.472  1.00 19.64 ? 144 ALA A CB  1 
ATOM   1136 N  N   . LYS A 1 146 ? -9.609  -14.168 -1.617  1.00 22.12 ? 145 LYS A N   1 
ATOM   1137 C  CA  . LYS A 1 146 ? -10.577 -14.059 -0.472  1.00 25.27 ? 145 LYS A CA  1 
ATOM   1138 C  C   . LYS A 1 146 ? -11.779 -13.229 -0.856  1.00 25.21 ? 145 LYS A C   1 
ATOM   1139 O  O   . LYS A 1 146 ? -12.914 -13.606 -0.558  1.00 25.18 ? 145 LYS A O   1 
ATOM   1140 C  CB  . LYS A 1 146 ? -9.931  -13.514 0.777   1.00 29.55 ? 145 LYS A CB  1 
ATOM   1141 C  CG  . LYS A 1 146 ? -8.538  -14.084 1.112   1.00 33.67 ? 145 LYS A CG  1 
ATOM   1142 C  CD  . LYS A 1 146 ? -8.400  -14.901 2.407   1.00 41.60 ? 145 LYS A CD  1 
ATOM   1143 C  CE  . LYS A 1 146 ? -6.953  -14.807 2.884   1.00 44.64 ? 145 LYS A CE  1 
ATOM   1144 N  NZ  . LYS A 1 146 ? -6.466  -15.839 3.841   1.00 50.64 ? 145 LYS A NZ  1 
ATOM   1145 N  N   . TYR A 1 147 ? -11.554 -12.105 -1.527  1.00 21.31 ? 146 TYR A N   1 
ATOM   1146 C  CA  . TYR A 1 147 ? -12.675 -11.387 -2.165  1.00 20.98 ? 146 TYR A CA  1 
ATOM   1147 C  C   . TYR A 1 147 ? -13.636 -12.271 -3.040  1.00 23.53 ? 146 TYR A C   1 
ATOM   1148 O  O   . TYR A 1 147 ? -14.889 -12.109 -3.038  1.00 22.67 ? 146 TYR A O   1 
ATOM   1149 C  CB  . TYR A 1 147 ? -12.174 -10.276 -3.055  1.00 20.82 ? 146 TYR A CB  1 
ATOM   1150 C  CG  . TYR A 1 147 ? -11.896 -8.922  -2.416  1.00 17.36 ? 146 TYR A CG  1 
ATOM   1151 C  CD1 . TYR A 1 147 ? -11.021 -8.766  -1.373  1.00 19.39 ? 146 TYR A CD1 1 
ATOM   1152 C  CD2 . TYR A 1 147 ? -12.480 -7.811  -2.949  1.00 19.88 ? 146 TYR A CD2 1 
ATOM   1153 C  CE1 . TYR A 1 147 ? -10.781 -7.515  -0.836  1.00 18.91 ? 146 TYR A CE1 1 
ATOM   1154 C  CE2 . TYR A 1 147 ? -12.237 -6.566  -2.452  1.00 19.23 ? 146 TYR A CE2 1 
ATOM   1155 C  CZ  . TYR A 1 147 ? -11.343 -6.430  -1.405  1.00 20.69 ? 146 TYR A CZ  1 
ATOM   1156 O  OH  . TYR A 1 147 ? -11.087 -5.168  -0.922  1.00 20.02 ? 146 TYR A OH  1 
ATOM   1157 N  N   . LYS A 1 148 ? -13.030 -13.110 -3.886  1.00 24.43 ? 147 LYS A N   1 
ATOM   1158 C  CA  . LYS A 1 148 ? -13.769 -13.945 -4.812  1.00 26.41 ? 147 LYS A CA  1 
ATOM   1159 C  C   . LYS A 1 148 ? -14.619 -14.934 -4.025  1.00 29.57 ? 147 LYS A C   1 
ATOM   1160 O  O   . LYS A 1 148 ? -15.825 -15.162 -4.361  1.00 28.56 ? 147 LYS A O   1 
ATOM   1161 C  CB  . LYS A 1 148 ? -12.805 -14.680 -5.778  1.00 28.74 ? 147 LYS A CB  1 
ATOM   1162 C  CG  . LYS A 1 148 ? -13.537 -15.522 -6.848  1.00 30.34 ? 147 LYS A CG  1 
ATOM   1163 C  CD  . LYS A 1 148 ? -12.598 -16.255 -7.822  1.00 29.01 ? 147 LYS A CD  1 
ATOM   1164 C  CE  . LYS A 1 148 ? -13.374 -17.168 -8.797  1.00 33.74 ? 147 LYS A CE  1 
ATOM   1165 N  NZ  . LYS A 1 148 ? -13.960 -18.364 -8.128  1.00 34.66 ? 147 LYS A NZ  1 
ATOM   1166 N  N   . GLU A 1 149 ? -14.011 -15.494 -2.995  1.00 26.76 ? 148 GLU A N   1 
ATOM   1167 C  CA  . GLU A 1 149 ? -14.710 -16.370 -2.107  1.00 32.99 ? 148 GLU A CA  1 
ATOM   1168 C  C   . GLU A 1 149 ? -16.054 -15.754 -1.648  1.00 35.51 ? 148 GLU A C   1 
ATOM   1169 O  O   . GLU A 1 149 ? -17.148 -16.355 -1.889  1.00 38.03 ? 148 GLU A O   1 
ATOM   1170 C  CB  . GLU A 1 149 ? -13.824 -16.679 -0.917  1.00 32.16 ? 148 GLU A CB  1 
ATOM   1171 C  CG  . GLU A 1 149 ? -14.514 -17.583 0.065   1.00 35.54 ? 148 GLU A CG  1 
ATOM   1172 C  CD  . GLU A 1 149 ? -13.738 -17.720 1.325   1.00 39.62 ? 148 GLU A CD  1 
ATOM   1173 O  OE1 . GLU A 1 149 ? -14.346 -17.500 2.406   1.00 45.30 ? 148 GLU A OE1 1 
ATOM   1174 O  OE2 . GLU A 1 149 ? -12.523 -18.001 1.209   1.00 38.20 ? 148 GLU A OE2 1 
ATOM   1175 N  N   . LEU A 1 150 ? -15.949 -14.539 -1.086  1.00 31.15 ? 149 LEU A N   1 
ATOM   1176 C  CA  . LEU A 1 150 ? -17.100 -13.725 -0.528  1.00 30.47 ? 149 LEU A CA  1 
ATOM   1177 C  C   . LEU A 1 150 ? -18.063 -13.049 -1.525  1.00 29.57 ? 149 LEU A C   1 
ATOM   1178 O  O   . LEU A 1 150 ? -18.999 -12.344 -1.113  1.00 31.37 ? 149 LEU A O   1 
ATOM   1179 C  CB  . LEU A 1 150 ? -16.506 -12.666 0.391   1.00 31.31 ? 149 LEU A CB  1 
ATOM   1180 C  CG  . LEU A 1 150 ? -15.683 -13.286 1.550   1.00 30.47 ? 149 LEU A CG  1 
ATOM   1181 C  CD1 . LEU A 1 150 ? -14.833 -12.286 2.301   1.00 32.54 ? 149 LEU A CD1 1 
ATOM   1182 C  CD2 . LEU A 1 150 ? -16.607 -14.056 2.477   1.00 30.14 ? 149 LEU A CD2 1 
ATOM   1183 N  N   . GLY A 1 151 ? -17.859 -13.235 -2.829  1.00 28.19 ? 150 GLY A N   1 
ATOM   1184 C  CA  . GLY A 1 151 ? -18.763 -12.714 -3.869  1.00 27.90 ? 150 GLY A CA  1 
ATOM   1185 C  C   . GLY A 1 151 ? -18.439 -11.316 -4.338  1.00 27.82 ? 150 GLY A C   1 
ATOM   1186 O  O   . GLY A 1 151 ? -19.285 -10.711 -4.998  1.00 28.55 ? 150 GLY A O   1 
ATOM   1187 N  N   . TYR A 1 152 ? -17.202 -10.833 -4.050  1.00 27.45 ? 151 TYR A N   1 
ATOM   1188 C  CA  . TYR A 1 152 ? -16.750 -9.439  -4.321  1.00 29.80 ? 151 TYR A CA  1 
ATOM   1189 C  C   . TYR A 1 152 ? -15.724 -9.260  -5.458  1.00 31.25 ? 151 TYR A C   1 
ATOM   1190 O  O   . TYR A 1 152 ? -15.147 -10.232 -5.885  1.00 33.99 ? 151 TYR A O   1 
ATOM   1191 C  CB  . TYR A 1 152 ? -16.100 -8.858  -3.024  1.00 31.56 ? 151 TYR A CB  1 
ATOM   1192 C  CG  . TYR A 1 152 ? -17.105 -8.489  -1.956  1.00 32.54 ? 151 TYR A CG  1 
ATOM   1193 C  CD1 . TYR A 1 152 ? -17.633 -7.197  -1.923  1.00 32.39 ? 151 TYR A CD1 1 
ATOM   1194 C  CD2 . TYR A 1 152 ? -17.522 -9.413  -0.975  1.00 28.84 ? 151 TYR A CD2 1 
ATOM   1195 C  CE1 . TYR A 1 152 ? -18.578 -6.841  -0.980  1.00 30.05 ? 151 TYR A CE1 1 
ATOM   1196 C  CE2 . TYR A 1 152 ? -18.445 -9.048  -0.028  1.00 30.15 ? 151 TYR A CE2 1 
ATOM   1197 C  CZ  . TYR A 1 152 ? -18.960 -7.765  -0.047  1.00 30.35 ? 151 TYR A CZ  1 
ATOM   1198 O  OH  . TYR A 1 152 ? -19.881 -7.325  0.871   1.00 32.78 ? 151 TYR A OH  1 
HETATM 1199 C  CHA . HEM B 2 .   ? -8.521  0.611   7.253   1.00 12.34 ? 200 HEM A CHA 1 
HETATM 1200 C  CHB . HEM B 2 .   ? -4.507  -1.619  5.646   1.00 12.28 ? 200 HEM A CHB 1 
HETATM 1201 C  CHC . HEM B 2 .   ? -5.663  -0.406  1.118   1.00 13.30 ? 200 HEM A CHC 1 
HETATM 1202 C  CHD . HEM B 2 .   ? -9.527  1.871   2.691   1.00 13.68 ? 200 HEM A CHD 1 
HETATM 1203 C  C1A . HEM B 2 .   ? -7.347  -0.123  7.197   1.00 12.53 ? 200 HEM A C1A 1 
HETATM 1204 C  C2A . HEM B 2 .   ? -6.704  -0.737  8.320   1.00 12.20 ? 200 HEM A C2A 1 
HETATM 1205 C  C3A . HEM B 2 .   ? -5.553  -1.295  7.892   1.00 13.51 ? 200 HEM A C3A 1 
HETATM 1206 C  C4A . HEM B 2 .   ? -5.489  -1.120  6.474   1.00 12.07 ? 200 HEM A C4A 1 
HETATM 1207 C  CMA . HEM B 2 .   ? -4.555  -2.052  8.791   1.00 12.25 ? 200 HEM A CMA 1 
HETATM 1208 C  CAA . HEM B 2 .   ? -7.250  -0.692  9.718   1.00 13.69 ? 200 HEM A CAA 1 
HETATM 1209 C  CBA . HEM B 2 .   ? -7.834  -2.051  10.049  1.00 15.40 ? 200 HEM A CBA 1 
HETATM 1210 C  CGA . HEM B 2 .   ? -8.954  -2.543  9.163   1.00 17.06 ? 200 HEM A CGA 1 
HETATM 1211 O  O1A . HEM B 2 .   ? -8.822  -3.657  8.559   1.00 18.39 ? 200 HEM A O1A 1 
HETATM 1212 O  O2A . HEM B 2 .   ? -10.028 -1.913  9.054   1.00 16.72 ? 200 HEM A O2A 1 
HETATM 1213 C  C1B . HEM B 2 .   ? -4.480  -1.499  4.274   1.00 12.72 ? 200 HEM A C1B 1 
HETATM 1214 C  C2B . HEM B 2 .   ? -3.458  -2.020  3.464   1.00 13.39 ? 200 HEM A C2B 1 
HETATM 1215 C  C3B . HEM B 2 .   ? -3.810  -1.747  2.173   1.00 14.01 ? 200 HEM A C3B 1 
HETATM 1216 C  C4B . HEM B 2 .   ? -5.023  -0.937  2.223   1.00 13.92 ? 200 HEM A C4B 1 
HETATM 1217 C  CMB . HEM B 2 .   ? -2.227  -2.828  3.891   1.00 13.29 ? 200 HEM A CMB 1 
HETATM 1218 C  CAB . HEM B 2 .   ? -3.046  -1.963  0.938   1.00 14.62 ? 200 HEM A CAB 1 
HETATM 1219 C  CBB . HEM B 2 .   ? -1.742  -2.046  0.861   1.00 17.76 ? 200 HEM A CBB 1 
HETATM 1220 C  C1C . HEM B 2 .   ? -6.817  0.325   1.120   1.00 13.03 ? 200 HEM A C1C 1 
HETATM 1221 C  C2C . HEM B 2 .   ? -7.308  1.003   0.003   1.00 13.62 ? 200 HEM A C2C 1 
HETATM 1222 C  C3C . HEM B 2 .   ? -8.394  1.728   0.446   1.00 13.06 ? 200 HEM A C3C 1 
HETATM 1223 C  C4C . HEM B 2 .   ? -8.565  1.384   1.835   1.00 13.64 ? 200 HEM A C4C 1 
HETATM 1224 C  CMC . HEM B 2 .   ? -6.674  0.995   -1.345  1.00 12.91 ? 200 HEM A CMC 1 
HETATM 1225 C  CAC . HEM B 2 .   ? -9.347  2.635   -0.267  1.00 14.08 ? 200 HEM A CAC 1 
HETATM 1226 C  CBC . HEM B 2 .   ? -9.254  2.994   -1.490  1.00 16.03 ? 200 HEM A CBC 1 
HETATM 1227 C  C1D . HEM B 2 .   ? -9.559  1.660   4.076   1.00 14.02 ? 200 HEM A C1D 1 
HETATM 1228 C  C2D . HEM B 2 .   ? -10.586 2.286   4.928   1.00 14.83 ? 200 HEM A C2D 1 
HETATM 1229 C  C3D . HEM B 2 .   ? -10.306 1.952   6.173   1.00 14.00 ? 200 HEM A C3D 1 
HETATM 1230 C  C4D . HEM B 2 .   ? -9.102  1.114   6.080   1.00 12.98 ? 200 HEM A C4D 1 
HETATM 1231 C  CMD . HEM B 2 .   ? -11.745 3.159   4.499   1.00 14.81 ? 200 HEM A CMD 1 
HETATM 1232 C  CAD . HEM B 2 .   ? -10.999 2.384   7.434   1.00 14.49 ? 200 HEM A CAD 1 
HETATM 1233 C  CBD . HEM B 2 .   ? -10.366 3.716   7.904   1.00 16.45 ? 200 HEM A CBD 1 
HETATM 1234 C  CGD . HEM B 2 .   ? -10.975 4.385   9.141   1.00 18.03 ? 200 HEM A CGD 1 
HETATM 1235 O  O1D . HEM B 2 .   ? -12.152 4.865   9.044   1.00 16.18 ? 200 HEM A O1D 1 
HETATM 1236 O  O2D . HEM B 2 .   ? -10.322 4.482   10.231  1.00 17.06 ? 200 HEM A O2D 1 
HETATM 1237 N  NA  . HEM B 2 .   ? -6.591  -0.400  6.066   1.00 12.37 ? 200 HEM A NA  1 
HETATM 1238 N  NB  . HEM B 2 .   ? -5.381  -0.852  3.496   1.00 13.32 ? 200 HEM A NB  1 
HETATM 1239 N  NC  . HEM B 2 .   ? -7.541  0.599   2.199   1.00 12.85 ? 200 HEM A NC  1 
HETATM 1240 N  ND  . HEM B 2 .   ? -8.652  0.960   4.810   1.00 11.94 ? 200 HEM A ND  1 
HETATM 1241 FE FE  . HEM B 2 .   ? -7.080  0.087   4.187   1.00 13.68 ? 200 HEM A FE  1 
HETATM 1242 O  O1  . NSM C 3 .   ? -6.393  2.508   5.350   1.00 17.91 ? 201 NSM A O1  1 
HETATM 1243 N  N   . NSM C 3 .   ? -6.174  1.796   4.356   1.00 14.64 ? 201 NSM A N   1 
HETATM 1244 C  C1  . NSM C 3 .   ? -5.496  2.440   3.229   1.00 16.67 ? 201 NSM A C1  1 
HETATM 1245 S  S   . SO4 D 4 .   ? -6.090  16.628  11.468  1.00 17.53 ? 202 SO4 A S   1 
HETATM 1246 O  O1  . SO4 D 4 .   ? -5.876  15.293  11.923  1.00 21.06 ? 202 SO4 A O1  1 
HETATM 1247 O  O2  . SO4 D 4 .   ? -6.536  16.315  10.087  1.00 26.82 ? 202 SO4 A O2  1 
HETATM 1248 O  O3  . SO4 D 4 .   ? -4.843  17.449  11.371  1.00 16.10 ? 202 SO4 A O3  1 
HETATM 1249 O  O4  . SO4 D 4 .   ? -7.229  17.427  11.826  1.00 20.35 ? 202 SO4 A O4  1 
HETATM 1250 O  O   . HOH E 5 .   ? 4.095   -11.149 -10.383 1.00 28.82 ? 301 HOH A O   1 
HETATM 1251 O  O   . HOH E 5 .   ? 13.865  6.777   3.808   1.00 28.03 ? 302 HOH A O   1 
HETATM 1252 O  O   . HOH E 5 .   ? -7.752  17.656  8.358   1.00 19.23 ? 303 HOH A O   1 
HETATM 1253 O  O   . HOH E 5 .   ? 0.884   -15.833 8.334   1.00 23.58 ? 304 HOH A O   1 
HETATM 1254 O  O   . HOH E 5 .   ? -13.636 5.936   10.826  1.00 24.33 ? 305 HOH A O   1 
HETATM 1255 O  O   . HOH E 5 .   ? -15.961 2.746   2.762   1.00 27.48 ? 306 HOH A O   1 
HETATM 1256 O  O   . HOH E 5 .   ? -5.618  -16.007 -0.610  1.00 24.43 ? 307 HOH A O   1 
HETATM 1257 O  O   . HOH E 5 .   ? -5.583  19.482  7.212   1.00 19.30 ? 308 HOH A O   1 
HETATM 1258 O  O   . HOH E 5 .   ? 15.692  1.893   7.799   1.00 17.43 ? 309 HOH A O   1 
HETATM 1259 O  O   . HOH E 5 .   ? 8.330   -7.487  -11.708 1.00 16.15 ? 310 HOH A O   1 
HETATM 1260 O  O   . HOH E 5 .   ? 18.784  -2.304  -6.147  1.00 27.44 ? 311 HOH A O   1 
HETATM 1261 O  O   . HOH E 5 .   ? 11.736  -17.038 0.005   1.00 30.17 ? 312 HOH A O   1 
HETATM 1262 O  O   . HOH E 5 .   ? -9.330  6.698   -11.257 1.00 21.72 ? 313 HOH A O   1 
HETATM 1263 O  O   . HOH E 5 .   ? -9.354  12.473  9.926   1.00 16.16 ? 314 HOH A O   1 
HETATM 1264 O  O   . HOH E 5 .   ? 5.975   -8.821  -12.163 1.00 25.53 ? 315 HOH A O   1 
HETATM 1265 O  O   . HOH E 5 .   ? 15.162  2.127   -11.495 1.00 25.63 ? 316 HOH A O   1 
HETATM 1266 O  O   . HOH E 5 .   ? -13.006 12.552  -3.864  1.00 20.08 ? 317 HOH A O   1 
HETATM 1267 O  O   . HOH E 5 .   ? 3.290   -10.910 11.097  1.00 26.09 ? 318 HOH A O   1 
HETATM 1268 O  O   . HOH E 5 .   ? -5.280  2.743   7.775   1.00 25.99 ? 319 HOH A O   1 
HETATM 1269 O  O   . HOH E 5 .   ? 9.255   -17.242 1.596   1.00 21.05 ? 320 HOH A O   1 
HETATM 1270 O  O   . HOH E 5 .   ? 16.197  -13.405 0.847   1.00 21.36 ? 321 HOH A O   1 
HETATM 1271 O  O   . HOH E 5 .   ? -0.116  21.784  3.931   1.00 19.64 ? 322 HOH A O   1 
HETATM 1272 O  O   . HOH E 5 .   ? 13.565  6.833   11.301  1.00 19.73 ? 323 HOH A O   1 
HETATM 1273 O  O   . HOH E 5 .   ? 1.376   -4.767  -10.857 1.00 24.57 ? 324 HOH A O   1 
HETATM 1274 O  O   . HOH E 5 .   ? 5.878   -9.978  9.925   1.00 18.02 ? 325 HOH A O   1 
HETATM 1275 O  O   . HOH E 5 .   ? 18.944  -9.529  -3.488  1.00 27.72 ? 326 HOH A O   1 
HETATM 1276 O  O   . HOH E 5 .   ? -5.396  -3.260  -14.734 1.00 25.01 ? 327 HOH A O   1 
HETATM 1277 O  O   . HOH E 5 .   ? 4.361   -11.302 1.824   1.00 13.55 ? 328 HOH A O   1 
HETATM 1278 O  O   . HOH E 5 .   ? -8.938  2.327   11.198  1.00 21.36 ? 329 HOH A O   1 
HETATM 1279 O  O   . HOH E 5 .   ? 7.983   12.888  7.480   1.00 32.13 ? 330 HOH A O   1 
HETATM 1280 O  O   . HOH E 5 .   ? 12.776  -1.902  -13.324 1.00 23.85 ? 331 HOH A O   1 
HETATM 1281 O  O   . HOH E 5 .   ? 13.169  0.732   -12.938 1.00 21.76 ? 332 HOH A O   1 
HETATM 1282 O  O   . HOH E 5 .   ? 2.252   12.230  -2.801  1.00 18.23 ? 333 HOH A O   1 
HETATM 1283 O  O   . HOH E 5 .   ? -4.153  18.576  13.780  1.00 20.96 ? 334 HOH A O   1 
HETATM 1284 O  O   . HOH E 5 .   ? -0.388  -17.336 -4.115  1.00 23.86 ? 335 HOH A O   1 
HETATM 1285 O  O   . HOH E 5 .   ? -6.037  -14.653 10.410  1.00 17.77 ? 336 HOH A O   1 
HETATM 1286 O  O   . HOH E 5 .   ? 7.792   9.356   -9.014  1.00 21.15 ? 337 HOH A O   1 
HETATM 1287 O  O   . HOH E 5 .   ? -4.973  4.982   11.762  1.00 14.92 ? 338 HOH A O   1 
HETATM 1288 O  O   . HOH E 5 .   ? -5.113  11.675  14.744  1.00 16.07 ? 339 HOH A O   1 
HETATM 1289 O  O   . HOH E 5 .   ? -14.122 13.707  6.904   1.00 17.33 ? 340 HOH A O   1 
HETATM 1290 O  O   . HOH E 5 .   ? 17.490  0.027   -5.216  1.00 24.39 ? 341 HOH A O   1 
HETATM 1291 O  O   . HOH E 5 .   ? 6.929   7.631   11.032  1.00 18.08 ? 342 HOH A O   1 
HETATM 1292 O  O   . HOH E 5 .   ? -5.918  24.491  1.134   1.00 17.33 ? 343 HOH A O   1 
HETATM 1293 O  O   . HOH E 5 .   ? -13.024 6.190   6.751   1.00 21.17 ? 344 HOH A O   1 
HETATM 1294 O  O   . HOH E 5 .   ? 5.452   1.177   12.091  1.00 20.87 ? 345 HOH A O   1 
HETATM 1295 O  O   . HOH E 5 .   ? 14.166  -8.217  -9.504  1.00 17.75 ? 346 HOH A O   1 
HETATM 1296 O  O   . HOH E 5 .   ? -3.207  1.489   14.038  1.00 14.53 ? 347 HOH A O   1 
HETATM 1297 O  O   . HOH E 5 .   ? -15.213 5.041   5.547   1.00 21.10 ? 348 HOH A O   1 
HETATM 1298 O  O   . HOH E 5 .   ? 11.825  -9.325  -10.014 1.00 18.01 ? 349 HOH A O   1 
HETATM 1299 O  O   . HOH E 5 .   ? 18.390  1.005   -11.611 1.00 21.78 ? 350 HOH A O   1 
HETATM 1300 O  O   . HOH E 5 .   ? 15.883  5.799   -8.818  1.00 16.29 ? 351 HOH A O   1 
HETATM 1301 O  O   . HOH E 5 .   ? 13.131  -17.833 3.711   1.00 28.71 ? 352 HOH A O   1 
HETATM 1302 O  O   . HOH E 5 .   ? -13.306 -5.960  -6.396  1.00 21.83 ? 353 HOH A O   1 
HETATM 1303 O  O   . HOH E 5 .   ? -10.620 0.320   10.688  1.00 27.36 ? 354 HOH A O   1 
HETATM 1304 O  O   . HOH E 5 .   ? 6.601   11.700  -2.283  1.00 26.30 ? 355 HOH A O   1 
HETATM 1305 O  O   . HOH E 5 .   ? 4.002   -12.134 -7.859  1.00 18.85 ? 356 HOH A O   1 
HETATM 1306 O  O   . HOH E 5 .   ? -9.042  13.874  -4.217  1.00 25.33 ? 357 HOH A O   1 
HETATM 1307 O  O   . HOH E 5 .   ? -9.106  15.112  9.966   1.00 16.78 ? 358 HOH A O   1 
HETATM 1308 O  O   . HOH E 5 .   ? -7.674  8.195   14.032  1.00 21.13 ? 359 HOH A O   1 
HETATM 1309 O  O   . HOH E 5 .   ? 14.852  -12.042 -10.482 1.00 26.07 ? 360 HOH A O   1 
HETATM 1310 O  O   . HOH E 5 .   ? -11.934 -4.218  -8.972  1.00 19.89 ? 361 HOH A O   1 
HETATM 1311 O  O   . HOH E 5 .   ? 9.787   6.012   10.603  1.00 17.26 ? 362 HOH A O   1 
HETATM 1312 O  O   . HOH E 5 .   ? -7.582  15.184  -8.204  1.00 24.02 ? 363 HOH A O   1 
HETATM 1313 O  O   . HOH E 5 .   ? -4.908  14.523  14.514  1.00 15.40 ? 364 HOH A O   1 
HETATM 1314 O  O   . HOH E 5 .   ? 5.721   -3.367  10.140  1.00 23.68 ? 365 HOH A O   1 
HETATM 1315 O  O   . HOH E 5 .   ? 12.725  -4.171  5.828   1.00 21.14 ? 366 HOH A O   1 
HETATM 1316 O  O   . HOH E 5 .   ? 18.826  -2.664  -10.989 1.00 24.11 ? 367 HOH A O   1 
HETATM 1317 O  O   . HOH E 5 .   ? 3.289   -10.346 -0.858  1.00 23.15 ? 368 HOH A O   1 
HETATM 1318 O  O   . HOH E 5 .   ? -1.187  -1.453  11.540  1.00 14.62 ? 369 HOH A O   1 
HETATM 1319 O  O   . HOH E 5 .   ? 12.452  9.128   2.656   1.00 23.90 ? 370 HOH A O   1 
HETATM 1320 O  O   . HOH E 5 .   ? 8.639   9.547   10.741  1.00 22.88 ? 371 HOH A O   1 
HETATM 1321 O  O   . HOH E 5 .   ? 17.645  -15.862 -5.355  1.00 23.77 ? 372 HOH A O   1 
HETATM 1322 O  O   . HOH E 5 .   ? -15.894 -4.405  -2.008  1.00 29.41 ? 373 HOH A O   1 
HETATM 1323 O  O   . HOH E 5 .   ? 9.535   13.619  -2.999  1.00 30.36 ? 374 HOH A O   1 
HETATM 1324 O  O   . HOH E 5 .   ? -14.349 2.869   9.279   1.00 25.61 ? 375 HOH A O   1 
HETATM 1325 O  O   . HOH E 5 .   ? -2.563  5.856   -7.255  1.00 20.54 ? 376 HOH A O   1 
HETATM 1326 O  O   . HOH E 5 .   ? 15.193  -18.566 -4.187  1.00 23.97 ? 377 HOH A O   1 
HETATM 1327 O  O   . HOH E 5 .   ? 7.847   -16.384 6.765   1.00 30.14 ? 378 HOH A O   1 
HETATM 1328 O  O   . HOH E 5 .   ? 12.742  14.376  -3.632  1.00 24.88 ? 379 HOH A O   1 
HETATM 1329 O  O   . HOH E 5 .   ? 0.115   6.486   -9.192  1.00 21.70 ? 380 HOH A O   1 
HETATM 1330 O  O   . HOH E 5 .   ? -6.851  5.415   13.784  1.00 22.12 ? 381 HOH A O   1 
HETATM 1331 O  O   . HOH E 5 .   ? 12.490  12.896  1.163   1.00 26.32 ? 382 HOH A O   1 
HETATM 1332 O  O   . HOH E 5 .   ? -20.880 -8.221  6.073   1.00 26.64 ? 383 HOH A O   1 
HETATM 1333 O  O   . HOH E 5 .   ? 4.728   11.689  -3.932  1.00 29.42 ? 384 HOH A O   1 
HETATM 1334 O  O   . HOH E 5 .   ? 16.149  -9.873  -9.447  1.00 25.80 ? 385 HOH A O   1 
# 
loop_
_pdbx_poly_seq_scheme.asym_id 
_pdbx_poly_seq_scheme.entity_id 
_pdbx_poly_seq_scheme.seq_id 
_pdbx_poly_seq_scheme.mon_id 
_pdbx_poly_seq_scheme.ndb_seq_num 
_pdbx_poly_seq_scheme.pdb_seq_num 
_pdbx_poly_seq_scheme.auth_seq_num 
_pdbx_poly_seq_scheme.pdb_mon_id 
_pdbx_poly_seq_scheme.auth_mon_id 
_pdbx_poly_seq_scheme.pdb_strand_id 
_pdbx_poly_seq_scheme.pdb_ins_code 
_pdbx_poly_seq_scheme.hetero 
A 1 1   MET 1   0   ?   ?   ?   A . n 
A 1 2   VAL 2   1   1   VAL VAL A . n 
A 1 3   LEU 3   2   2   LEU LEU A . n 
A 1 4   SER 4   3   3   SER SER A . n 
A 1 5   GLU 5   4   4   GLU GLU A . n 
A 1 6   GLY 6   5   5   GLY GLY A . n 
A 1 7   GLU 7   6   6   GLU GLU A . n 
A 1 8   TRP 8   7   7   TRP TRP A . n 
A 1 9   GLN 9   8   8   GLN GLN A . n 
A 1 10  LEU 10  9   9   LEU LEU A . n 
A 1 11  VAL 11  10  10  VAL VAL A . n 
A 1 12  LEU 12  11  11  LEU LEU A . n 
A 1 13  HIS 13  12  12  HIS HIS A . n 
A 1 14  VAL 14  13  13  VAL VAL A . n 
A 1 15  TRP 15  14  14  TRP TRP A . n 
A 1 16  ALA 16  15  15  ALA ALA A . n 
A 1 17  LYS 17  16  16  LYS LYS A . n 
A 1 18  VAL 18  17  17  VAL VAL A . n 
A 1 19  GLU 19  18  18  GLU GLU A . n 
A 1 20  ALA 20  19  19  ALA ALA A . n 
A 1 21  ASP 21  20  20  ASP ASP A . n 
A 1 22  VAL 22  21  21  VAL VAL A . n 
A 1 23  ALA 23  22  22  ALA ALA A . n 
A 1 24  GLY 24  23  23  GLY GLY A . n 
A 1 25  HIS 25  24  24  HIS HIS A . n 
A 1 26  GLY 26  25  25  GLY GLY A . n 
A 1 27  GLN 27  26  26  GLN GLN A . n 
A 1 28  ASP 28  27  27  ASP ASP A . n 
A 1 29  ILE 29  28  28  ILE ILE A . n 
A 1 30  LEU 30  29  29  LEU LEU A . n 
A 1 31  ILE 31  30  30  ILE ILE A . n 
A 1 32  ARG 32  31  31  ARG ARG A . n 
A 1 33  LEU 33  32  32  LEU LEU A . n 
A 1 34  PHE 34  33  33  PHE PHE A . n 
A 1 35  LYS 35  34  34  LYS LYS A . n 
A 1 36  SER 36  35  35  SER SER A . n 
A 1 37  HIS 37  36  36  HIS HIS A . n 
A 1 38  PRO 38  37  37  PRO PRO A . n 
A 1 39  GLU 39  38  38  GLU GLU A . n 
A 1 40  THR 40  39  39  THR THR A . n 
A 1 41  LEU 41  40  40  LEU LEU A . n 
A 1 42  GLU 42  41  41  GLU GLU A . n 
A 1 43  LYS 43  42  42  LYS LYS A . n 
A 1 44  PHE 44  43  43  PHE PHE A . n 
A 1 45  ASP 45  44  44  ASP ASP A . n 
A 1 46  ARG 46  45  45  ARG ARG A . n 
A 1 47  PHE 47  46  46  PHE PHE A . n 
A 1 48  LYS 48  47  47  LYS LYS A . n 
A 1 49  HIS 49  48  48  HIS HIS A . n 
A 1 50  LEU 50  49  49  LEU LEU A . n 
A 1 51  LYS 51  50  50  LYS LYS A . n 
A 1 52  THR 52  51  51  THR THR A . n 
A 1 53  GLU 53  52  52  GLU GLU A . n 
A 1 54  ALA 54  53  53  ALA ALA A . n 
A 1 55  GLU 55  54  54  GLU GLU A . n 
A 1 56  MET 56  55  55  MET MET A . n 
A 1 57  LYS 57  56  56  LYS LYS A . n 
A 1 58  ALA 58  57  57  ALA ALA A . n 
A 1 59  SER 59  58  58  SER SER A . n 
A 1 60  GLU 60  59  59  GLU GLU A . n 
A 1 61  ASP 61  60  60  ASP ASP A . n 
A 1 62  LEU 62  61  61  LEU LEU A . n 
A 1 63  LYS 63  62  62  LYS LYS A . n 
A 1 64  LYS 64  63  63  LYS LYS A . n 
A 1 65  ALA 65  64  64  ALA ALA A . n 
A 1 66  GLY 66  65  65  GLY GLY A . n 
A 1 67  VAL 67  66  66  VAL VAL A . n 
A 1 68  THR 68  67  67  THR THR A . n 
A 1 69  VAL 69  68  68  VAL VAL A . n 
A 1 70  LEU 70  69  69  LEU LEU A . n 
A 1 71  THR 71  70  70  THR THR A . n 
A 1 72  ALA 72  71  71  ALA ALA A . n 
A 1 73  LEU 73  72  72  LEU LEU A . n 
A 1 74  GLY 74  73  73  GLY GLY A . n 
A 1 75  ALA 75  74  74  ALA ALA A . n 
A 1 76  ILE 76  75  75  ILE ILE A . n 
A 1 77  LEU 77  76  76  LEU LEU A . n 
A 1 78  LYS 78  77  77  LYS LYS A . n 
A 1 79  LYS 79  78  78  LYS LYS A . n 
A 1 80  LYS 80  79  79  LYS LYS A . n 
A 1 81  GLY 81  80  80  GLY GLY A . n 
A 1 82  HIS 82  81  81  HIS HIS A . n 
A 1 83  HIS 83  82  82  HIS HIS A . n 
A 1 84  GLU 84  83  83  GLU GLU A . n 
A 1 85  ALA 85  84  84  ALA ALA A . n 
A 1 86  GLU 86  85  85  GLU GLU A . n 
A 1 87  LEU 87  86  86  LEU LEU A . n 
A 1 88  LYS 88  87  87  LYS LYS A . n 
A 1 89  PRO 89  88  88  PRO PRO A . n 
A 1 90  LEU 90  89  89  LEU LEU A . n 
A 1 91  ALA 91  90  90  ALA ALA A . n 
A 1 92  GLN 92  91  91  GLN GLN A . n 
A 1 93  SER 93  92  92  SER SER A . n 
A 1 94  HIS 94  93  93  HIS HIS A . n 
A 1 95  ALA 95  94  94  ALA ALA A . n 
A 1 96  THR 96  95  95  THR THR A . n 
A 1 97  LYS 97  96  96  LYS LYS A . n 
A 1 98  HIS 98  97  97  HIS HIS A . n 
A 1 99  LYS 99  98  98  LYS LYS A . n 
A 1 100 ILE 100 99  99  ILE ILE A . n 
A 1 101 PRO 101 100 100 PRO PRO A . n 
A 1 102 ILE 102 101 101 ILE ILE A . n 
A 1 103 LYS 103 102 102 LYS LYS A . n 
A 1 104 TYR 104 103 103 TYR TYR A . n 
A 1 105 LEU 105 104 104 LEU LEU A . n 
A 1 106 GLU 106 105 105 GLU GLU A . n 
A 1 107 PHE 107 106 106 PHE PHE A . n 
A 1 108 ILE 108 107 107 ILE ILE A . n 
A 1 109 SER 109 108 108 SER SER A . n 
A 1 110 GLU 110 109 109 GLU GLU A . n 
A 1 111 ALA 111 110 110 ALA ALA A . n 
A 1 112 ILE 112 111 111 ILE ILE A . n 
A 1 113 ILE 113 112 112 ILE ILE A . n 
A 1 114 HIS 114 113 113 HIS HIS A . n 
A 1 115 VAL 115 114 114 VAL VAL A . n 
A 1 116 LEU 116 115 115 LEU LEU A . n 
A 1 117 HIS 117 116 116 HIS HIS A . n 
A 1 118 SER 118 117 117 SER SER A . n 
A 1 119 ARG 119 118 118 ARG ARG A . n 
A 1 120 HIS 120 119 119 HIS HIS A . n 
A 1 121 PRO 121 120 120 PRO PRO A . n 
A 1 122 GLY 122 121 121 GLY GLY A . n 
A 1 123 ASN 123 122 122 ASN ASN A . n 
A 1 124 PHE 124 123 123 PHE PHE A . n 
A 1 125 GLY 125 124 124 GLY GLY A . n 
A 1 126 ALA 126 125 125 ALA ALA A . n 
A 1 127 ASP 127 126 126 ASP ASP A . n 
A 1 128 ALA 128 127 127 ALA ALA A . n 
A 1 129 GLN 129 128 128 GLN GLN A . n 
A 1 130 GLY 130 129 129 GLY GLY A . n 
A 1 131 ALA 131 130 130 ALA ALA A . n 
A 1 132 MET 132 131 131 MET MET A . n 
A 1 133 ASN 133 132 132 ASN ASN A . n 
A 1 134 LYS 134 133 133 LYS LYS A . n 
A 1 135 ALA 135 134 134 ALA ALA A . n 
A 1 136 LEU 136 135 135 LEU LEU A . n 
A 1 137 GLU 137 136 136 GLU GLU A . n 
A 1 138 LEU 138 137 137 LEU LEU A . n 
A 1 139 PHE 139 138 138 PHE PHE A . n 
A 1 140 ARG 140 139 139 ARG ARG A . n 
A 1 141 LYS 141 140 140 LYS LYS A . n 
A 1 142 ASP 142 141 141 ASP ASP A . n 
A 1 143 ILE 143 142 142 ILE ILE A . n 
A 1 144 ALA 144 143 143 ALA ALA A . n 
A 1 145 ALA 145 144 144 ALA ALA A . n 
A 1 146 LYS 146 145 145 LYS LYS A . n 
A 1 147 TYR 147 146 146 TYR TYR A . n 
A 1 148 LYS 148 147 147 LYS LYS A . n 
A 1 149 GLU 149 148 148 GLU GLU A . n 
A 1 150 LEU 150 149 149 LEU LEU A . n 
A 1 151 GLY 151 150 150 GLY GLY A . n 
A 1 152 TYR 152 151 151 TYR TYR A . n 
A 1 153 GLN 153 152 ?   ?   ?   A . n 
A 1 154 GLY 154 153 ?   ?   ?   A . n 
# 
_pdbx_contact_author.id                 4 
_pdbx_contact_author.email              grichteraddo@ou.edu 
_pdbx_contact_author.name_first         George 
_pdbx_contact_author.name_last          Richter-Addo 
_pdbx_contact_author.name_mi            B. 
_pdbx_contact_author.role               'principal investigator/group leader' 
_pdbx_contact_author.identifier_ORCID   0000-0001-9400-0113 
# 
loop_
_pdbx_nonpoly_scheme.asym_id 
_pdbx_nonpoly_scheme.entity_id 
_pdbx_nonpoly_scheme.mon_id 
_pdbx_nonpoly_scheme.ndb_seq_num 
_pdbx_nonpoly_scheme.pdb_seq_num 
_pdbx_nonpoly_scheme.auth_seq_num 
_pdbx_nonpoly_scheme.pdb_mon_id 
_pdbx_nonpoly_scheme.auth_mon_id 
_pdbx_nonpoly_scheme.pdb_strand_id 
_pdbx_nonpoly_scheme.pdb_ins_code 
B 2 HEM 1  200 200 HEM HEM A . 
C 3 NSM 1  201 201 NSM NSM A . 
D 4 SO4 1  202 202 SO4 SO4 A . 
E 5 HOH 1  301 301 HOH HOH A . 
E 5 HOH 2  302 302 HOH HOH A . 
E 5 HOH 3  303 303 HOH HOH A . 
E 5 HOH 4  304 304 HOH HOH A . 
E 5 HOH 5  305 305 HOH HOH A . 
E 5 HOH 6  306 306 HOH HOH A . 
E 5 HOH 7  307 307 HOH HOH A . 
E 5 HOH 8  308 308 HOH HOH A . 
E 5 HOH 9  309 309 HOH HOH A . 
E 5 HOH 10 310 310 HOH HOH A . 
E 5 HOH 11 311 311 HOH HOH A . 
E 5 HOH 12 312 312 HOH HOH A . 
E 5 HOH 13 313 313 HOH HOH A . 
E 5 HOH 14 314 314 HOH HOH A . 
E 5 HOH 15 315 315 HOH HOH A . 
E 5 HOH 16 316 316 HOH HOH A . 
E 5 HOH 17 317 317 HOH HOH A . 
E 5 HOH 18 318 318 HOH HOH A . 
E 5 HOH 19 319 319 HOH HOH A . 
E 5 HOH 20 320 320 HOH HOH A . 
E 5 HOH 21 321 321 HOH HOH A . 
E 5 HOH 22 322 322 HOH HOH A . 
E 5 HOH 23 323 324 HOH HOH A . 
E 5 HOH 24 324 323 HOH HOH A . 
E 5 HOH 25 325 325 HOH HOH A . 
E 5 HOH 26 326 326 HOH HOH A . 
E 5 HOH 27 327 327 HOH HOH A . 
E 5 HOH 28 328 328 HOH HOH A . 
E 5 HOH 29 329 329 HOH HOH A . 
E 5 HOH 30 330 330 HOH HOH A . 
E 5 HOH 31 331 331 HOH HOH A . 
E 5 HOH 32 332 332 HOH HOH A . 
E 5 HOH 33 333 333 HOH HOH A . 
E 5 HOH 34 334 334 HOH HOH A . 
E 5 HOH 35 335 335 HOH HOH A . 
E 5 HOH 36 336 336 HOH HOH A . 
E 5 HOH 37 337 337 HOH HOH A . 
E 5 HOH 38 338 338 HOH HOH A . 
E 5 HOH 39 339 339 HOH HOH A . 
E 5 HOH 40 340 340 HOH HOH A . 
E 5 HOH 41 341 341 HOH HOH A . 
E 5 HOH 42 342 342 HOH HOH A . 
E 5 HOH 43 343 343 HOH HOH A . 
E 5 HOH 44 344 344 HOH HOH A . 
E 5 HOH 45 345 345 HOH HOH A . 
E 5 HOH 46 346 346 HOH HOH A . 
E 5 HOH 47 347 347 HOH HOH A . 
E 5 HOH 48 348 348 HOH HOH A . 
E 5 HOH 49 349 349 HOH HOH A . 
E 5 HOH 50 350 350 HOH HOH A . 
E 5 HOH 51 351 351 HOH HOH A . 
E 5 HOH 52 352 352 HOH HOH A . 
E 5 HOH 53 353 353 HOH HOH A . 
E 5 HOH 54 354 354 HOH HOH A . 
E 5 HOH 55 355 355 HOH HOH A . 
E 5 HOH 56 356 356 HOH HOH A . 
E 5 HOH 57 357 357 HOH HOH A . 
E 5 HOH 58 358 358 HOH HOH A . 
E 5 HOH 59 359 359 HOH HOH A . 
E 5 HOH 60 360 360 HOH HOH A . 
E 5 HOH 61 361 361 HOH HOH A . 
E 5 HOH 62 362 362 HOH HOH A . 
E 5 HOH 63 363 363 HOH HOH A . 
E 5 HOH 64 364 364 HOH HOH A . 
E 5 HOH 65 365 365 HOH HOH A . 
E 5 HOH 66 366 366 HOH HOH A . 
E 5 HOH 67 367 367 HOH HOH A . 
E 5 HOH 68 368 368 HOH HOH A . 
E 5 HOH 69 369 369 HOH HOH A . 
E 5 HOH 70 370 370 HOH HOH A . 
E 5 HOH 71 371 371 HOH HOH A . 
E 5 HOH 72 372 372 HOH HOH A . 
E 5 HOH 73 373 373 HOH HOH A . 
E 5 HOH 74 374 374 HOH HOH A . 
E 5 HOH 75 375 375 HOH HOH A . 
E 5 HOH 76 376 376 HOH HOH A . 
E 5 HOH 77 377 377 HOH HOH A . 
E 5 HOH 78 378 378 HOH HOH A . 
E 5 HOH 79 379 379 HOH HOH A . 
E 5 HOH 80 380 380 HOH HOH A . 
E 5 HOH 81 381 381 HOH HOH A . 
E 5 HOH 82 382 382 HOH HOH A . 
E 5 HOH 83 383 383 HOH HOH A . 
E 5 HOH 84 384 384 HOH HOH A . 
E 5 HOH 85 385 385 HOH HOH A . 
# 
_pdbx_struct_assembly.id                   1 
_pdbx_struct_assembly.details              author_defined_assembly 
_pdbx_struct_assembly.method_details       ? 
_pdbx_struct_assembly.oligomeric_details   monomeric 
_pdbx_struct_assembly.oligomeric_count     1 
# 
_pdbx_struct_assembly_gen.assembly_id       1 
_pdbx_struct_assembly_gen.oper_expression   1 
_pdbx_struct_assembly_gen.asym_id_list      A,B,C,D,E 
# 
loop_
_pdbx_struct_assembly_prop.biol_id 
_pdbx_struct_assembly_prop.type 
_pdbx_struct_assembly_prop.value 
_pdbx_struct_assembly_prop.details 
1 'ABSA (A^2)' 1520 ? 
1 MORE         -29  ? 
1 'SSA (A^2)'  7820 ? 
# 
_pdbx_struct_oper_list.id                   1 
_pdbx_struct_oper_list.type                 'identity operation' 
_pdbx_struct_oper_list.name                 1_555 
_pdbx_struct_oper_list.symmetry_operation   x,y,z 
_pdbx_struct_oper_list.matrix[1][1]         1.0000000000 
_pdbx_struct_oper_list.matrix[1][2]         0.0000000000 
_pdbx_struct_oper_list.matrix[1][3]         0.0000000000 
_pdbx_struct_oper_list.vector[1]            0.0000000000 
_pdbx_struct_oper_list.matrix[2][1]         0.0000000000 
_pdbx_struct_oper_list.matrix[2][2]         1.0000000000 
_pdbx_struct_oper_list.matrix[2][3]         0.0000000000 
_pdbx_struct_oper_list.vector[2]            0.0000000000 
_pdbx_struct_oper_list.matrix[3][1]         0.0000000000 
_pdbx_struct_oper_list.matrix[3][2]         0.0000000000 
_pdbx_struct_oper_list.matrix[3][3]         1.0000000000 
_pdbx_struct_oper_list.vector[3]            0.0000000000 
# 
loop_
_pdbx_struct_conn_angle.id 
_pdbx_struct_conn_angle.ptnr1_label_atom_id 
_pdbx_struct_conn_angle.ptnr1_label_alt_id 
_pdbx_struct_conn_angle.ptnr1_label_asym_id 
_pdbx_struct_conn_angle.ptnr1_label_comp_id 
_pdbx_struct_conn_angle.ptnr1_label_seq_id 
_pdbx_struct_conn_angle.ptnr1_auth_atom_id 
_pdbx_struct_conn_angle.ptnr1_auth_asym_id 
_pdbx_struct_conn_angle.ptnr1_auth_comp_id 
_pdbx_struct_conn_angle.ptnr1_auth_seq_id 
_pdbx_struct_conn_angle.ptnr1_PDB_ins_code 
_pdbx_struct_conn_angle.ptnr1_symmetry 
_pdbx_struct_conn_angle.ptnr2_label_atom_id 
_pdbx_struct_conn_angle.ptnr2_label_alt_id 
_pdbx_struct_conn_angle.ptnr2_label_asym_id 
_pdbx_struct_conn_angle.ptnr2_label_comp_id 
_pdbx_struct_conn_angle.ptnr2_label_seq_id 
_pdbx_struct_conn_angle.ptnr2_auth_atom_id 
_pdbx_struct_conn_angle.ptnr2_auth_asym_id 
_pdbx_struct_conn_angle.ptnr2_auth_comp_id 
_pdbx_struct_conn_angle.ptnr2_auth_seq_id 
_pdbx_struct_conn_angle.ptnr2_PDB_ins_code 
_pdbx_struct_conn_angle.ptnr2_symmetry 
_pdbx_struct_conn_angle.ptnr3_label_atom_id 
_pdbx_struct_conn_angle.ptnr3_label_alt_id 
_pdbx_struct_conn_angle.ptnr3_label_asym_id 
_pdbx_struct_conn_angle.ptnr3_label_comp_id 
_pdbx_struct_conn_angle.ptnr3_label_seq_id 
_pdbx_struct_conn_angle.ptnr3_auth_atom_id 
_pdbx_struct_conn_angle.ptnr3_auth_asym_id 
_pdbx_struct_conn_angle.ptnr3_auth_comp_id 
_pdbx_struct_conn_angle.ptnr3_auth_seq_id 
_pdbx_struct_conn_angle.ptnr3_PDB_ins_code 
_pdbx_struct_conn_angle.ptnr3_symmetry 
_pdbx_struct_conn_angle.value 
_pdbx_struct_conn_angle.value_esd 
1  NE2 ? A HIS 94 ? A HIS 93  ? 1_555 FE ? B HEM . ? A HEM 200 ? 1_555 NA ? B HEM . ? A HEM 200 ? 1_555 90.7  ? 
2  NE2 ? A HIS 94 ? A HIS 93  ? 1_555 FE ? B HEM . ? A HEM 200 ? 1_555 NB ? B HEM . ? A HEM 200 ? 1_555 89.7  ? 
3  NA  ? B HEM .  ? A HEM 200 ? 1_555 FE ? B HEM . ? A HEM 200 ? 1_555 NB ? B HEM . ? A HEM 200 ? 1_555 90.1  ? 
4  NE2 ? A HIS 94 ? A HIS 93  ? 1_555 FE ? B HEM . ? A HEM 200 ? 1_555 NC ? B HEM . ? A HEM 200 ? 1_555 90.1  ? 
5  NA  ? B HEM .  ? A HEM 200 ? 1_555 FE ? B HEM . ? A HEM 200 ? 1_555 NC ? B HEM . ? A HEM 200 ? 1_555 178.5 ? 
6  NB  ? B HEM .  ? A HEM 200 ? 1_555 FE ? B HEM . ? A HEM 200 ? 1_555 NC ? B HEM . ? A HEM 200 ? 1_555 88.5  ? 
7  NE2 ? A HIS 94 ? A HIS 93  ? 1_555 FE ? B HEM . ? A HEM 200 ? 1_555 ND ? B HEM . ? A HEM 200 ? 1_555 90.4  ? 
8  NA  ? B HEM .  ? A HEM 200 ? 1_555 FE ? B HEM . ? A HEM 200 ? 1_555 ND ? B HEM . ? A HEM 200 ? 1_555 90.4  ? 
9  NB  ? B HEM .  ? A HEM 200 ? 1_555 FE ? B HEM . ? A HEM 200 ? 1_555 ND ? B HEM . ? A HEM 200 ? 1_555 179.5 ? 
10 NC  ? B HEM .  ? A HEM 200 ? 1_555 FE ? B HEM . ? A HEM 200 ? 1_555 ND ? B HEM . ? A HEM 200 ? 1_555 91.0  ? 
11 NE2 ? A HIS 94 ? A HIS 93  ? 1_555 FE ? B HEM . ? A HEM 200 ? 1_555 O1 ? C NSM . ? A NSM 201 ? 1_555 156.3 ? 
12 NA  ? B HEM .  ? A HEM 200 ? 1_555 FE ? B HEM . ? A HEM 200 ? 1_555 O1 ? C NSM . ? A NSM 201 ? 1_555 76.0  ? 
13 NB  ? B HEM .  ? A HEM 200 ? 1_555 FE ? B HEM . ? A HEM 200 ? 1_555 O1 ? C NSM . ? A NSM 201 ? 1_555 109.5 ? 
14 NC  ? B HEM .  ? A HEM 200 ? 1_555 FE ? B HEM . ? A HEM 200 ? 1_555 O1 ? C NSM . ? A NSM 201 ? 1_555 103.7 ? 
15 ND  ? B HEM .  ? A HEM 200 ? 1_555 FE ? B HEM . ? A HEM 200 ? 1_555 O1 ? C NSM . ? A NSM 201 ? 1_555 70.5  ? 
16 NE2 ? A HIS 94 ? A HIS 93  ? 1_555 FE ? B HEM . ? A HEM 200 ? 1_555 N  ? C NSM . ? A NSM 201 ? 1_555 177.1 ? 
17 NA  ? B HEM .  ? A HEM 200 ? 1_555 FE ? B HEM . ? A HEM 200 ? 1_555 N  ? C NSM . ? A NSM 201 ? 1_555 91.0  ? 
18 NB  ? B HEM .  ? A HEM 200 ? 1_555 FE ? B HEM . ? A HEM 200 ? 1_555 N  ? C NSM . ? A NSM 201 ? 1_555 92.6  ? 
19 NC  ? B HEM .  ? A HEM 200 ? 1_555 FE ? B HEM . ? A HEM 200 ? 1_555 N  ? C NSM . ? A NSM 201 ? 1_555 88.3  ? 
20 ND  ? B HEM .  ? A HEM 200 ? 1_555 FE ? B HEM . ? A HEM 200 ? 1_555 N  ? C NSM . ? A NSM 201 ? 1_555 87.3  ? 
21 O1  ? C NSM .  ? A NSM 201 ? 1_555 FE ? B HEM . ? A HEM 200 ? 1_555 N  ? C NSM . ? A NSM 201 ? 1_555 22.9  ? 
# 
_pdbx_audit_revision_history.ordinal             1 
_pdbx_audit_revision_history.data_content_type   'Structure model' 
_pdbx_audit_revision_history.major_revision      1 
_pdbx_audit_revision_history.minor_revision      0 
_pdbx_audit_revision_history.revision_date       2023-11-08 
# 
_pdbx_audit_revision_details.ordinal             1 
_pdbx_audit_revision_details.revision_ordinal    1 
_pdbx_audit_revision_details.data_content_type   'Structure model' 
_pdbx_audit_revision_details.provider            repository 
_pdbx_audit_revision_details.type                'Initial release' 
_pdbx_audit_revision_details.description         ? 
_pdbx_audit_revision_details.details             ? 
# 
loop_
_software.citation_id 
_software.classification 
_software.compiler_name 
_software.compiler_version 
_software.contact_author 
_software.contact_author_email 
_software.date 
_software.description 
_software.dependencies 
_software.hardware 
_software.language 
_software.location 
_software.mods 
_software.name 
_software.os 
_software.os_version 
_software.type 
_software.version 
_software.pdbx_ordinal 
? refinement        ? ? ? ? ? ? ? ? ? ? ? REFMAC      ? ? ? 5.8.0158 1 
? 'data extraction' ? ? ? ? ? ? ? ? ? ? ? PDB_EXTRACT ? ? ? 3.27     2 
? 'data reduction'  ? ? ? ? ? ? ? ? ? ? ? HKL-3000    ? ? ? .        3 
? 'data scaling'    ? ? ? ? ? ? ? ? ? ? ? HKL-3000    ? ? ? .        4 
? phasing           ? ? ? ? ? ? ? ? ? ? ? PHASER      ? ? ? .        5 
# 
_pdbx_entry_details.entry_id                 8F9H 
_pdbx_entry_details.nonpolymer_details       ? 
_pdbx_entry_details.sequence_details         ? 
_pdbx_entry_details.compound_details         ? 
_pdbx_entry_details.source_details           ? 
_pdbx_entry_details.has_ligand_of_interest   Y 
# 
loop_
_pdbx_validate_rmsd_angle.id 
_pdbx_validate_rmsd_angle.PDB_model_num 
_pdbx_validate_rmsd_angle.auth_atom_id_1 
_pdbx_validate_rmsd_angle.auth_asym_id_1 
_pdbx_validate_rmsd_angle.auth_comp_id_1 
_pdbx_validate_rmsd_angle.auth_seq_id_1 
_pdbx_validate_rmsd_angle.PDB_ins_code_1 
_pdbx_validate_rmsd_angle.label_alt_id_1 
_pdbx_validate_rmsd_angle.auth_atom_id_2 
_pdbx_validate_rmsd_angle.auth_asym_id_2 
_pdbx_validate_rmsd_angle.auth_comp_id_2 
_pdbx_validate_rmsd_angle.auth_seq_id_2 
_pdbx_validate_rmsd_angle.PDB_ins_code_2 
_pdbx_validate_rmsd_angle.label_alt_id_2 
_pdbx_validate_rmsd_angle.auth_atom_id_3 
_pdbx_validate_rmsd_angle.auth_asym_id_3 
_pdbx_validate_rmsd_angle.auth_comp_id_3 
_pdbx_validate_rmsd_angle.auth_seq_id_3 
_pdbx_validate_rmsd_angle.PDB_ins_code_3 
_pdbx_validate_rmsd_angle.label_alt_id_3 
_pdbx_validate_rmsd_angle.angle_value 
_pdbx_validate_rmsd_angle.angle_target_value 
_pdbx_validate_rmsd_angle.angle_deviation 
_pdbx_validate_rmsd_angle.angle_standard_deviation 
_pdbx_validate_rmsd_angle.linker_flag 
1 1 NE A ARG 118 ? ? CZ A ARG 118 ? ? NH1 A ARG 118 ? ? 126.43 120.30 6.13  0.50 N 
2 1 NE A ARG 118 ? ? CZ A ARG 118 ? ? NH2 A ARG 118 ? ? 113.63 120.30 -6.67 0.50 N 
# 
_pdbx_validate_torsion.id              1 
_pdbx_validate_torsion.PDB_model_num   1 
_pdbx_validate_torsion.auth_comp_id    ASP 
_pdbx_validate_torsion.auth_asym_id    A 
_pdbx_validate_torsion.auth_seq_id     20 
_pdbx_validate_torsion.PDB_ins_code    ? 
_pdbx_validate_torsion.label_alt_id    ? 
_pdbx_validate_torsion.phi             -153.75 
_pdbx_validate_torsion.psi             77.18 
# 
loop_
_pdbx_unobs_or_zero_occ_residues.id 
_pdbx_unobs_or_zero_occ_residues.PDB_model_num 
_pdbx_unobs_or_zero_occ_residues.polymer_flag 
_pdbx_unobs_or_zero_occ_residues.occupancy_flag 
_pdbx_unobs_or_zero_occ_residues.auth_asym_id 
_pdbx_unobs_or_zero_occ_residues.auth_comp_id 
_pdbx_unobs_or_zero_occ_residues.auth_seq_id 
_pdbx_unobs_or_zero_occ_residues.PDB_ins_code 
_pdbx_unobs_or_zero_occ_residues.label_asym_id 
_pdbx_unobs_or_zero_occ_residues.label_comp_id 
_pdbx_unobs_or_zero_occ_residues.label_seq_id 
1 1 Y 1 A MET 0   ? A MET 1   
2 1 Y 1 A GLN 152 ? A GLN 153 
3 1 Y 1 A GLY 153 ? A GLY 154 
# 
loop_
_chem_comp_atom.comp_id 
_chem_comp_atom.atom_id 
_chem_comp_atom.type_symbol 
_chem_comp_atom.pdbx_aromatic_flag 
_chem_comp_atom.pdbx_stereo_config 
_chem_comp_atom.pdbx_ordinal 
ALA N    N  N N 1   
ALA CA   C  N S 2   
ALA C    C  N N 3   
ALA O    O  N N 4   
ALA CB   C  N N 5   
ALA OXT  O  N N 6   
ALA H    H  N N 7   
ALA H2   H  N N 8   
ALA HA   H  N N 9   
ALA HB1  H  N N 10  
ALA HB2  H  N N 11  
ALA HB3  H  N N 12  
ALA HXT  H  N N 13  
ARG N    N  N N 14  
ARG CA   C  N S 15  
ARG C    C  N N 16  
ARG O    O  N N 17  
ARG CB   C  N N 18  
ARG CG   C  N N 19  
ARG CD   C  N N 20  
ARG NE   N  N N 21  
ARG CZ   C  N N 22  
ARG NH1  N  N N 23  
ARG NH2  N  N N 24  
ARG OXT  O  N N 25  
ARG H    H  N N 26  
ARG H2   H  N N 27  
ARG HA   H  N N 28  
ARG HB2  H  N N 29  
ARG HB3  H  N N 30  
ARG HG2  H  N N 31  
ARG HG3  H  N N 32  
ARG HD2  H  N N 33  
ARG HD3  H  N N 34  
ARG HE   H  N N 35  
ARG HH11 H  N N 36  
ARG HH12 H  N N 37  
ARG HH21 H  N N 38  
ARG HH22 H  N N 39  
ARG HXT  H  N N 40  
ASN N    N  N N 41  
ASN CA   C  N S 42  
ASN C    C  N N 43  
ASN O    O  N N 44  
ASN CB   C  N N 45  
ASN CG   C  N N 46  
ASN OD1  O  N N 47  
ASN ND2  N  N N 48  
ASN OXT  O  N N 49  
ASN H    H  N N 50  
ASN H2   H  N N 51  
ASN HA   H  N N 52  
ASN HB2  H  N N 53  
ASN HB3  H  N N 54  
ASN HD21 H  N N 55  
ASN HD22 H  N N 56  
ASN HXT  H  N N 57  
ASP N    N  N N 58  
ASP CA   C  N S 59  
ASP C    C  N N 60  
ASP O    O  N N 61  
ASP CB   C  N N 62  
ASP CG   C  N N 63  
ASP OD1  O  N N 64  
ASP OD2  O  N N 65  
ASP OXT  O  N N 66  
ASP H    H  N N 67  
ASP H2   H  N N 68  
ASP HA   H  N N 69  
ASP HB2  H  N N 70  
ASP HB3  H  N N 71  
ASP HD2  H  N N 72  
ASP HXT  H  N N 73  
GLN N    N  N N 74  
GLN CA   C  N S 75  
GLN C    C  N N 76  
GLN O    O  N N 77  
GLN CB   C  N N 78  
GLN CG   C  N N 79  
GLN CD   C  N N 80  
GLN OE1  O  N N 81  
GLN NE2  N  N N 82  
GLN OXT  O  N N 83  
GLN H    H  N N 84  
GLN H2   H  N N 85  
GLN HA   H  N N 86  
GLN HB2  H  N N 87  
GLN HB3  H  N N 88  
GLN HG2  H  N N 89  
GLN HG3  H  N N 90  
GLN HE21 H  N N 91  
GLN HE22 H  N N 92  
GLN HXT  H  N N 93  
GLU N    N  N N 94  
GLU CA   C  N S 95  
GLU C    C  N N 96  
GLU O    O  N N 97  
GLU CB   C  N N 98  
GLU CG   C  N N 99  
GLU CD   C  N N 100 
GLU OE1  O  N N 101 
GLU OE2  O  N N 102 
GLU OXT  O  N N 103 
GLU H    H  N N 104 
GLU H2   H  N N 105 
GLU HA   H  N N 106 
GLU HB2  H  N N 107 
GLU HB3  H  N N 108 
GLU HG2  H  N N 109 
GLU HG3  H  N N 110 
GLU HE2  H  N N 111 
GLU HXT  H  N N 112 
GLY N    N  N N 113 
GLY CA   C  N N 114 
GLY C    C  N N 115 
GLY O    O  N N 116 
GLY OXT  O  N N 117 
GLY H    H  N N 118 
GLY H2   H  N N 119 
GLY HA2  H  N N 120 
GLY HA3  H  N N 121 
GLY HXT  H  N N 122 
HEM CHA  C  N N 123 
HEM CHB  C  N N 124 
HEM CHC  C  N N 125 
HEM CHD  C  N N 126 
HEM C1A  C  Y N 127 
HEM C2A  C  Y N 128 
HEM C3A  C  Y N 129 
HEM C4A  C  Y N 130 
HEM CMA  C  N N 131 
HEM CAA  C  N N 132 
HEM CBA  C  N N 133 
HEM CGA  C  N N 134 
HEM O1A  O  N N 135 
HEM O2A  O  N N 136 
HEM C1B  C  N N 137 
HEM C2B  C  N N 138 
HEM C3B  C  N N 139 
HEM C4B  C  N N 140 
HEM CMB  C  N N 141 
HEM CAB  C  N N 142 
HEM CBB  C  N N 143 
HEM C1C  C  Y N 144 
HEM C2C  C  Y N 145 
HEM C3C  C  Y N 146 
HEM C4C  C  Y N 147 
HEM CMC  C  N N 148 
HEM CAC  C  N N 149 
HEM CBC  C  N N 150 
HEM C1D  C  N N 151 
HEM C2D  C  N N 152 
HEM C3D  C  N N 153 
HEM C4D  C  N N 154 
HEM CMD  C  N N 155 
HEM CAD  C  N N 156 
HEM CBD  C  N N 157 
HEM CGD  C  N N 158 
HEM O1D  O  N N 159 
HEM O2D  O  N N 160 
HEM NA   N  Y N 161 
HEM NB   N  N N 162 
HEM NC   N  Y N 163 
HEM ND   N  N N 164 
HEM FE   FE N N 165 
HEM HHB  H  N N 166 
HEM HHC  H  N N 167 
HEM HHD  H  N N 168 
HEM HMA  H  N N 169 
HEM HMAA H  N N 170 
HEM HMAB H  N N 171 
HEM HAA  H  N N 172 
HEM HAAA H  N N 173 
HEM HBA  H  N N 174 
HEM HBAA H  N N 175 
HEM HMB  H  N N 176 
HEM HMBA H  N N 177 
HEM HMBB H  N N 178 
HEM HAB  H  N N 179 
HEM HBB  H  N N 180 
HEM HBBA H  N N 181 
HEM HMC  H  N N 182 
HEM HMCA H  N N 183 
HEM HMCB H  N N 184 
HEM HAC  H  N N 185 
HEM HBC  H  N N 186 
HEM HBCA H  N N 187 
HEM HMD  H  N N 188 
HEM HMDA H  N N 189 
HEM HMDB H  N N 190 
HEM HAD  H  N N 191 
HEM HADA H  N N 192 
HEM HBD  H  N N 193 
HEM HBDA H  N N 194 
HEM H2A  H  N N 195 
HEM H2D  H  N N 196 
HEM HHA  H  N N 197 
HIS N    N  N N 198 
HIS CA   C  N S 199 
HIS C    C  N N 200 
HIS O    O  N N 201 
HIS CB   C  N N 202 
HIS CG   C  Y N 203 
HIS ND1  N  Y N 204 
HIS CD2  C  Y N 205 
HIS CE1  C  Y N 206 
HIS NE2  N  Y N 207 
HIS OXT  O  N N 208 
HIS H    H  N N 209 
HIS H2   H  N N 210 
HIS HA   H  N N 211 
HIS HB2  H  N N 212 
HIS HB3  H  N N 213 
HIS HD1  H  N N 214 
HIS HD2  H  N N 215 
HIS HE1  H  N N 216 
HIS HE2  H  N N 217 
HIS HXT  H  N N 218 
HOH O    O  N N 219 
HOH H1   H  N N 220 
HOH H2   H  N N 221 
ILE N    N  N N 222 
ILE CA   C  N S 223 
ILE C    C  N N 224 
ILE O    O  N N 225 
ILE CB   C  N S 226 
ILE CG1  C  N N 227 
ILE CG2  C  N N 228 
ILE CD1  C  N N 229 
ILE OXT  O  N N 230 
ILE H    H  N N 231 
ILE H2   H  N N 232 
ILE HA   H  N N 233 
ILE HB   H  N N 234 
ILE HG12 H  N N 235 
ILE HG13 H  N N 236 
ILE HG21 H  N N 237 
ILE HG22 H  N N 238 
ILE HG23 H  N N 239 
ILE HD11 H  N N 240 
ILE HD12 H  N N 241 
ILE HD13 H  N N 242 
ILE HXT  H  N N 243 
LEU N    N  N N 244 
LEU CA   C  N S 245 
LEU C    C  N N 246 
LEU O    O  N N 247 
LEU CB   C  N N 248 
LEU CG   C  N N 249 
LEU CD1  C  N N 250 
LEU CD2  C  N N 251 
LEU OXT  O  N N 252 
LEU H    H  N N 253 
LEU H2   H  N N 254 
LEU HA   H  N N 255 
LEU HB2  H  N N 256 
LEU HB3  H  N N 257 
LEU HG   H  N N 258 
LEU HD11 H  N N 259 
LEU HD12 H  N N 260 
LEU HD13 H  N N 261 
LEU HD21 H  N N 262 
LEU HD22 H  N N 263 
LEU HD23 H  N N 264 
LEU HXT  H  N N 265 
LYS N    N  N N 266 
LYS CA   C  N S 267 
LYS C    C  N N 268 
LYS O    O  N N 269 
LYS CB   C  N N 270 
LYS CG   C  N N 271 
LYS CD   C  N N 272 
LYS CE   C  N N 273 
LYS NZ   N  N N 274 
LYS OXT  O  N N 275 
LYS H    H  N N 276 
LYS H2   H  N N 277 
LYS HA   H  N N 278 
LYS HB2  H  N N 279 
LYS HB3  H  N N 280 
LYS HG2  H  N N 281 
LYS HG3  H  N N 282 
LYS HD2  H  N N 283 
LYS HD3  H  N N 284 
LYS HE2  H  N N 285 
LYS HE3  H  N N 286 
LYS HZ1  H  N N 287 
LYS HZ2  H  N N 288 
LYS HZ3  H  N N 289 
LYS HXT  H  N N 290 
MET N    N  N N 291 
MET CA   C  N S 292 
MET C    C  N N 293 
MET O    O  N N 294 
MET CB   C  N N 295 
MET CG   C  N N 296 
MET SD   S  N N 297 
MET CE   C  N N 298 
MET OXT  O  N N 299 
MET H    H  N N 300 
MET H2   H  N N 301 
MET HA   H  N N 302 
MET HB2  H  N N 303 
MET HB3  H  N N 304 
MET HG2  H  N N 305 
MET HG3  H  N N 306 
MET HE1  H  N N 307 
MET HE2  H  N N 308 
MET HE3  H  N N 309 
MET HXT  H  N N 310 
NSM O1   O  N N 311 
NSM N    N  N N 312 
NSM C1   C  N N 313 
NSM H11  H  N N 314 
NSM H12  H  N N 315 
NSM H13  H  N N 316 
PHE N    N  N N 317 
PHE CA   C  N S 318 
PHE C    C  N N 319 
PHE O    O  N N 320 
PHE CB   C  N N 321 
PHE CG   C  Y N 322 
PHE CD1  C  Y N 323 
PHE CD2  C  Y N 324 
PHE CE1  C  Y N 325 
PHE CE2  C  Y N 326 
PHE CZ   C  Y N 327 
PHE OXT  O  N N 328 
PHE H    H  N N 329 
PHE H2   H  N N 330 
PHE HA   H  N N 331 
PHE HB2  H  N N 332 
PHE HB3  H  N N 333 
PHE HD1  H  N N 334 
PHE HD2  H  N N 335 
PHE HE1  H  N N 336 
PHE HE2  H  N N 337 
PHE HZ   H  N N 338 
PHE HXT  H  N N 339 
PRO N    N  N N 340 
PRO CA   C  N S 341 
PRO C    C  N N 342 
PRO O    O  N N 343 
PRO CB   C  N N 344 
PRO CG   C  N N 345 
PRO CD   C  N N 346 
PRO OXT  O  N N 347 
PRO H    H  N N 348 
PRO HA   H  N N 349 
PRO HB2  H  N N 350 
PRO HB3  H  N N 351 
PRO HG2  H  N N 352 
PRO HG3  H  N N 353 
PRO HD2  H  N N 354 
PRO HD3  H  N N 355 
PRO HXT  H  N N 356 
SER N    N  N N 357 
SER CA   C  N S 358 
SER C    C  N N 359 
SER O    O  N N 360 
SER CB   C  N N 361 
SER OG   O  N N 362 
SER OXT  O  N N 363 
SER H    H  N N 364 
SER H2   H  N N 365 
SER HA   H  N N 366 
SER HB2  H  N N 367 
SER HB3  H  N N 368 
SER HG   H  N N 369 
SER HXT  H  N N 370 
SO4 S    S  N N 371 
SO4 O1   O  N N 372 
SO4 O2   O  N N 373 
SO4 O3   O  N N 374 
SO4 O4   O  N N 375 
THR N    N  N N 376 
THR CA   C  N S 377 
THR C    C  N N 378 
THR O    O  N N 379 
THR CB   C  N R 380 
THR OG1  O  N N 381 
THR CG2  C  N N 382 
THR OXT  O  N N 383 
THR H    H  N N 384 
THR H2   H  N N 385 
THR HA   H  N N 386 
THR HB   H  N N 387 
THR HG1  H  N N 388 
THR HG21 H  N N 389 
THR HG22 H  N N 390 
THR HG23 H  N N 391 
THR HXT  H  N N 392 
TRP N    N  N N 393 
TRP CA   C  N S 394 
TRP C    C  N N 395 
TRP O    O  N N 396 
TRP CB   C  N N 397 
TRP CG   C  Y N 398 
TRP CD1  C  Y N 399 
TRP CD2  C  Y N 400 
TRP NE1  N  Y N 401 
TRP CE2  C  Y N 402 
TRP CE3  C  Y N 403 
TRP CZ2  C  Y N 404 
TRP CZ3  C  Y N 405 
TRP CH2  C  Y N 406 
TRP OXT  O  N N 407 
TRP H    H  N N 408 
TRP H2   H  N N 409 
TRP HA   H  N N 410 
TRP HB2  H  N N 411 
TRP HB3  H  N N 412 
TRP HD1  H  N N 413 
TRP HE1  H  N N 414 
TRP HE3  H  N N 415 
TRP HZ2  H  N N 416 
TRP HZ3  H  N N 417 
TRP HH2  H  N N 418 
TRP HXT  H  N N 419 
TYR N    N  N N 420 
TYR CA   C  N S 421 
TYR C    C  N N 422 
TYR O    O  N N 423 
TYR CB   C  N N 424 
TYR CG   C  Y N 425 
TYR CD1  C  Y N 426 
TYR CD2  C  Y N 427 
TYR CE1  C  Y N 428 
TYR CE2  C  Y N 429 
TYR CZ   C  Y N 430 
TYR OH   O  N N 431 
TYR OXT  O  N N 432 
TYR H    H  N N 433 
TYR H2   H  N N 434 
TYR HA   H  N N 435 
TYR HB2  H  N N 436 
TYR HB3  H  N N 437 
TYR HD1  H  N N 438 
TYR HD2  H  N N 439 
TYR HE1  H  N N 440 
TYR HE2  H  N N 441 
TYR HH   H  N N 442 
TYR HXT  H  N N 443 
VAL N    N  N N 444 
VAL CA   C  N S 445 
VAL C    C  N N 446 
VAL O    O  N N 447 
VAL CB   C  N N 448 
VAL CG1  C  N N 449 
VAL CG2  C  N N 450 
VAL OXT  O  N N 451 
VAL H    H  N N 452 
VAL H2   H  N N 453 
VAL HA   H  N N 454 
VAL HB   H  N N 455 
VAL HG11 H  N N 456 
VAL HG12 H  N N 457 
VAL HG13 H  N N 458 
VAL HG21 H  N N 459 
VAL HG22 H  N N 460 
VAL HG23 H  N N 461 
VAL HXT  H  N N 462 
# 
loop_
_chem_comp_bond.comp_id 
_chem_comp_bond.atom_id_1 
_chem_comp_bond.atom_id_2 
_chem_comp_bond.value_order 
_chem_comp_bond.pdbx_aromatic_flag 
_chem_comp_bond.pdbx_stereo_config 
_chem_comp_bond.pdbx_ordinal 
ALA N   CA   sing N N 1   
ALA N   H    sing N N 2   
ALA N   H2   sing N N 3   
ALA CA  C    sing N N 4   
ALA CA  CB   sing N N 5   
ALA CA  HA   sing N N 6   
ALA C   O    doub N N 7   
ALA C   OXT  sing N N 8   
ALA CB  HB1  sing N N 9   
ALA CB  HB2  sing N N 10  
ALA CB  HB3  sing N N 11  
ALA OXT HXT  sing N N 12  
ARG N   CA   sing N N 13  
ARG N   H    sing N N 14  
ARG N   H2   sing N N 15  
ARG CA  C    sing N N 16  
ARG CA  CB   sing N N 17  
ARG CA  HA   sing N N 18  
ARG C   O    doub N N 19  
ARG C   OXT  sing N N 20  
ARG CB  CG   sing N N 21  
ARG CB  HB2  sing N N 22  
ARG CB  HB3  sing N N 23  
ARG CG  CD   sing N N 24  
ARG CG  HG2  sing N N 25  
ARG CG  HG3  sing N N 26  
ARG CD  NE   sing N N 27  
ARG CD  HD2  sing N N 28  
ARG CD  HD3  sing N N 29  
ARG NE  CZ   sing N N 30  
ARG NE  HE   sing N N 31  
ARG CZ  NH1  sing N N 32  
ARG CZ  NH2  doub N N 33  
ARG NH1 HH11 sing N N 34  
ARG NH1 HH12 sing N N 35  
ARG NH2 HH21 sing N N 36  
ARG NH2 HH22 sing N N 37  
ARG OXT HXT  sing N N 38  
ASN N   CA   sing N N 39  
ASN N   H    sing N N 40  
ASN N   H2   sing N N 41  
ASN CA  C    sing N N 42  
ASN CA  CB   sing N N 43  
ASN CA  HA   sing N N 44  
ASN C   O    doub N N 45  
ASN C   OXT  sing N N 46  
ASN CB  CG   sing N N 47  
ASN CB  HB2  sing N N 48  
ASN CB  HB3  sing N N 49  
ASN CG  OD1  doub N N 50  
ASN CG  ND2  sing N N 51  
ASN ND2 HD21 sing N N 52  
ASN ND2 HD22 sing N N 53  
ASN OXT HXT  sing N N 54  
ASP N   CA   sing N N 55  
ASP N   H    sing N N 56  
ASP N   H2   sing N N 57  
ASP CA  C    sing N N 58  
ASP CA  CB   sing N N 59  
ASP CA  HA   sing N N 60  
ASP C   O    doub N N 61  
ASP C   OXT  sing N N 62  
ASP CB  CG   sing N N 63  
ASP CB  HB2  sing N N 64  
ASP CB  HB3  sing N N 65  
ASP CG  OD1  doub N N 66  
ASP CG  OD2  sing N N 67  
ASP OD2 HD2  sing N N 68  
ASP OXT HXT  sing N N 69  
GLN N   CA   sing N N 70  
GLN N   H    sing N N 71  
GLN N   H2   sing N N 72  
GLN CA  C    sing N N 73  
GLN CA  CB   sing N N 74  
GLN CA  HA   sing N N 75  
GLN C   O    doub N N 76  
GLN C   OXT  sing N N 77  
GLN CB  CG   sing N N 78  
GLN CB  HB2  sing N N 79  
GLN CB  HB3  sing N N 80  
GLN CG  CD   sing N N 81  
GLN CG  HG2  sing N N 82  
GLN CG  HG3  sing N N 83  
GLN CD  OE1  doub N N 84  
GLN CD  NE2  sing N N 85  
GLN NE2 HE21 sing N N 86  
GLN NE2 HE22 sing N N 87  
GLN OXT HXT  sing N N 88  
GLU N   CA   sing N N 89  
GLU N   H    sing N N 90  
GLU N   H2   sing N N 91  
GLU CA  C    sing N N 92  
GLU CA  CB   sing N N 93  
GLU CA  HA   sing N N 94  
GLU C   O    doub N N 95  
GLU C   OXT  sing N N 96  
GLU CB  CG   sing N N 97  
GLU CB  HB2  sing N N 98  
GLU CB  HB3  sing N N 99  
GLU CG  CD   sing N N 100 
GLU CG  HG2  sing N N 101 
GLU CG  HG3  sing N N 102 
GLU CD  OE1  doub N N 103 
GLU CD  OE2  sing N N 104 
GLU OE2 HE2  sing N N 105 
GLU OXT HXT  sing N N 106 
GLY N   CA   sing N N 107 
GLY N   H    sing N N 108 
GLY N   H2   sing N N 109 
GLY CA  C    sing N N 110 
GLY CA  HA2  sing N N 111 
GLY CA  HA3  sing N N 112 
GLY C   O    doub N N 113 
GLY C   OXT  sing N N 114 
GLY OXT HXT  sing N N 115 
HEM CHA C1A  sing N N 116 
HEM CHA C4D  doub N N 117 
HEM CHA HHA  sing N N 118 
HEM CHB C4A  sing N N 119 
HEM CHB C1B  doub N N 120 
HEM CHB HHB  sing N N 121 
HEM CHC C4B  sing N N 122 
HEM CHC C1C  doub N N 123 
HEM CHC HHC  sing N N 124 
HEM CHD C4C  doub N N 125 
HEM CHD C1D  sing N N 126 
HEM CHD HHD  sing N N 127 
HEM C1A C2A  doub Y N 128 
HEM C1A NA   sing Y N 129 
HEM C2A C3A  sing Y N 130 
HEM C2A CAA  sing N N 131 
HEM C3A C4A  doub Y N 132 
HEM C3A CMA  sing N N 133 
HEM C4A NA   sing Y N 134 
HEM CMA HMA  sing N N 135 
HEM CMA HMAA sing N N 136 
HEM CMA HMAB sing N N 137 
HEM CAA CBA  sing N N 138 
HEM CAA HAA  sing N N 139 
HEM CAA HAAA sing N N 140 
HEM CBA CGA  sing N N 141 
HEM CBA HBA  sing N N 142 
HEM CBA HBAA sing N N 143 
HEM CGA O1A  doub N N 144 
HEM CGA O2A  sing N N 145 
HEM C1B C2B  sing N N 146 
HEM C1B NB   sing N N 147 
HEM C2B C3B  doub N N 148 
HEM C2B CMB  sing N N 149 
HEM C3B C4B  sing N N 150 
HEM C3B CAB  sing N N 151 
HEM C4B NB   doub N N 152 
HEM CMB HMB  sing N N 153 
HEM CMB HMBA sing N N 154 
HEM CMB HMBB sing N N 155 
HEM CAB CBB  doub N N 156 
HEM CAB HAB  sing N N 157 
HEM CBB HBB  sing N N 158 
HEM CBB HBBA sing N N 159 
HEM C1C C2C  sing Y N 160 
HEM C1C NC   sing Y N 161 
HEM C2C C3C  doub Y N 162 
HEM C2C CMC  sing N N 163 
HEM C3C C4C  sing Y N 164 
HEM C3C CAC  sing N N 165 
HEM C4C NC   sing Y N 166 
HEM CMC HMC  sing N N 167 
HEM CMC HMCA sing N N 168 
HEM CMC HMCB sing N N 169 
HEM CAC CBC  doub N N 170 
HEM CAC HAC  sing N N 171 
HEM CBC HBC  sing N N 172 
HEM CBC HBCA sing N N 173 
HEM C1D C2D  sing N N 174 
HEM C1D ND   doub N N 175 
HEM C2D C3D  doub N N 176 
HEM C2D CMD  sing N N 177 
HEM C3D C4D  sing N N 178 
HEM C3D CAD  sing N N 179 
HEM C4D ND   sing N N 180 
HEM CMD HMD  sing N N 181 
HEM CMD HMDA sing N N 182 
HEM CMD HMDB sing N N 183 
HEM CAD CBD  sing N N 184 
HEM CAD HAD  sing N N 185 
HEM CAD HADA sing N N 186 
HEM CBD CGD  sing N N 187 
HEM CBD HBD  sing N N 188 
HEM CBD HBDA sing N N 189 
HEM CGD O1D  doub N N 190 
HEM CGD O2D  sing N N 191 
HEM O2A H2A  sing N N 192 
HEM O2D H2D  sing N N 193 
HEM FE  NA   sing N N 194 
HEM FE  NB   sing N N 195 
HEM FE  NC   sing N N 196 
HEM FE  ND   sing N N 197 
HIS N   CA   sing N N 198 
HIS N   H    sing N N 199 
HIS N   H2   sing N N 200 
HIS CA  C    sing N N 201 
HIS CA  CB   sing N N 202 
HIS CA  HA   sing N N 203 
HIS C   O    doub N N 204 
HIS C   OXT  sing N N 205 
HIS CB  CG   sing N N 206 
HIS CB  HB2  sing N N 207 
HIS CB  HB3  sing N N 208 
HIS CG  ND1  sing Y N 209 
HIS CG  CD2  doub Y N 210 
HIS ND1 CE1  doub Y N 211 
HIS ND1 HD1  sing N N 212 
HIS CD2 NE2  sing Y N 213 
HIS CD2 HD2  sing N N 214 
HIS CE1 NE2  sing Y N 215 
HIS CE1 HE1  sing N N 216 
HIS NE2 HE2  sing N N 217 
HIS OXT HXT  sing N N 218 
HOH O   H1   sing N N 219 
HOH O   H2   sing N N 220 
ILE N   CA   sing N N 221 
ILE N   H    sing N N 222 
ILE N   H2   sing N N 223 
ILE CA  C    sing N N 224 
ILE CA  CB   sing N N 225 
ILE CA  HA   sing N N 226 
ILE C   O    doub N N 227 
ILE C   OXT  sing N N 228 
ILE CB  CG1  sing N N 229 
ILE CB  CG2  sing N N 230 
ILE CB  HB   sing N N 231 
ILE CG1 CD1  sing N N 232 
ILE CG1 HG12 sing N N 233 
ILE CG1 HG13 sing N N 234 
ILE CG2 HG21 sing N N 235 
ILE CG2 HG22 sing N N 236 
ILE CG2 HG23 sing N N 237 
ILE CD1 HD11 sing N N 238 
ILE CD1 HD12 sing N N 239 
ILE CD1 HD13 sing N N 240 
ILE OXT HXT  sing N N 241 
LEU N   CA   sing N N 242 
LEU N   H    sing N N 243 
LEU N   H2   sing N N 244 
LEU CA  C    sing N N 245 
LEU CA  CB   sing N N 246 
LEU CA  HA   sing N N 247 
LEU C   O    doub N N 248 
LEU C   OXT  sing N N 249 
LEU CB  CG   sing N N 250 
LEU CB  HB2  sing N N 251 
LEU CB  HB3  sing N N 252 
LEU CG  CD1  sing N N 253 
LEU CG  CD2  sing N N 254 
LEU CG  HG   sing N N 255 
LEU CD1 HD11 sing N N 256 
LEU CD1 HD12 sing N N 257 
LEU CD1 HD13 sing N N 258 
LEU CD2 HD21 sing N N 259 
LEU CD2 HD22 sing N N 260 
LEU CD2 HD23 sing N N 261 
LEU OXT HXT  sing N N 262 
LYS N   CA   sing N N 263 
LYS N   H    sing N N 264 
LYS N   H2   sing N N 265 
LYS CA  C    sing N N 266 
LYS CA  CB   sing N N 267 
LYS CA  HA   sing N N 268 
LYS C   O    doub N N 269 
LYS C   OXT  sing N N 270 
LYS CB  CG   sing N N 271 
LYS CB  HB2  sing N N 272 
LYS CB  HB3  sing N N 273 
LYS CG  CD   sing N N 274 
LYS CG  HG2  sing N N 275 
LYS CG  HG3  sing N N 276 
LYS CD  CE   sing N N 277 
LYS CD  HD2  sing N N 278 
LYS CD  HD3  sing N N 279 
LYS CE  NZ   sing N N 280 
LYS CE  HE2  sing N N 281 
LYS CE  HE3  sing N N 282 
LYS NZ  HZ1  sing N N 283 
LYS NZ  HZ2  sing N N 284 
LYS NZ  HZ3  sing N N 285 
LYS OXT HXT  sing N N 286 
MET N   CA   sing N N 287 
MET N   H    sing N N 288 
MET N   H2   sing N N 289 
MET CA  C    sing N N 290 
MET CA  CB   sing N N 291 
MET CA  HA   sing N N 292 
MET C   O    doub N N 293 
MET C   OXT  sing N N 294 
MET CB  CG   sing N N 295 
MET CB  HB2  sing N N 296 
MET CB  HB3  sing N N 297 
MET CG  SD   sing N N 298 
MET CG  HG2  sing N N 299 
MET CG  HG3  sing N N 300 
MET SD  CE   sing N N 301 
MET CE  HE1  sing N N 302 
MET CE  HE2  sing N N 303 
MET CE  HE3  sing N N 304 
MET OXT HXT  sing N N 305 
NSM O1  N    doub N N 306 
NSM N   C1   sing N N 307 
NSM C1  H11  sing N N 308 
NSM C1  H12  sing N N 309 
NSM C1  H13  sing N N 310 
PHE N   CA   sing N N 311 
PHE N   H    sing N N 312 
PHE N   H2   sing N N 313 
PHE CA  C    sing N N 314 
PHE CA  CB   sing N N 315 
PHE CA  HA   sing N N 316 
PHE C   O    doub N N 317 
PHE C   OXT  sing N N 318 
PHE CB  CG   sing N N 319 
PHE CB  HB2  sing N N 320 
PHE CB  HB3  sing N N 321 
PHE CG  CD1  doub Y N 322 
PHE CG  CD2  sing Y N 323 
PHE CD1 CE1  sing Y N 324 
PHE CD1 HD1  sing N N 325 
PHE CD2 CE2  doub Y N 326 
PHE CD2 HD2  sing N N 327 
PHE CE1 CZ   doub Y N 328 
PHE CE1 HE1  sing N N 329 
PHE CE2 CZ   sing Y N 330 
PHE CE2 HE2  sing N N 331 
PHE CZ  HZ   sing N N 332 
PHE OXT HXT  sing N N 333 
PRO N   CA   sing N N 334 
PRO N   CD   sing N N 335 
PRO N   H    sing N N 336 
PRO CA  C    sing N N 337 
PRO CA  CB   sing N N 338 
PRO CA  HA   sing N N 339 
PRO C   O    doub N N 340 
PRO C   OXT  sing N N 341 
PRO CB  CG   sing N N 342 
PRO CB  HB2  sing N N 343 
PRO CB  HB3  sing N N 344 
PRO CG  CD   sing N N 345 
PRO CG  HG2  sing N N 346 
PRO CG  HG3  sing N N 347 
PRO CD  HD2  sing N N 348 
PRO CD  HD3  sing N N 349 
PRO OXT HXT  sing N N 350 
SER N   CA   sing N N 351 
SER N   H    sing N N 352 
SER N   H2   sing N N 353 
SER CA  C    sing N N 354 
SER CA  CB   sing N N 355 
SER CA  HA   sing N N 356 
SER C   O    doub N N 357 
SER C   OXT  sing N N 358 
SER CB  OG   sing N N 359 
SER CB  HB2  sing N N 360 
SER CB  HB3  sing N N 361 
SER OG  HG   sing N N 362 
SER OXT HXT  sing N N 363 
SO4 S   O1   doub N N 364 
SO4 S   O2   doub N N 365 
SO4 S   O3   sing N N 366 
SO4 S   O4   sing N N 367 
THR N   CA   sing N N 368 
THR N   H    sing N N 369 
THR N   H2   sing N N 370 
THR CA  C    sing N N 371 
THR CA  CB   sing N N 372 
THR CA  HA   sing N N 373 
THR C   O    doub N N 374 
THR C   OXT  sing N N 375 
THR CB  OG1  sing N N 376 
THR CB  CG2  sing N N 377 
THR CB  HB   sing N N 378 
THR OG1 HG1  sing N N 379 
THR CG2 HG21 sing N N 380 
THR CG2 HG22 sing N N 381 
THR CG2 HG23 sing N N 382 
THR OXT HXT  sing N N 383 
TRP N   CA   sing N N 384 
TRP N   H    sing N N 385 
TRP N   H2   sing N N 386 
TRP CA  C    sing N N 387 
TRP CA  CB   sing N N 388 
TRP CA  HA   sing N N 389 
TRP C   O    doub N N 390 
TRP C   OXT  sing N N 391 
TRP CB  CG   sing N N 392 
TRP CB  HB2  sing N N 393 
TRP CB  HB3  sing N N 394 
TRP CG  CD1  doub Y N 395 
TRP CG  CD2  sing Y N 396 
TRP CD1 NE1  sing Y N 397 
TRP CD1 HD1  sing N N 398 
TRP CD2 CE2  doub Y N 399 
TRP CD2 CE3  sing Y N 400 
TRP NE1 CE2  sing Y N 401 
TRP NE1 HE1  sing N N 402 
TRP CE2 CZ2  sing Y N 403 
TRP CE3 CZ3  doub Y N 404 
TRP CE3 HE3  sing N N 405 
TRP CZ2 CH2  doub Y N 406 
TRP CZ2 HZ2  sing N N 407 
TRP CZ3 CH2  sing Y N 408 
TRP CZ3 HZ3  sing N N 409 
TRP CH2 HH2  sing N N 410 
TRP OXT HXT  sing N N 411 
TYR N   CA   sing N N 412 
TYR N   H    sing N N 413 
TYR N   H2   sing N N 414 
TYR CA  C    sing N N 415 
TYR CA  CB   sing N N 416 
TYR CA  HA   sing N N 417 
TYR C   O    doub N N 418 
TYR C   OXT  sing N N 419 
TYR CB  CG   sing N N 420 
TYR CB  HB2  sing N N 421 
TYR CB  HB3  sing N N 422 
TYR CG  CD1  doub Y N 423 
TYR CG  CD2  sing Y N 424 
TYR CD1 CE1  sing Y N 425 
TYR CD1 HD1  sing N N 426 
TYR CD2 CE2  doub Y N 427 
TYR CD2 HD2  sing N N 428 
TYR CE1 CZ   doub Y N 429 
TYR CE1 HE1  sing N N 430 
TYR CE2 CZ   sing Y N 431 
TYR CE2 HE2  sing N N 432 
TYR CZ  OH   sing N N 433 
TYR OH  HH   sing N N 434 
TYR OXT HXT  sing N N 435 
VAL N   CA   sing N N 436 
VAL N   H    sing N N 437 
VAL N   H2   sing N N 438 
VAL CA  C    sing N N 439 
VAL CA  CB   sing N N 440 
VAL CA  HA   sing N N 441 
VAL C   O    doub N N 442 
VAL C   OXT  sing N N 443 
VAL CB  CG1  sing N N 444 
VAL CB  CG2  sing N N 445 
VAL CB  HB   sing N N 446 
VAL CG1 HG11 sing N N 447 
VAL CG1 HG12 sing N N 448 
VAL CG1 HG13 sing N N 449 
VAL CG2 HG21 sing N N 450 
VAL CG2 HG22 sing N N 451 
VAL CG2 HG23 sing N N 452 
VAL OXT HXT  sing N N 453 
# 
loop_
_pdbx_audit_support.funding_organization 
_pdbx_audit_support.country 
_pdbx_audit_support.grant_number 
_pdbx_audit_support.ordinal 
'National Science Foundation (NSF, United States)'                                         'United States' CHE-1566509 1 
'National Science Foundation (NSF, United States)'                                         'United States' CHE-1213674 2 
'National Institutes of Health/National Institute of General Medical Sciences (NIH/NIGMS)' 'United States' P20GM103640 3 
# 
loop_
_pdbx_entity_instance_feature.ordinal 
_pdbx_entity_instance_feature.comp_id 
_pdbx_entity_instance_feature.asym_id 
_pdbx_entity_instance_feature.seq_num 
_pdbx_entity_instance_feature.auth_comp_id 
_pdbx_entity_instance_feature.auth_asym_id 
_pdbx_entity_instance_feature.auth_seq_num 
_pdbx_entity_instance_feature.feature_type 
_pdbx_entity_instance_feature.details 
1 HEM ? ? HEM ? ? 'SUBJECT OF INVESTIGATION' ? 
2 NSM ? ? NSM ? ? 'SUBJECT OF INVESTIGATION' ? 
# 
loop_
_pdbx_entity_nonpoly.entity_id 
_pdbx_entity_nonpoly.name 
_pdbx_entity_nonpoly.comp_id 
2 'PROTOPORPHYRIN IX CONTAINING FE' HEM 
3 NITROSOMETHANE                    NSM 
4 'SULFATE ION'                     SO4 
5 water                             HOH 
# 
_pdbx_initial_refinement_model.id               1 
_pdbx_initial_refinement_model.entity_id_list   ? 
_pdbx_initial_refinement_model.type             'experimental model' 
_pdbx_initial_refinement_model.source_name      PDB 
_pdbx_initial_refinement_model.accession_code   5ILE 
_pdbx_initial_refinement_model.details          ? 
# 
_pdbx_struct_assembly_auth_evidence.id                     1 
_pdbx_struct_assembly_auth_evidence.assembly_id            1 
_pdbx_struct_assembly_auth_evidence.experimental_support   microscopy 
_pdbx_struct_assembly_auth_evidence.details                'UV-Vis spectroscopy supported ligand bound swMb-MeNO' 
# 
